data_3WCD
#
_entry.id   3WCD
#
_cell.length_a   85.728
_cell.length_b   153.744
_cell.length_c   91.431
_cell.angle_alpha   90.00
_cell.angle_beta   90.99
_cell.angle_gamma   90.00
#
_symmetry.space_group_name_H-M   'P 1 21 1'
#
loop_
_entity.id
_entity.type
_entity.pdbx_description
1 polymer 'Squalene synthase'
2 non-polymer '2-(4-phenoxyphenoxy)ethyl thiocyanate'
3 water water
#
_entity_poly.entity_id   1
_entity_poly.type   'polypeptide(L)'
_entity_poly.pdbx_seq_one_letter_code
;MGSSHHHHHHSSGLVPRGSHMDQDSLSSSLKTCYKYLNQTSRSFAAVIQALDGEMRNAVCIFYLVLRALDTLEDDMTISV
EKKVPLLHNFHSFLYQPDWRFMESKEKDRQVLEDFPTISLEFRNLAEKYQTVIADICRRMGIGMAEFLDKHVTSEQEWDK
YCHYVAGLVGIGLSRLFSASEFEDPLVGEDTERANSMGLFLQKTNIIRDYLEDQQGGREFWPQEVWSRYVKKLGDFALPE
NIDLAVQCLNELITNALHHIPDVITYLSRLRNQSVFNFCAIPQVMAIATLAACYNNQQVFKGAVLIRLGQAVTLMMDATN
MPAVKAIIYQYMEEIYHRIPDSNPSSSKTRQIISTIRTQN
;
_entity_poly.pdbx_strand_id   A,B,C,D,E,F
#
loop_
_chem_comp.id
_chem_comp.type
_chem_comp.name
_chem_comp.formula
RWY non-polymer '2-(4-phenoxyphenoxy)ethyl thiocyanate' 'C15 H13 N O2 S'
#
# COMPACT_ATOMS: atom_id res chain seq x y z
N LEU A 26 21.79 -25.75 5.31
CA LEU A 26 22.14 -27.15 5.68
C LEU A 26 23.09 -27.78 4.67
N SER A 27 22.81 -27.61 3.37
CA SER A 27 23.67 -28.18 2.32
C SER A 27 25.12 -27.77 2.54
N SER A 28 26.03 -28.67 2.22
CA SER A 28 27.45 -28.40 2.35
C SER A 28 27.88 -27.53 1.17
N SER A 29 27.29 -27.82 0.01
CA SER A 29 27.57 -27.09 -1.21
C SER A 29 27.01 -25.68 -1.08
N LEU A 30 25.77 -25.57 -0.60
CA LEU A 30 25.16 -24.24 -0.44
C LEU A 30 25.99 -23.44 0.56
N LYS A 31 26.46 -24.11 1.60
CA LYS A 31 27.27 -23.44 2.59
C LYS A 31 28.48 -22.91 1.84
N THR A 32 29.04 -23.75 0.96
CA THR A 32 30.21 -23.37 0.19
C THR A 32 29.99 -22.22 -0.78
N CYS A 33 28.79 -22.13 -1.36
CA CYS A 33 28.46 -21.06 -2.28
C CYS A 33 28.44 -19.71 -1.61
N TYR A 34 28.06 -19.70 -0.33
CA TYR A 34 28.01 -18.46 0.43
C TYR A 34 29.40 -18.12 0.99
N LYS A 35 30.32 -19.08 0.94
CA LYS A 35 31.67 -18.81 1.41
C LYS A 35 32.37 -18.11 0.26
N TYR A 36 32.03 -18.50 -0.96
CA TYR A 36 32.62 -17.88 -2.14
C TYR A 36 31.97 -16.52 -2.35
N LEU A 37 30.67 -16.43 -2.10
CA LEU A 37 29.97 -15.17 -2.27
C LEU A 37 30.70 -14.10 -1.46
N ASN A 38 31.09 -14.45 -0.24
CA ASN A 38 31.80 -13.51 0.61
C ASN A 38 33.28 -13.36 0.28
N GLN A 39 33.82 -14.26 -0.55
CA GLN A 39 35.22 -14.16 -0.96
C GLN A 39 35.27 -13.22 -2.17
N THR A 40 34.61 -13.67 -3.23
CA THR A 40 34.51 -12.97 -4.50
C THR A 40 33.87 -11.61 -4.40
N SER A 41 32.73 -11.53 -3.71
CA SER A 41 32.05 -10.26 -3.54
C SER A 41 32.86 -9.39 -2.58
N ARG A 42 32.18 -8.44 -1.93
CA ARG A 42 32.84 -7.53 -0.99
C ARG A 42 31.78 -6.72 -0.30
N SER A 43 31.17 -5.83 -1.08
CA SER A 43 30.14 -4.94 -0.59
C SER A 43 28.72 -5.38 -0.97
N PHE A 44 28.60 -6.54 -1.62
CA PHE A 44 27.28 -7.02 -2.01
C PHE A 44 26.77 -8.23 -1.20
N ALA A 45 27.70 -9.05 -0.72
CA ALA A 45 27.34 -10.25 0.03
C ALA A 45 26.29 -10.04 1.11
N ALA A 46 26.44 -8.97 1.89
CA ALA A 46 25.51 -8.71 2.99
C ALA A 46 24.10 -8.34 2.54
N VAL A 47 23.96 -7.50 1.52
CA VAL A 47 22.63 -7.11 1.06
C VAL A 47 21.96 -8.24 0.30
N ILE A 48 22.76 -9.13 -0.27
CA ILE A 48 22.21 -10.25 -1.02
C ILE A 48 21.63 -11.25 -0.03
N GLN A 49 22.39 -11.55 1.01
CA GLN A 49 21.96 -12.48 2.03
C GLN A 49 20.70 -11.97 2.74
N ALA A 50 20.46 -10.67 2.64
CA ALA A 50 19.32 -10.04 3.28
C ALA A 50 18.05 -10.20 2.42
N LEU A 51 18.23 -10.63 1.19
CA LEU A 51 17.08 -10.79 0.32
C LEU A 51 16.00 -11.75 0.86
N ASP A 52 14.73 -11.41 0.66
CA ASP A 52 13.66 -12.27 1.14
C ASP A 52 13.56 -13.59 0.38
N GLY A 53 13.08 -14.63 1.07
CA GLY A 53 12.89 -15.93 0.47
C GLY A 53 13.89 -16.51 -0.51
N GLU A 54 13.36 -16.95 -1.67
CA GLU A 54 14.14 -17.57 -2.73
C GLU A 54 15.14 -16.68 -3.45
N MET A 55 14.92 -15.37 -3.46
CA MET A 55 15.85 -14.47 -4.14
C MET A 55 17.24 -14.64 -3.55
N ARG A 56 17.29 -14.79 -2.24
CA ARG A 56 18.55 -14.96 -1.55
C ARG A 56 19.45 -15.94 -2.30
N ASN A 57 19.02 -17.18 -2.46
CA ASN A 57 19.85 -18.17 -3.15
C ASN A 57 19.97 -17.87 -4.65
N ALA A 58 18.85 -17.49 -5.26
CA ALA A 58 18.83 -17.18 -6.69
C ALA A 58 19.92 -16.15 -7.03
N VAL A 59 19.94 -15.04 -6.31
CA VAL A 59 20.92 -14.00 -6.55
C VAL A 59 22.34 -14.40 -6.17
N CYS A 60 22.48 -15.22 -5.13
CA CYS A 60 23.81 -15.63 -4.72
C CYS A 60 24.48 -16.46 -5.80
N ILE A 61 23.76 -17.46 -6.29
CA ILE A 61 24.31 -18.32 -7.33
C ILE A 61 24.52 -17.50 -8.60
N PHE A 62 23.61 -16.55 -8.83
CA PHE A 62 23.71 -15.71 -10.01
C PHE A 62 24.97 -14.89 -10.00
N TYR A 63 25.33 -14.33 -8.86
CA TYR A 63 26.56 -13.54 -8.79
C TYR A 63 27.79 -14.43 -8.91
N LEU A 64 27.66 -15.66 -8.42
CA LEU A 64 28.78 -16.59 -8.48
C LEU A 64 29.13 -16.95 -9.92
N VAL A 65 28.11 -17.28 -10.73
CA VAL A 65 28.40 -17.64 -12.13
C VAL A 65 28.89 -16.41 -12.88
N LEU A 66 28.32 -15.26 -12.56
CA LEU A 66 28.74 -14.02 -13.22
C LEU A 66 30.19 -13.76 -12.86
N ARG A 67 30.54 -14.02 -11.61
CA ARG A 67 31.90 -13.82 -11.13
C ARG A 67 32.86 -14.75 -11.89
N ALA A 68 32.41 -15.97 -12.17
CA ALA A 68 33.21 -16.96 -12.88
C ALA A 68 33.42 -16.55 -14.34
N LEU A 69 32.33 -16.19 -15.00
CA LEU A 69 32.38 -15.77 -16.39
C LEU A 69 33.19 -14.49 -16.48
N ASP A 70 33.11 -13.68 -15.43
CA ASP A 70 33.83 -12.42 -15.37
C ASP A 70 35.34 -12.71 -15.30
N THR A 71 35.69 -13.73 -14.54
CA THR A 71 37.08 -14.13 -14.36
C THR A 71 37.66 -14.68 -15.65
N LEU A 72 36.86 -15.42 -16.40
CA LEU A 72 37.33 -15.99 -17.66
C LEU A 72 37.69 -14.88 -18.64
N GLU A 73 36.90 -13.82 -18.66
CA GLU A 73 37.17 -12.70 -19.55
C GLU A 73 38.46 -11.96 -19.17
N ASP A 74 38.61 -11.65 -17.89
CA ASP A 74 39.77 -10.93 -17.39
C ASP A 74 41.09 -11.68 -17.57
N ASP A 75 41.07 -13.00 -17.50
CA ASP A 75 42.29 -13.78 -17.60
C ASP A 75 43.02 -13.63 -18.93
N MET A 76 44.10 -12.87 -18.91
CA MET A 76 44.92 -12.62 -20.10
C MET A 76 45.87 -13.78 -20.44
N THR A 77 45.90 -14.82 -19.61
CA THR A 77 46.77 -15.94 -19.91
C THR A 77 45.99 -16.97 -20.72
N ILE A 78 44.77 -16.60 -21.08
CA ILE A 78 43.92 -17.45 -21.89
C ILE A 78 43.87 -16.85 -23.29
N SER A 79 44.49 -17.52 -24.26
CA SER A 79 44.52 -17.04 -25.64
C SER A 79 43.12 -16.69 -26.07
N VAL A 80 42.98 -15.71 -26.95
CA VAL A 80 41.65 -15.34 -27.42
C VAL A 80 40.94 -16.53 -28.09
N GLU A 81 41.65 -17.29 -28.92
CA GLU A 81 41.03 -18.42 -29.61
C GLU A 81 40.54 -19.52 -28.67
N LYS A 82 41.05 -19.51 -27.45
CA LYS A 82 40.64 -20.49 -26.46
C LYS A 82 39.53 -19.86 -25.60
N LYS A 83 39.58 -18.53 -25.47
CA LYS A 83 38.62 -17.79 -24.67
C LYS A 83 37.26 -17.60 -25.32
N VAL A 84 37.23 -17.39 -26.63
CA VAL A 84 35.95 -17.22 -27.34
C VAL A 84 35.00 -18.41 -27.11
N PRO A 85 35.51 -19.64 -27.28
CA PRO A 85 34.63 -20.80 -27.06
C PRO A 85 34.15 -20.85 -25.61
N LEU A 86 35.02 -20.50 -24.68
CA LEU A 86 34.64 -20.50 -23.27
C LEU A 86 33.47 -19.53 -23.03
N LEU A 87 33.62 -18.29 -23.47
CA LEU A 87 32.58 -17.32 -23.28
C LEU A 87 31.25 -17.72 -23.94
N HIS A 88 31.31 -18.16 -25.19
CA HIS A 88 30.09 -18.54 -25.92
C HIS A 88 29.31 -19.68 -25.27
N ASN A 89 30.02 -20.72 -24.84
CA ASN A 89 29.38 -21.89 -24.26
C ASN A 89 29.27 -21.91 -22.75
N PHE A 90 29.81 -20.89 -22.07
CA PHE A 90 29.75 -20.87 -20.62
C PHE A 90 28.36 -21.33 -20.13
N HIS A 91 27.32 -20.66 -20.61
CA HIS A 91 25.94 -20.99 -20.22
C HIS A 91 25.61 -22.47 -20.30
N SER A 92 26.21 -23.18 -21.25
CA SER A 92 25.95 -24.61 -21.40
C SER A 92 26.65 -25.42 -20.33
N PHE A 93 27.68 -24.86 -19.71
CA PHE A 93 28.39 -25.56 -18.67
C PHE A 93 27.57 -25.61 -17.39
N LEU A 94 26.58 -24.73 -17.28
CA LEU A 94 25.74 -24.72 -16.09
C LEU A 94 25.07 -26.08 -15.96
N TYR A 95 24.94 -26.75 -17.10
CA TYR A 95 24.30 -28.05 -17.11
C TYR A 95 25.25 -29.24 -17.20
N GLN A 96 26.54 -28.96 -17.16
CA GLN A 96 27.57 -30.01 -17.20
C GLN A 96 28.17 -30.15 -15.80
N PRO A 97 27.59 -31.02 -14.97
CA PRO A 97 28.01 -31.31 -13.60
C PRO A 97 29.51 -31.32 -13.30
N ASP A 98 30.30 -31.90 -14.19
CA ASP A 98 31.73 -32.00 -13.96
C ASP A 98 32.58 -30.97 -14.68
N TRP A 99 31.96 -29.92 -15.22
CA TRP A 99 32.72 -28.91 -15.93
C TRP A 99 33.44 -28.01 -14.93
N ARG A 100 34.61 -27.51 -15.34
CA ARG A 100 35.40 -26.63 -14.50
C ARG A 100 36.67 -26.23 -15.22
N PHE A 101 37.30 -25.18 -14.75
CA PHE A 101 38.52 -24.68 -15.37
C PHE A 101 39.63 -24.60 -14.32
N MET A 102 40.73 -25.29 -14.56
CA MET A 102 41.86 -25.32 -13.64
C MET A 102 43.03 -24.42 -14.03
N GLU A 103 43.02 -23.95 -15.28
CA GLU A 103 44.10 -23.12 -15.80
C GLU A 103 44.02 -21.62 -15.51
N SER A 104 43.08 -21.20 -14.67
CA SER A 104 42.97 -19.79 -14.39
C SER A 104 44.11 -19.30 -13.54
N LYS A 105 44.49 -18.05 -13.75
CA LYS A 105 45.58 -17.41 -13.01
C LYS A 105 45.07 -16.30 -12.12
N GLU A 106 43.83 -15.89 -12.34
CA GLU A 106 43.21 -14.81 -11.56
C GLU A 106 43.15 -15.09 -10.06
N LYS A 107 42.53 -14.17 -9.33
CA LYS A 107 42.41 -14.30 -7.88
C LYS A 107 41.10 -14.95 -7.47
N ASP A 108 40.05 -14.71 -8.25
CA ASP A 108 38.74 -15.29 -7.94
C ASP A 108 38.56 -16.61 -8.69
N ARG A 109 39.66 -17.15 -9.17
CA ARG A 109 39.63 -18.40 -9.93
C ARG A 109 39.00 -19.56 -9.20
N GLN A 110 38.85 -19.49 -7.89
CA GLN A 110 38.28 -20.61 -7.16
C GLN A 110 36.84 -20.96 -7.54
N VAL A 111 36.06 -19.99 -8.03
CA VAL A 111 34.69 -20.31 -8.43
C VAL A 111 34.73 -21.14 -9.70
N LEU A 112 35.82 -20.98 -10.46
CA LEU A 112 36.01 -21.72 -11.70
C LEU A 112 36.50 -23.15 -11.42
N GLU A 113 37.46 -23.28 -10.51
CA GLU A 113 38.03 -24.57 -10.19
C GLU A 113 37.06 -25.50 -9.48
N ASP A 114 36.10 -24.90 -8.75
CA ASP A 114 35.09 -25.68 -8.02
C ASP A 114 33.73 -25.34 -8.58
N PHE A 115 33.68 -25.04 -9.88
CA PHE A 115 32.42 -24.68 -10.50
C PHE A 115 31.35 -25.78 -10.33
N PRO A 116 31.75 -27.06 -10.40
CA PRO A 116 30.72 -28.10 -10.26
C PRO A 116 29.89 -27.91 -8.99
N THR A 117 30.48 -27.30 -7.98
CA THR A 117 29.78 -27.08 -6.72
C THR A 117 28.72 -26.01 -6.95
N ILE A 118 29.07 -25.02 -7.74
CA ILE A 118 28.15 -23.94 -8.03
C ILE A 118 27.07 -24.40 -9.02
N SER A 119 27.46 -25.23 -9.97
CA SER A 119 26.52 -25.74 -10.96
C SER A 119 25.44 -26.51 -10.23
N LEU A 120 25.88 -27.33 -9.29
CA LEU A 120 24.99 -28.17 -8.52
C LEU A 120 23.82 -27.40 -7.93
N GLU A 121 24.13 -26.26 -7.31
CA GLU A 121 23.10 -25.43 -6.69
C GLU A 121 22.32 -24.64 -7.73
N PHE A 122 22.97 -24.32 -8.86
CA PHE A 122 22.28 -23.61 -9.93
C PHE A 122 21.11 -24.50 -10.36
N ARG A 123 21.37 -25.81 -10.44
CA ARG A 123 20.35 -26.77 -10.84
C ARG A 123 19.37 -27.13 -9.72
N ASN A 124 19.49 -26.47 -8.56
CA ASN A 124 18.55 -26.72 -7.48
C ASN A 124 17.58 -25.57 -7.46
N LEU A 125 18.00 -24.45 -8.04
CA LEU A 125 17.13 -23.27 -8.11
C LEU A 125 15.87 -23.69 -8.87
N ALA A 126 14.75 -23.02 -8.59
CA ALA A 126 13.54 -23.34 -9.34
C ALA A 126 13.96 -23.02 -10.76
N GLU A 127 13.39 -23.70 -11.75
CA GLU A 127 13.81 -23.43 -13.11
C GLU A 127 13.48 -22.04 -13.65
N LYS A 128 12.47 -21.37 -13.09
CA LYS A 128 12.15 -20.01 -13.55
C LYS A 128 13.36 -19.10 -13.31
N TYR A 129 14.20 -19.44 -12.33
CA TYR A 129 15.39 -18.64 -12.05
C TYR A 129 16.50 -19.16 -12.94
N GLN A 130 16.52 -20.47 -13.16
CA GLN A 130 17.53 -21.07 -14.02
C GLN A 130 17.49 -20.47 -15.41
N THR A 131 16.29 -20.35 -15.96
CA THR A 131 16.13 -19.78 -17.29
C THR A 131 16.71 -18.38 -17.41
N VAL A 132 16.37 -17.50 -16.49
CA VAL A 132 16.89 -16.14 -16.52
C VAL A 132 18.42 -16.11 -16.43
N ILE A 133 18.96 -16.85 -15.47
CA ILE A 133 20.40 -16.92 -15.29
C ILE A 133 21.13 -17.42 -16.53
N ALA A 134 20.67 -18.57 -17.06
CA ALA A 134 21.31 -19.14 -18.25
C ALA A 134 21.26 -18.16 -19.41
N ASP A 135 20.08 -17.62 -19.65
CA ASP A 135 19.88 -16.68 -20.73
C ASP A 135 20.83 -15.49 -20.62
N ILE A 136 20.98 -14.93 -19.42
CA ILE A 136 21.88 -13.79 -19.27
C ILE A 136 23.34 -14.22 -19.49
N CYS A 137 23.74 -15.32 -18.89
CA CYS A 137 25.11 -15.75 -19.12
C CYS A 137 25.33 -15.85 -20.62
N ARG A 138 24.40 -16.50 -21.32
CA ARG A 138 24.49 -16.69 -22.78
C ARG A 138 24.72 -15.42 -23.59
N ARG A 139 23.90 -14.39 -23.35
CA ARG A 139 24.06 -13.14 -24.07
C ARG A 139 25.30 -12.40 -23.61
N MET A 140 25.65 -12.54 -22.34
CA MET A 140 26.85 -11.87 -21.80
C MET A 140 28.09 -12.50 -22.43
N GLY A 141 28.06 -13.81 -22.63
CA GLY A 141 29.19 -14.50 -23.23
C GLY A 141 29.47 -14.02 -24.64
N ILE A 142 28.40 -13.90 -25.44
CA ILE A 142 28.54 -13.44 -26.80
C ILE A 142 29.08 -12.02 -26.80
N GLY A 143 28.60 -11.21 -25.85
CA GLY A 143 29.04 -9.83 -25.76
C GLY A 143 30.49 -9.67 -25.34
N MET A 144 30.92 -10.42 -24.33
CA MET A 144 32.30 -10.34 -23.84
C MET A 144 33.27 -10.77 -24.93
N ALA A 145 32.90 -11.82 -25.66
CA ALA A 145 33.72 -12.35 -26.73
C ALA A 145 33.87 -11.31 -27.83
N GLU A 146 32.76 -10.70 -28.20
CA GLU A 146 32.76 -9.68 -29.24
C GLU A 146 33.77 -8.57 -28.94
N PHE A 147 33.98 -8.27 -27.67
CA PHE A 147 34.91 -7.20 -27.31
C PHE A 147 36.30 -7.68 -26.97
N LEU A 148 36.50 -8.99 -27.00
CA LEU A 148 37.80 -9.56 -26.67
C LEU A 148 38.97 -8.96 -27.42
N ASP A 149 38.81 -8.68 -28.70
CA ASP A 149 39.89 -8.13 -29.49
C ASP A 149 39.64 -6.73 -30.05
N LYS A 150 39.13 -5.84 -29.20
CA LYS A 150 38.87 -4.46 -29.60
C LYS A 150 38.55 -3.59 -28.39
N HIS A 151 39.06 -2.37 -28.43
CA HIS A 151 38.82 -1.41 -27.35
C HIS A 151 37.54 -0.65 -27.66
N VAL A 152 36.98 0.01 -26.66
CA VAL A 152 35.76 0.77 -26.85
C VAL A 152 36.08 2.04 -27.62
N THR A 153 35.31 2.31 -28.66
CA THR A 153 35.53 3.50 -29.46
C THR A 153 34.53 4.57 -29.11
N SER A 154 33.43 4.61 -29.85
CA SER A 154 32.38 5.61 -29.63
C SER A 154 31.67 5.42 -28.31
N GLU A 155 31.05 6.50 -27.82
CA GLU A 155 30.31 6.45 -26.58
C GLU A 155 29.22 5.41 -26.78
N GLN A 156 28.70 5.36 -28.00
CA GLN A 156 27.65 4.41 -28.33
C GLN A 156 28.07 2.97 -28.04
N GLU A 157 29.37 2.70 -28.13
CA GLU A 157 29.86 1.36 -27.85
C GLU A 157 30.20 1.18 -26.38
N TRP A 158 30.47 2.30 -25.70
CA TRP A 158 30.77 2.27 -24.28
C TRP A 158 29.48 1.72 -23.67
N ASP A 159 28.35 2.17 -24.21
CA ASP A 159 27.05 1.73 -23.76
C ASP A 159 26.88 0.25 -24.10
N LYS A 160 27.38 -0.15 -25.27
CA LYS A 160 27.27 -1.54 -25.69
C LYS A 160 28.09 -2.41 -24.76
N TYR A 161 29.36 -2.09 -24.58
CA TYR A 161 30.17 -2.88 -23.68
C TYR A 161 29.63 -2.90 -22.26
N CYS A 162 29.08 -1.77 -21.82
CA CYS A 162 28.54 -1.67 -20.47
C CYS A 162 27.24 -2.44 -20.36
N HIS A 163 26.55 -2.60 -21.48
CA HIS A 163 25.30 -3.33 -21.49
C HIS A 163 25.56 -4.82 -21.30
N TYR A 164 26.68 -5.31 -21.86
CA TYR A 164 27.06 -6.72 -21.79
C TYR A 164 27.58 -7.16 -20.41
N VAL A 165 28.42 -6.35 -19.80
CA VAL A 165 28.99 -6.71 -18.51
C VAL A 165 28.18 -6.25 -17.29
N ALA A 166 27.30 -5.26 -17.48
CA ALA A 166 26.50 -4.75 -16.36
C ALA A 166 25.00 -4.64 -16.62
N GLY A 167 24.62 -4.01 -17.74
CA GLY A 167 23.21 -3.85 -18.07
C GLY A 167 22.42 -5.14 -17.97
N LEU A 168 22.94 -6.19 -18.61
CA LEU A 168 22.32 -7.50 -18.60
C LEU A 168 22.16 -8.04 -17.20
N VAL A 169 23.05 -7.64 -16.29
CA VAL A 169 22.97 -8.09 -14.90
C VAL A 169 21.77 -7.42 -14.25
N GLY A 170 21.56 -6.15 -14.59
CA GLY A 170 20.44 -5.41 -14.05
C GLY A 170 19.16 -5.95 -14.63
N ILE A 171 19.22 -6.31 -15.91
CA ILE A 171 18.06 -6.88 -16.57
C ILE A 171 17.82 -8.26 -15.97
N GLY A 172 18.91 -8.95 -15.68
CA GLY A 172 18.80 -10.28 -15.10
C GLY A 172 18.19 -10.22 -13.72
N LEU A 173 18.68 -9.33 -12.87
CA LEU A 173 18.15 -9.22 -11.52
C LEU A 173 16.66 -8.87 -11.50
N SER A 174 16.26 -7.88 -12.28
CA SER A 174 14.86 -7.49 -12.35
C SER A 174 14.00 -8.69 -12.70
N ARG A 175 14.44 -9.48 -13.67
CA ARG A 175 13.66 -10.64 -14.06
C ARG A 175 13.55 -11.68 -12.94
N LEU A 176 14.56 -11.76 -12.09
CA LEU A 176 14.53 -12.71 -10.98
C LEU A 176 13.66 -12.17 -9.84
N PHE A 177 13.52 -10.85 -9.76
CA PHE A 177 12.70 -10.24 -8.73
C PHE A 177 11.23 -10.52 -9.04
N SER A 178 10.83 -10.25 -10.28
CA SER A 178 9.47 -10.49 -10.70
C SER A 178 9.20 -11.97 -10.68
N ALA A 179 10.16 -12.77 -11.13
CA ALA A 179 9.97 -14.21 -11.15
C ALA A 179 9.53 -14.70 -9.78
N SER A 180 10.21 -14.22 -8.75
CA SER A 180 9.94 -14.62 -7.37
C SER A 180 8.62 -14.11 -6.82
N GLU A 181 8.00 -13.17 -7.52
CA GLU A 181 6.72 -12.58 -7.11
C GLU A 181 6.86 -11.50 -6.02
N PHE A 182 8.08 -11.25 -5.56
CA PHE A 182 8.32 -10.22 -4.54
C PHE A 182 8.21 -8.81 -5.10
N GLU A 183 8.48 -8.67 -6.39
CA GLU A 183 8.38 -7.39 -7.06
C GLU A 183 7.33 -7.55 -8.13
N ASP A 184 6.71 -6.44 -8.53
CA ASP A 184 5.68 -6.45 -9.55
C ASP A 184 6.26 -7.00 -10.85
N PRO A 185 5.43 -7.63 -11.69
CA PRO A 185 5.97 -8.13 -12.95
C PRO A 185 6.48 -6.99 -13.82
N LEU A 186 6.03 -5.77 -13.53
CA LEU A 186 6.48 -4.60 -14.27
C LEU A 186 7.97 -4.34 -14.10
N VAL A 187 8.48 -4.58 -12.89
CA VAL A 187 9.90 -4.37 -12.62
C VAL A 187 10.76 -5.05 -13.68
N GLY A 188 10.55 -6.34 -13.85
CA GLY A 188 11.32 -7.11 -14.82
C GLY A 188 11.03 -6.84 -16.29
N GLU A 189 9.84 -6.39 -16.62
CA GLU A 189 9.50 -6.13 -18.01
C GLU A 189 10.22 -4.89 -18.58
N ASP A 190 10.42 -3.88 -17.75
CA ASP A 190 11.08 -2.64 -18.14
C ASP A 190 12.58 -2.83 -18.22
N THR A 191 13.04 -3.49 -19.28
CA THR A 191 14.45 -3.75 -19.44
C THR A 191 15.31 -2.52 -19.71
N GLU A 192 14.77 -1.51 -20.38
CA GLU A 192 15.58 -0.33 -20.68
C GLU A 192 16.15 0.29 -19.40
N ARG A 193 15.26 0.56 -18.44
CA ARG A 193 15.68 1.14 -17.19
C ARG A 193 16.51 0.16 -16.38
N ALA A 194 16.18 -1.11 -16.45
CA ALA A 194 16.97 -2.09 -15.72
C ALA A 194 18.38 -1.94 -16.29
N ASN A 195 18.47 -1.88 -17.61
CA ASN A 195 19.74 -1.74 -18.27
C ASN A 195 20.48 -0.52 -17.74
N SER A 196 19.76 0.54 -17.45
CA SER A 196 20.40 1.74 -16.95
C SER A 196 21.04 1.54 -15.57
N MET A 197 20.39 0.79 -14.71
CA MET A 197 20.97 0.54 -13.40
C MET A 197 22.39 0.04 -13.60
N GLY A 198 22.56 -0.86 -14.56
CA GLY A 198 23.86 -1.44 -14.83
C GLY A 198 24.85 -0.45 -15.41
N LEU A 199 24.46 0.22 -16.50
CA LEU A 199 25.32 1.20 -17.15
C LEU A 199 25.88 2.25 -16.20
N PHE A 200 25.11 2.60 -15.18
CA PHE A 200 25.53 3.60 -14.22
C PHE A 200 26.63 3.09 -13.30
N LEU A 201 26.42 1.91 -12.72
CA LEU A 201 27.42 1.34 -11.84
C LEU A 201 28.69 1.00 -12.63
N GLN A 202 28.52 0.54 -13.86
CA GLN A 202 29.66 0.17 -14.68
C GLN A 202 30.54 1.35 -15.11
N LYS A 203 29.93 2.39 -15.67
CA LYS A 203 30.68 3.56 -16.10
C LYS A 203 31.37 4.19 -14.91
N THR A 204 30.65 4.32 -13.81
CA THR A 204 31.23 4.89 -12.61
C THR A 204 32.47 4.11 -12.22
N ASN A 205 32.39 2.78 -12.27
CA ASN A 205 33.53 1.92 -11.93
C ASN A 205 34.64 2.02 -12.97
N ILE A 206 34.28 2.06 -14.24
CA ILE A 206 35.27 2.18 -15.30
C ILE A 206 36.01 3.51 -15.16
N ILE A 207 35.33 4.49 -14.58
CA ILE A 207 35.90 5.82 -14.39
C ILE A 207 36.83 5.90 -13.18
N ARG A 208 36.38 5.34 -12.06
CA ARG A 208 37.17 5.36 -10.83
C ARG A 208 38.48 4.59 -11.04
N ASP A 209 38.37 3.43 -11.68
CA ASP A 209 39.49 2.53 -11.90
C ASP A 209 40.40 2.83 -13.08
N TYR A 210 40.38 4.04 -13.62
CA TYR A 210 41.25 4.34 -14.75
C TYR A 210 42.69 3.88 -14.49
N LEU A 211 43.25 4.36 -13.39
CA LEU A 211 44.62 4.04 -13.05
C LEU A 211 44.83 2.57 -12.72
N GLU A 212 43.86 1.97 -12.04
CA GLU A 212 43.98 0.55 -11.68
C GLU A 212 43.96 -0.31 -12.93
N ASP A 213 43.18 0.09 -13.92
CA ASP A 213 43.08 -0.65 -15.17
C ASP A 213 44.24 -0.33 -16.10
N GLN A 214 44.84 0.84 -15.91
CA GLN A 214 45.95 1.23 -16.75
C GLN A 214 47.16 0.40 -16.36
N GLN A 215 47.58 0.57 -15.11
CA GLN A 215 48.71 -0.18 -14.59
C GLN A 215 48.25 -1.62 -14.40
N GLY A 216 47.43 -2.06 -15.36
CA GLY A 216 46.88 -3.41 -15.35
C GLY A 216 46.79 -3.88 -16.79
N GLY A 217 46.87 -2.94 -17.73
CA GLY A 217 46.81 -3.29 -19.13
C GLY A 217 45.43 -3.33 -19.76
N ARG A 218 44.43 -2.78 -19.08
CA ARG A 218 43.07 -2.76 -19.61
C ARG A 218 42.61 -1.34 -19.91
N GLU A 219 42.04 -1.13 -21.10
CA GLU A 219 41.56 0.19 -21.48
C GLU A 219 40.05 0.17 -21.71
N PHE A 220 39.32 0.94 -20.90
CA PHE A 220 37.86 1.00 -20.98
C PHE A 220 37.28 2.34 -21.37
N TRP A 221 38.00 3.42 -21.07
CA TRP A 221 37.52 4.76 -21.43
C TRP A 221 37.29 4.84 -22.94
N PRO A 222 36.13 5.36 -23.37
CA PRO A 222 35.87 5.45 -24.81
C PRO A 222 36.93 6.25 -25.55
N GLN A 223 37.41 5.69 -26.65
CA GLN A 223 38.45 6.33 -27.43
C GLN A 223 37.99 7.56 -28.19
N GLU A 224 36.76 7.53 -28.71
CA GLU A 224 36.28 8.68 -29.45
C GLU A 224 36.14 9.88 -28.52
N VAL A 225 36.44 9.66 -27.24
CA VAL A 225 36.38 10.71 -26.24
C VAL A 225 37.79 11.13 -25.81
N TRP A 226 38.53 10.23 -25.17
CA TRP A 226 39.87 10.58 -24.72
C TRP A 226 40.83 10.96 -25.84
N SER A 227 40.56 10.50 -27.05
CA SER A 227 41.43 10.81 -28.17
C SER A 227 41.30 12.26 -28.56
N ARG A 228 40.54 13.02 -27.78
CA ARG A 228 40.35 14.44 -28.05
C ARG A 228 41.16 15.24 -27.04
N TYR A 229 41.90 14.53 -26.20
CA TYR A 229 42.69 15.17 -25.17
C TYR A 229 44.14 14.69 -25.21
N VAL A 230 44.34 13.40 -25.46
CA VAL A 230 45.70 12.85 -25.49
C VAL A 230 45.97 11.87 -26.62
N LYS A 231 47.25 11.60 -26.82
CA LYS A 231 47.72 10.68 -27.86
C LYS A 231 47.35 9.24 -27.50
N LYS A 232 47.56 8.87 -26.25
CA LYS A 232 47.24 7.53 -25.77
C LYS A 232 46.48 7.63 -24.44
N LEU A 233 45.48 6.77 -24.25
CA LEU A 233 44.70 6.80 -23.02
C LEU A 233 45.60 6.75 -21.79
N GLY A 234 46.78 6.16 -21.98
CA GLY A 234 47.72 6.04 -20.88
C GLY A 234 48.41 7.34 -20.55
N ASP A 235 48.34 8.29 -21.47
CA ASP A 235 48.96 9.58 -21.24
C ASP A 235 48.35 10.31 -20.04
N PHE A 236 47.10 9.97 -19.72
CA PHE A 236 46.40 10.60 -18.59
C PHE A 236 47.04 10.25 -17.26
N ALA A 237 48.13 9.46 -17.30
CA ALA A 237 48.84 9.08 -16.08
C ALA A 237 50.14 9.88 -15.95
N LEU A 238 50.38 10.73 -16.94
CA LEU A 238 51.56 11.60 -16.96
C LEU A 238 51.12 12.94 -16.38
N PRO A 239 51.58 13.27 -15.15
CA PRO A 239 51.25 14.52 -14.45
C PRO A 239 51.33 15.78 -15.32
N GLU A 240 51.93 15.63 -16.50
CA GLU A 240 52.08 16.72 -17.45
C GLU A 240 50.79 16.95 -18.25
N ASN A 241 49.86 15.99 -18.18
CA ASN A 241 48.59 16.08 -18.90
C ASN A 241 47.41 15.98 -17.93
N ILE A 242 47.67 16.26 -16.65
CA ILE A 242 46.65 16.17 -15.63
C ILE A 242 45.44 17.08 -15.92
N ASP A 243 45.69 18.29 -16.37
CA ASP A 243 44.60 19.22 -16.66
C ASP A 243 43.70 18.69 -17.76
N LEU A 244 44.30 18.09 -18.78
CA LEU A 244 43.55 17.51 -19.89
C LEU A 244 42.85 16.24 -19.41
N ALA A 245 43.46 15.57 -18.45
CA ALA A 245 42.90 14.33 -17.93
C ALA A 245 41.62 14.60 -17.15
N VAL A 246 41.64 15.64 -16.33
CA VAL A 246 40.47 15.96 -15.52
C VAL A 246 39.34 16.48 -16.39
N GLN A 247 39.66 16.92 -17.60
CA GLN A 247 38.63 17.42 -18.49
C GLN A 247 37.89 16.26 -19.12
N CYS A 248 38.63 15.16 -19.31
CA CYS A 248 38.08 13.94 -19.88
C CYS A 248 37.28 13.25 -18.77
N LEU A 249 37.88 13.12 -17.59
CA LEU A 249 37.20 12.53 -16.44
C LEU A 249 35.84 13.20 -16.32
N ASN A 250 35.87 14.53 -16.28
CA ASN A 250 34.66 15.32 -16.15
C ASN A 250 33.66 15.13 -17.27
N GLU A 251 34.14 14.81 -18.47
CA GLU A 251 33.23 14.61 -19.59
C GLU A 251 32.53 13.27 -19.40
N LEU A 252 33.32 12.27 -19.03
CA LEU A 252 32.80 10.93 -18.84
C LEU A 252 31.83 10.91 -17.67
N ILE A 253 32.13 11.68 -16.63
CA ILE A 253 31.26 11.75 -15.47
C ILE A 253 29.96 12.40 -15.85
N THR A 254 30.04 13.43 -16.70
CA THR A 254 28.87 14.13 -17.17
C THR A 254 27.99 13.14 -17.90
N ASN A 255 28.63 12.24 -18.62
CA ASN A 255 27.97 11.20 -19.38
C ASN A 255 27.18 10.25 -18.42
N ALA A 256 27.88 9.62 -17.49
CA ALA A 256 27.27 8.70 -16.54
C ALA A 256 26.05 9.29 -15.86
N LEU A 257 26.14 10.57 -15.51
CA LEU A 257 25.04 11.24 -14.84
C LEU A 257 23.72 11.11 -15.58
N HIS A 258 23.77 11.07 -16.91
CA HIS A 258 22.54 10.97 -17.66
C HIS A 258 21.69 9.75 -17.32
N HIS A 259 22.26 8.76 -16.64
CA HIS A 259 21.48 7.57 -16.28
C HIS A 259 20.69 7.74 -14.97
N ILE A 260 21.05 8.74 -14.17
CA ILE A 260 20.36 8.92 -12.90
C ILE A 260 18.83 8.92 -12.98
N PRO A 261 18.25 9.71 -13.90
CA PRO A 261 16.78 9.73 -14.02
C PRO A 261 16.16 8.31 -14.09
N ASP A 262 16.68 7.46 -14.98
CA ASP A 262 16.18 6.09 -15.09
C ASP A 262 16.33 5.40 -13.74
N VAL A 263 17.52 5.53 -13.15
CA VAL A 263 17.81 4.93 -11.85
C VAL A 263 16.67 5.26 -10.89
N ILE A 264 16.43 6.54 -10.70
CA ILE A 264 15.36 6.98 -9.82
C ILE A 264 14.02 6.36 -10.24
N THR A 265 13.77 6.21 -11.54
CA THR A 265 12.52 5.62 -11.97
C THR A 265 12.45 4.14 -11.62
N TYR A 266 13.56 3.44 -11.79
CA TYR A 266 13.62 2.02 -11.49
C TYR A 266 13.32 1.79 -10.00
N LEU A 267 14.08 2.45 -9.14
CA LEU A 267 13.94 2.32 -7.70
C LEU A 267 12.52 2.65 -7.24
N SER A 268 11.97 3.73 -7.79
CA SER A 268 10.64 4.15 -7.42
C SER A 268 9.57 3.10 -7.65
N ARG A 269 9.92 2.03 -8.36
CA ARG A 269 8.93 1.01 -8.70
C ARG A 269 8.91 -0.17 -7.73
N LEU A 270 10.03 -0.35 -7.04
CA LEU A 270 10.22 -1.44 -6.09
C LEU A 270 9.28 -1.38 -4.88
N ARG A 271 8.86 -2.55 -4.39
CA ARG A 271 7.95 -2.61 -3.26
C ARG A 271 8.43 -3.52 -2.15
N ASN A 272 9.52 -4.23 -2.37
CA ASN A 272 10.03 -5.13 -1.34
C ASN A 272 11.26 -4.49 -0.69
N GLN A 273 11.19 -4.29 0.62
CA GLN A 273 12.29 -3.67 1.33
C GLN A 273 13.64 -4.30 1.07
N SER A 274 13.74 -5.63 1.18
CA SER A 274 15.04 -6.27 0.97
C SER A 274 15.56 -6.01 -0.44
N VAL A 275 14.67 -5.93 -1.41
CA VAL A 275 15.10 -5.66 -2.77
C VAL A 275 15.55 -4.21 -2.85
N PHE A 276 14.71 -3.30 -2.36
CA PHE A 276 15.03 -1.89 -2.42
C PHE A 276 16.46 -1.68 -1.95
N ASN A 277 16.74 -2.14 -0.74
CA ASN A 277 18.05 -2.01 -0.12
C ASN A 277 19.15 -2.52 -1.04
N PHE A 278 18.93 -3.72 -1.58
CA PHE A 278 19.87 -4.36 -2.49
C PHE A 278 20.16 -3.47 -3.68
N CYS A 279 19.11 -2.85 -4.21
CA CYS A 279 19.22 -1.98 -5.38
C CYS A 279 19.62 -0.53 -5.12
N ALA A 280 18.96 0.13 -4.18
CA ALA A 280 19.26 1.53 -3.88
C ALA A 280 20.67 1.79 -3.38
N ILE A 281 21.16 0.98 -2.45
CA ILE A 281 22.50 1.19 -1.89
C ILE A 281 23.64 1.28 -2.91
N PRO A 282 23.83 0.23 -3.73
CA PRO A 282 24.91 0.26 -4.72
C PRO A 282 24.91 1.51 -5.59
N GLN A 283 23.73 2.01 -5.95
CA GLN A 283 23.59 3.21 -6.78
C GLN A 283 24.02 4.48 -6.05
N VAL A 284 23.64 4.58 -4.78
CA VAL A 284 23.97 5.75 -3.96
C VAL A 284 25.47 5.85 -3.69
N MET A 285 26.15 4.72 -3.67
CA MET A 285 27.59 4.72 -3.45
C MET A 285 28.23 5.08 -4.77
N ALA A 286 27.59 4.68 -5.87
CA ALA A 286 28.10 5.00 -7.19
C ALA A 286 28.00 6.51 -7.33
N ILE A 287 26.87 7.09 -6.91
CA ILE A 287 26.71 8.54 -7.02
C ILE A 287 27.74 9.28 -6.15
N ALA A 288 27.85 8.86 -4.90
CA ALA A 288 28.81 9.49 -4.00
C ALA A 288 30.19 9.40 -4.62
N THR A 289 30.46 8.26 -5.27
CA THR A 289 31.76 8.04 -5.91
C THR A 289 32.03 9.04 -7.03
N LEU A 290 31.09 9.19 -7.95
CA LEU A 290 31.25 10.13 -9.04
C LEU A 290 31.43 11.52 -8.44
N ALA A 291 30.71 11.79 -7.36
CA ALA A 291 30.81 13.09 -6.72
C ALA A 291 32.22 13.29 -6.18
N ALA A 292 32.77 12.25 -5.55
CA ALA A 292 34.12 12.34 -5.00
C ALA A 292 35.17 12.49 -6.10
N CYS A 293 34.89 11.93 -7.27
CA CYS A 293 35.82 12.00 -8.38
C CYS A 293 35.74 13.22 -9.27
N TYR A 294 34.58 13.89 -9.29
CA TYR A 294 34.44 15.03 -10.18
C TYR A 294 35.52 16.06 -10.06
N ASN A 295 36.09 16.42 -11.20
CA ASN A 295 37.15 17.42 -11.26
C ASN A 295 38.12 17.18 -10.12
N ASN A 296 38.46 15.91 -9.92
CA ASN A 296 39.36 15.48 -8.85
C ASN A 296 40.62 14.79 -9.39
N GLN A 297 41.75 15.49 -9.27
CA GLN A 297 43.04 15.00 -9.74
C GLN A 297 43.44 13.63 -9.22
N GLN A 298 43.05 13.33 -8.00
CA GLN A 298 43.38 12.06 -7.36
C GLN A 298 43.09 10.86 -8.26
N VAL A 299 42.00 10.93 -9.02
CA VAL A 299 41.62 9.84 -9.91
C VAL A 299 42.81 9.31 -10.69
N PHE A 300 43.75 10.18 -11.03
CA PHE A 300 44.92 9.81 -11.81
C PHE A 300 46.19 9.60 -11.00
N LYS A 301 46.08 9.58 -9.68
CA LYS A 301 47.26 9.41 -8.85
C LYS A 301 47.13 8.26 -7.85
N GLY A 302 45.95 7.65 -7.81
CA GLY A 302 45.71 6.56 -6.91
C GLY A 302 44.24 6.31 -6.64
N ALA A 303 43.89 6.29 -5.35
CA ALA A 303 42.51 6.05 -4.95
C ALA A 303 41.81 7.30 -4.43
N VAL A 304 40.56 7.46 -4.86
CA VAL A 304 39.73 8.57 -4.46
C VAL A 304 38.77 8.05 -3.40
N LEU A 305 38.91 8.56 -2.18
CA LEU A 305 38.07 8.13 -1.06
C LEU A 305 36.70 8.79 -0.93
N ILE A 306 35.67 7.96 -0.82
CA ILE A 306 34.31 8.47 -0.65
C ILE A 306 34.29 9.13 0.73
N ARG A 307 33.60 10.25 0.84
CA ARG A 307 33.54 11.00 2.09
C ARG A 307 32.11 11.22 2.58
N LEU A 308 31.80 12.48 2.94
CA LEU A 308 30.47 12.85 3.42
C LEU A 308 30.10 14.25 2.87
N GLY A 309 28.85 14.40 2.43
CA GLY A 309 28.41 15.66 1.87
C GLY A 309 27.74 16.66 2.78
N GLN A 310 26.43 16.52 2.97
CA GLN A 310 25.65 17.43 3.80
C GLN A 310 24.84 16.73 4.90
N ALA A 311 24.77 17.37 6.07
CA ALA A 311 24.04 16.85 7.24
C ALA A 311 22.95 15.83 6.96
N VAL A 312 21.96 16.22 6.16
CA VAL A 312 20.85 15.34 5.82
C VAL A 312 21.26 13.94 5.32
N THR A 313 22.42 13.85 4.65
CA THR A 313 22.91 12.56 4.14
C THR A 313 23.14 11.58 5.28
N LEU A 314 23.55 12.13 6.42
CA LEU A 314 23.82 11.34 7.61
C LEU A 314 22.52 11.26 8.41
N MET A 315 21.64 12.25 8.19
CA MET A 315 20.36 12.33 8.86
C MET A 315 19.41 11.22 8.42
N MET A 316 19.29 11.04 7.11
CA MET A 316 18.43 10.00 6.55
C MET A 316 19.29 8.96 5.82
N ASP A 317 18.84 7.70 5.81
CA ASP A 317 19.60 6.63 5.16
C ASP A 317 18.84 6.04 3.98
N ALA A 318 19.59 5.47 3.04
CA ALA A 318 19.04 4.91 1.80
C ALA A 318 18.03 3.77 1.89
N THR A 319 17.21 3.74 2.93
CA THR A 319 16.24 2.68 3.07
C THR A 319 14.79 2.99 2.62
N ASN A 320 14.55 4.20 2.12
CA ASN A 320 13.22 4.57 1.60
C ASN A 320 13.39 5.52 0.42
N MET A 321 12.52 5.41 -0.57
CA MET A 321 12.64 6.21 -1.78
C MET A 321 12.84 7.72 -1.66
N PRO A 322 11.98 8.41 -0.90
CA PRO A 322 12.20 9.87 -0.79
C PRO A 322 13.60 10.20 -0.29
N ALA A 323 14.10 9.40 0.64
CA ALA A 323 15.41 9.64 1.20
C ALA A 323 16.52 9.44 0.17
N VAL A 324 16.41 8.37 -0.62
CA VAL A 324 17.41 8.07 -1.64
C VAL A 324 17.48 9.23 -2.63
N LYS A 325 16.35 9.90 -2.85
CA LYS A 325 16.30 11.05 -3.75
C LYS A 325 17.07 12.21 -3.13
N ALA A 326 16.71 12.56 -1.89
CA ALA A 326 17.37 13.65 -1.20
C ALA A 326 18.88 13.41 -1.17
N ILE A 327 19.28 12.16 -0.93
CA ILE A 327 20.69 11.82 -0.88
C ILE A 327 21.32 12.11 -2.24
N ILE A 328 20.68 11.65 -3.30
CA ILE A 328 21.17 11.86 -4.65
C ILE A 328 21.25 13.34 -5.05
N TYR A 329 20.19 14.09 -4.73
CA TYR A 329 20.18 15.50 -5.11
C TYR A 329 21.29 16.25 -4.40
N GLN A 330 21.61 15.84 -3.18
CA GLN A 330 22.65 16.47 -2.41
C GLN A 330 24.02 16.23 -3.04
N TYR A 331 24.21 15.03 -3.57
CA TYR A 331 25.48 14.74 -4.23
C TYR A 331 25.55 15.53 -5.53
N MET A 332 24.41 15.64 -6.20
CA MET A 332 24.32 16.39 -7.45
C MET A 332 24.82 17.82 -7.26
N GLU A 333 24.41 18.42 -6.15
CA GLU A 333 24.82 19.78 -5.84
C GLU A 333 26.31 19.83 -5.54
N GLU A 334 26.82 18.77 -4.93
CA GLU A 334 28.24 18.69 -4.63
C GLU A 334 29.04 18.89 -5.91
N ILE A 335 28.57 18.28 -6.99
CA ILE A 335 29.25 18.40 -8.27
C ILE A 335 28.96 19.77 -8.84
N TYR A 336 27.67 20.13 -8.84
CA TYR A 336 27.24 21.41 -9.38
C TYR A 336 28.05 22.58 -8.86
N HIS A 337 28.12 22.70 -7.54
CA HIS A 337 28.86 23.78 -6.91
C HIS A 337 30.35 23.78 -7.27
N ARG A 338 30.85 22.67 -7.79
CA ARG A 338 32.26 22.59 -8.14
C ARG A 338 32.55 22.59 -9.63
N ILE A 339 31.59 23.02 -10.44
CA ILE A 339 31.82 23.04 -11.89
C ILE A 339 32.63 24.24 -12.37
N PRO A 340 33.85 24.00 -12.90
CA PRO A 340 34.73 25.06 -13.41
C PRO A 340 34.06 25.63 -14.65
N ASP A 341 34.02 26.96 -14.76
CA ASP A 341 33.39 27.58 -15.90
C ASP A 341 34.19 27.27 -17.16
N SER A 342 35.47 27.00 -17.00
CA SER A 342 36.31 26.75 -18.17
C SER A 342 36.32 25.30 -18.61
N ASN A 343 35.73 24.42 -17.80
CA ASN A 343 35.71 23.00 -18.16
C ASN A 343 35.02 22.86 -19.50
N PRO A 344 35.63 22.11 -20.44
CA PRO A 344 35.03 21.92 -21.76
C PRO A 344 33.58 21.44 -21.70
N SER A 345 33.19 20.81 -20.59
CA SER A 345 31.84 20.27 -20.44
C SER A 345 31.01 20.96 -19.36
N SER A 346 31.46 22.12 -18.90
CA SER A 346 30.76 22.84 -17.84
C SER A 346 29.26 23.00 -18.04
N SER A 347 28.85 23.35 -19.25
CA SER A 347 27.43 23.55 -19.51
C SER A 347 26.61 22.29 -19.53
N LYS A 348 27.10 21.26 -20.21
CA LYS A 348 26.35 20.02 -20.27
C LYS A 348 26.23 19.42 -18.86
N THR A 349 27.26 19.64 -18.05
CA THR A 349 27.25 19.11 -16.68
C THR A 349 26.13 19.75 -15.88
N ARG A 350 25.86 21.02 -16.15
CA ARG A 350 24.79 21.73 -15.46
C ARG A 350 23.45 21.33 -16.06
N GLN A 351 23.46 21.12 -17.38
CA GLN A 351 22.26 20.74 -18.09
C GLN A 351 21.64 19.48 -17.50
N ILE A 352 22.42 18.42 -17.45
CA ILE A 352 21.88 17.17 -16.93
C ILE A 352 21.55 17.27 -15.44
N ILE A 353 22.38 18.01 -14.69
CA ILE A 353 22.12 18.16 -13.27
C ILE A 353 20.83 18.95 -13.03
N SER A 354 20.59 19.97 -13.85
CA SER A 354 19.37 20.77 -13.73
C SER A 354 18.16 19.92 -14.08
N THR A 355 18.28 19.14 -15.14
CA THR A 355 17.21 18.24 -15.58
C THR A 355 16.84 17.28 -14.46
N ILE A 356 17.86 16.75 -13.80
CA ILE A 356 17.67 15.80 -12.71
C ILE A 356 16.95 16.41 -11.52
N ARG A 357 17.40 17.57 -11.06
CA ARG A 357 16.80 18.19 -9.90
C ARG A 357 15.43 18.81 -10.17
N THR A 358 15.13 19.13 -11.41
CA THR A 358 13.85 19.74 -11.73
C THR A 358 12.74 18.73 -11.95
N GLN A 359 12.92 17.89 -12.95
CA GLN A 359 11.94 16.88 -13.31
C GLN A 359 12.22 15.61 -12.55
N LEU B 26 9.19 20.16 -20.92
CA LEU B 26 10.44 20.62 -20.32
C LEU B 26 10.52 22.16 -20.27
N SER B 27 9.98 22.70 -19.18
CA SER B 27 9.95 24.14 -18.92
C SER B 27 11.30 24.63 -18.42
N SER B 28 11.86 25.65 -19.06
CA SER B 28 13.14 26.18 -18.63
C SER B 28 12.99 27.17 -17.47
N SER B 29 11.76 27.62 -17.23
CA SER B 29 11.50 28.56 -16.13
C SER B 29 11.59 27.74 -14.88
N LEU B 30 10.88 26.61 -14.91
CA LEU B 30 10.82 25.68 -13.80
C LEU B 30 12.23 25.18 -13.45
N LYS B 31 13.07 25.05 -14.45
CA LYS B 31 14.44 24.63 -14.22
C LYS B 31 15.14 25.75 -13.46
N THR B 32 14.96 26.98 -13.94
CA THR B 32 15.56 28.15 -13.31
C THR B 32 15.07 28.24 -11.86
N CYS B 33 13.78 27.97 -11.66
CA CYS B 33 13.20 28.00 -10.34
C CYS B 33 13.91 27.06 -9.37
N TYR B 34 14.27 25.89 -9.86
CA TYR B 34 14.95 24.95 -8.99
C TYR B 34 16.40 25.37 -8.80
N LYS B 35 16.90 26.20 -9.72
CA LYS B 35 18.28 26.67 -9.60
C LYS B 35 18.29 27.60 -8.40
N TYR B 36 17.27 28.45 -8.33
CA TYR B 36 17.10 29.42 -7.25
C TYR B 36 16.85 28.73 -5.91
N LEU B 37 16.01 27.70 -5.92
CA LEU B 37 15.69 26.97 -4.70
C LEU B 37 16.97 26.45 -4.08
N ASN B 38 17.89 25.97 -4.92
CA ASN B 38 19.17 25.44 -4.45
C ASN B 38 20.15 26.55 -4.08
N GLN B 39 19.89 27.75 -4.58
CA GLN B 39 20.72 28.91 -4.29
C GLN B 39 20.29 29.50 -2.96
N THR B 40 18.97 29.57 -2.78
CA THR B 40 18.40 30.16 -1.58
C THR B 40 18.12 29.22 -0.41
N SER B 41 17.51 28.07 -0.67
CA SER B 41 17.23 27.14 0.43
C SER B 41 18.19 25.97 0.48
N ARG B 42 19.49 26.31 0.43
CA ARG B 42 20.62 25.37 0.47
C ARG B 42 20.28 23.97 1.00
N SER B 43 19.74 23.94 2.21
CA SER B 43 19.35 22.73 2.94
C SER B 43 18.07 22.03 2.45
N PHE B 44 16.92 22.57 2.82
CA PHE B 44 15.62 22.02 2.42
C PHE B 44 15.58 21.54 0.97
N ALA B 45 16.31 22.23 0.08
CA ALA B 45 16.28 21.90 -1.34
C ALA B 45 16.16 20.42 -1.72
N ALA B 46 16.99 19.56 -1.13
CA ALA B 46 16.93 18.14 -1.44
C ALA B 46 15.67 17.44 -0.95
N VAL B 47 15.21 17.75 0.26
CA VAL B 47 14.00 17.12 0.77
C VAL B 47 12.77 17.69 0.05
N ILE B 48 12.88 18.92 -0.44
CA ILE B 48 11.76 19.54 -1.16
C ILE B 48 11.61 18.81 -2.50
N GLN B 49 12.73 18.61 -3.15
CA GLN B 49 12.76 17.95 -4.43
C GLN B 49 12.38 16.48 -4.30
N ALA B 50 12.49 15.95 -3.09
CA ALA B 50 12.12 14.56 -2.89
C ALA B 50 10.60 14.41 -2.70
N LEU B 51 9.90 15.54 -2.58
CA LEU B 51 8.45 15.51 -2.41
C LEU B 51 7.71 14.82 -3.57
N ASP B 52 6.65 14.09 -3.23
CA ASP B 52 5.86 13.34 -4.20
C ASP B 52 4.99 14.16 -5.13
N GLY B 53 5.04 13.80 -6.42
CA GLY B 53 4.22 14.45 -7.42
C GLY B 53 4.05 15.94 -7.35
N GLU B 54 2.81 16.41 -7.35
CA GLU B 54 2.56 17.85 -7.35
C GLU B 54 2.91 18.69 -6.14
N MET B 55 3.36 18.07 -5.06
CA MET B 55 3.73 18.85 -3.88
C MET B 55 5.06 19.53 -4.16
N ARG B 56 5.91 18.83 -4.91
CA ARG B 56 7.25 19.28 -5.29
C ARG B 56 7.24 20.70 -5.85
N ASN B 57 6.65 20.89 -7.03
CA ASN B 57 6.60 22.22 -7.62
C ASN B 57 5.80 23.21 -6.76
N ALA B 58 4.79 22.70 -6.06
CA ALA B 58 3.99 23.56 -5.21
C ALA B 58 4.85 24.14 -4.09
N VAL B 59 5.57 23.26 -3.40
CA VAL B 59 6.42 23.67 -2.28
C VAL B 59 7.63 24.47 -2.75
N CYS B 60 8.23 24.06 -3.85
CA CYS B 60 9.38 24.78 -4.38
C CYS B 60 9.02 26.24 -4.63
N ILE B 61 7.98 26.46 -5.43
CA ILE B 61 7.51 27.80 -5.76
C ILE B 61 7.10 28.58 -4.50
N PHE B 62 6.48 27.88 -3.56
CA PHE B 62 6.04 28.49 -2.31
C PHE B 62 7.25 29.03 -1.55
N TYR B 63 8.36 28.28 -1.58
CA TYR B 63 9.57 28.72 -0.91
C TYR B 63 10.21 29.90 -1.61
N LEU B 64 10.18 29.88 -2.95
CA LEU B 64 10.78 30.97 -3.70
C LEU B 64 10.06 32.29 -3.46
N VAL B 65 8.73 32.32 -3.58
CA VAL B 65 8.00 33.56 -3.37
C VAL B 65 8.12 33.98 -1.89
N LEU B 66 8.13 33.01 -0.99
CA LEU B 66 8.26 33.32 0.43
C LEU B 66 9.59 34.00 0.66
N ARG B 67 10.64 33.46 0.05
CA ARG B 67 11.97 34.02 0.19
C ARG B 67 12.05 35.43 -0.37
N ALA B 68 11.37 35.67 -1.49
CA ALA B 68 11.37 37.01 -2.08
C ALA B 68 10.81 38.00 -1.06
N LEU B 69 9.61 37.70 -0.59
CA LEU B 69 8.93 38.54 0.39
C LEU B 69 9.84 38.83 1.57
N ASP B 70 10.44 37.77 2.08
CA ASP B 70 11.33 37.88 3.22
C ASP B 70 12.49 38.82 2.90
N THR B 71 12.92 38.82 1.64
CA THR B 71 14.03 39.64 1.21
C THR B 71 13.69 41.12 1.10
N LEU B 72 12.42 41.42 0.85
CA LEU B 72 12.01 42.81 0.76
C LEU B 72 11.98 43.34 2.19
N GLU B 73 11.42 42.53 3.09
CA GLU B 73 11.32 42.87 4.51
C GLU B 73 12.65 43.01 5.23
N ASP B 74 13.68 42.31 4.79
CA ASP B 74 14.96 42.42 5.46
C ASP B 74 15.80 43.53 4.85
N ASP B 75 15.60 43.79 3.57
CA ASP B 75 16.38 44.84 2.92
C ASP B 75 16.10 46.13 3.66
N MET B 76 17.15 46.76 4.18
CA MET B 76 17.03 47.98 4.96
C MET B 76 17.29 49.26 4.19
N THR B 77 17.58 49.15 2.90
CA THR B 77 17.82 50.33 2.09
C THR B 77 16.48 50.82 1.54
N ILE B 78 15.42 50.14 1.97
CA ILE B 78 14.07 50.46 1.55
C ILE B 78 13.36 51.15 2.71
N SER B 79 13.04 52.43 2.55
CA SER B 79 12.38 53.17 3.60
C SER B 79 11.09 52.46 3.96
N VAL B 80 10.63 52.64 5.20
CA VAL B 80 9.39 52.02 5.64
C VAL B 80 8.21 52.43 4.79
N GLU B 81 8.15 53.71 4.45
CA GLU B 81 7.06 54.23 3.64
C GLU B 81 6.95 53.48 2.31
N LYS B 82 8.11 53.13 1.74
CA LYS B 82 8.15 52.44 0.46
C LYS B 82 7.89 50.95 0.55
N LYS B 83 8.37 50.35 1.63
CA LYS B 83 8.26 48.92 1.86
C LYS B 83 6.87 48.37 2.14
N VAL B 84 6.07 49.07 2.94
CA VAL B 84 4.74 48.56 3.25
C VAL B 84 3.87 48.29 2.04
N PRO B 85 3.78 49.26 1.12
CA PRO B 85 2.95 49.03 -0.07
C PRO B 85 3.39 47.78 -0.80
N LEU B 86 4.67 47.46 -0.71
CA LEU B 86 5.21 46.28 -1.37
C LEU B 86 4.79 45.03 -0.58
N LEU B 87 5.10 44.99 0.72
CA LEU B 87 4.72 43.85 1.54
C LEU B 87 3.22 43.60 1.43
N HIS B 88 2.45 44.68 1.36
CA HIS B 88 1.00 44.59 1.27
C HIS B 88 0.48 44.01 -0.04
N ASN B 89 1.05 44.43 -1.15
CA ASN B 89 0.59 43.97 -2.44
C ASN B 89 1.38 42.82 -3.06
N PHE B 90 2.38 42.33 -2.33
CA PHE B 90 3.18 41.23 -2.82
C PHE B 90 2.28 40.08 -3.31
N HIS B 91 1.31 39.68 -2.49
CA HIS B 91 0.42 38.58 -2.84
C HIS B 91 -0.30 38.83 -4.18
N SER B 92 -0.39 40.09 -4.58
CA SER B 92 -1.05 40.41 -5.84
C SER B 92 -0.10 40.49 -7.01
N PHE B 93 1.19 40.71 -6.72
CA PHE B 93 2.21 40.80 -7.76
C PHE B 93 2.41 39.42 -8.35
N LEU B 94 1.94 38.40 -7.64
CA LEU B 94 2.03 37.02 -8.10
C LEU B 94 1.29 36.93 -9.43
N TYR B 95 0.36 37.85 -9.63
CA TYR B 95 -0.44 37.90 -10.83
C TYR B 95 -0.07 39.00 -11.82
N GLN B 96 1.00 39.75 -11.54
CA GLN B 96 1.49 40.80 -12.45
C GLN B 96 2.71 40.21 -13.13
N PRO B 97 2.52 39.59 -14.31
CA PRO B 97 3.57 38.94 -15.10
C PRO B 97 4.88 39.69 -15.29
N ASP B 98 4.82 41.00 -15.40
CA ASP B 98 6.03 41.77 -15.63
C ASP B 98 6.65 42.36 -14.37
N TRP B 99 6.02 42.12 -13.23
CA TRP B 99 6.54 42.69 -12.00
C TRP B 99 7.83 42.08 -11.54
N ARG B 100 8.75 42.94 -11.11
CA ARG B 100 10.05 42.53 -10.60
C ARG B 100 10.57 43.69 -9.81
N PHE B 101 11.49 43.44 -8.89
CA PHE B 101 12.08 44.50 -8.09
C PHE B 101 13.56 44.55 -8.42
N MET B 102 14.06 45.74 -8.75
CA MET B 102 15.46 45.87 -9.13
C MET B 102 16.34 46.72 -8.22
N GLU B 103 15.82 47.11 -7.06
CA GLU B 103 16.58 47.98 -6.16
C GLU B 103 17.05 47.35 -4.85
N SER B 104 16.78 46.06 -4.68
CA SER B 104 17.19 45.37 -3.46
C SER B 104 18.70 45.17 -3.45
N LYS B 105 19.30 45.08 -2.28
CA LYS B 105 20.74 44.88 -2.21
C LYS B 105 21.07 43.69 -1.33
N GLU B 106 20.07 42.84 -1.09
CA GLU B 106 20.23 41.64 -0.28
C GLU B 106 20.84 40.54 -1.16
N LYS B 107 21.42 39.51 -0.54
CA LYS B 107 22.07 38.45 -1.29
C LYS B 107 21.17 37.60 -2.19
N ASP B 108 19.95 37.34 -1.76
CA ASP B 108 19.04 36.55 -2.57
C ASP B 108 18.10 37.44 -3.38
N ARG B 109 18.61 38.59 -3.81
CA ARG B 109 17.84 39.55 -4.57
C ARG B 109 17.41 39.09 -5.96
N GLN B 110 18.12 38.11 -6.49
CA GLN B 110 17.82 37.57 -7.81
C GLN B 110 16.41 37.01 -7.89
N VAL B 111 15.90 36.47 -6.79
CA VAL B 111 14.54 35.95 -6.82
C VAL B 111 13.59 37.12 -7.08
N LEU B 112 14.01 38.30 -6.66
CA LEU B 112 13.20 39.50 -6.85
C LEU B 112 13.42 40.14 -8.22
N GLU B 113 14.65 40.07 -8.74
CA GLU B 113 14.94 40.66 -10.03
C GLU B 113 14.44 39.82 -11.19
N ASP B 114 14.35 38.52 -10.96
CA ASP B 114 13.88 37.59 -11.98
C ASP B 114 12.58 36.96 -11.49
N PHE B 115 11.84 37.73 -10.70
CA PHE B 115 10.58 37.26 -10.16
C PHE B 115 9.60 36.84 -11.25
N PRO B 116 9.55 37.58 -12.37
CA PRO B 116 8.61 37.18 -13.42
C PRO B 116 8.69 35.68 -13.73
N THR B 117 9.90 35.13 -13.64
CA THR B 117 10.07 33.70 -13.90
C THR B 117 9.38 32.88 -12.84
N ILE B 118 9.52 33.30 -11.60
CA ILE B 118 8.90 32.59 -10.49
C ILE B 118 7.38 32.70 -10.50
N SER B 119 6.85 33.91 -10.75
CA SER B 119 5.40 34.05 -10.75
C SER B 119 4.77 33.32 -11.94
N LEU B 120 5.58 33.12 -12.98
CA LEU B 120 5.10 32.42 -14.17
C LEU B 120 4.78 31.00 -13.76
N GLU B 121 5.76 30.34 -13.17
CA GLU B 121 5.55 28.97 -12.73
C GLU B 121 4.55 28.90 -11.56
N PHE B 122 4.38 30.01 -10.83
CA PHE B 122 3.41 30.03 -9.74
C PHE B 122 2.01 30.00 -10.35
N ARG B 123 1.81 30.80 -11.39
CA ARG B 123 0.52 30.84 -12.04
C ARG B 123 0.22 29.54 -12.79
N ASN B 124 1.22 28.67 -12.86
CA ASN B 124 1.09 27.37 -13.53
C ASN B 124 0.67 26.24 -12.56
N LEU B 125 0.74 26.51 -11.26
CA LEU B 125 0.34 25.52 -10.29
C LEU B 125 -1.17 25.38 -10.38
N ALA B 126 -1.71 24.35 -9.75
CA ALA B 126 -3.15 24.17 -9.78
C ALA B 126 -3.76 25.36 -9.05
N GLU B 127 -4.88 25.86 -9.55
CA GLU B 127 -5.55 27.00 -8.92
C GLU B 127 -5.78 26.79 -7.43
N LYS B 128 -5.98 25.54 -7.00
CA LYS B 128 -6.21 25.31 -5.58
C LYS B 128 -4.94 25.58 -4.76
N TYR B 129 -3.77 25.34 -5.34
CA TYR B 129 -2.53 25.59 -4.63
C TYR B 129 -2.27 27.09 -4.62
N GLN B 130 -2.61 27.74 -5.74
CA GLN B 130 -2.42 29.18 -5.87
C GLN B 130 -3.20 29.89 -4.78
N THR B 131 -4.44 29.46 -4.60
CA THR B 131 -5.31 30.02 -3.58
C THR B 131 -4.57 30.05 -2.26
N VAL B 132 -4.08 28.89 -1.84
CA VAL B 132 -3.35 28.75 -0.60
C VAL B 132 -2.14 29.65 -0.48
N ILE B 133 -1.24 29.54 -1.45
CA ILE B 133 -0.02 30.33 -1.41
C ILE B 133 -0.22 31.85 -1.31
N ALA B 134 -1.11 32.39 -2.14
CA ALA B 134 -1.39 33.82 -2.13
C ALA B 134 -1.98 34.26 -0.79
N ASP B 135 -2.86 33.44 -0.23
CA ASP B 135 -3.47 33.76 1.05
C ASP B 135 -2.42 33.92 2.15
N ILE B 136 -1.40 33.05 2.14
CA ILE B 136 -0.36 33.13 3.14
C ILE B 136 0.55 34.35 2.92
N CYS B 137 0.91 34.62 1.66
CA CYS B 137 1.76 35.76 1.34
C CYS B 137 1.04 37.05 1.71
N ARG B 138 -0.26 37.07 1.50
CA ARG B 138 -1.04 38.24 1.84
C ARG B 138 -0.94 38.46 3.34
N ARG B 139 -1.50 37.52 4.09
CA ARG B 139 -1.51 37.62 5.53
C ARG B 139 -0.13 37.83 6.12
N MET B 140 0.90 37.34 5.43
CA MET B 140 2.28 37.48 5.89
C MET B 140 2.78 38.92 5.69
N GLY B 141 2.47 39.50 4.54
CA GLY B 141 2.92 40.86 4.28
C GLY B 141 2.35 41.79 5.32
N ILE B 142 1.07 41.60 5.63
CA ILE B 142 0.37 42.41 6.63
C ILE B 142 1.11 42.36 7.95
N GLY B 143 1.44 41.15 8.39
CA GLY B 143 2.14 40.98 9.65
C GLY B 143 3.51 41.64 9.64
N MET B 144 4.24 41.43 8.54
CA MET B 144 5.58 41.99 8.40
C MET B 144 5.55 43.51 8.44
N ALA B 145 4.60 44.09 7.73
CA ALA B 145 4.47 45.53 7.68
C ALA B 145 4.24 46.08 9.07
N GLU B 146 3.32 45.45 9.79
CA GLU B 146 2.97 45.91 11.11
C GLU B 146 4.11 45.80 12.15
N PHE B 147 5.22 45.17 11.79
CA PHE B 147 6.34 45.05 12.73
C PHE B 147 7.58 45.81 12.30
N LEU B 148 7.44 46.67 11.29
CA LEU B 148 8.57 47.45 10.82
C LEU B 148 8.76 48.68 11.72
N ASP B 149 7.67 49.10 12.36
CA ASP B 149 7.68 50.27 13.23
C ASP B 149 7.75 49.96 14.72
N LYS B 150 7.95 48.68 15.05
CA LYS B 150 8.03 48.25 16.44
C LYS B 150 8.87 46.98 16.61
N HIS B 151 9.53 46.85 17.76
CA HIS B 151 10.32 45.66 18.06
C HIS B 151 9.42 44.74 18.86
N VAL B 152 9.85 43.50 19.07
CA VAL B 152 9.02 42.57 19.84
C VAL B 152 9.15 42.90 21.33
N THR B 153 8.01 43.02 22.00
CA THR B 153 8.05 43.33 23.42
C THR B 153 7.82 42.09 24.27
N SER B 154 6.55 41.69 24.40
CA SER B 154 6.18 40.54 25.19
C SER B 154 6.40 39.23 24.45
N GLU B 155 6.14 38.15 25.18
CA GLU B 155 6.26 36.81 24.61
C GLU B 155 5.08 36.65 23.67
N GLN B 156 3.92 37.17 24.09
CA GLN B 156 2.72 37.13 23.27
C GLN B 156 3.00 37.78 21.93
N GLU B 157 3.79 38.85 21.96
CA GLU B 157 4.16 39.58 20.76
C GLU B 157 5.20 38.79 19.98
N TRP B 158 6.02 38.03 20.71
CA TRP B 158 7.05 37.22 20.09
C TRP B 158 6.44 36.08 19.31
N ASP B 159 5.29 35.58 19.79
CA ASP B 159 4.57 34.50 19.13
C ASP B 159 3.82 35.04 17.93
N LYS B 160 3.47 36.33 18.02
CA LYS B 160 2.72 36.99 16.95
C LYS B 160 3.62 37.21 15.76
N TYR B 161 4.82 37.71 16.00
CA TYR B 161 5.77 37.93 14.92
C TYR B 161 6.13 36.59 14.30
N CYS B 162 6.38 35.61 15.15
CA CYS B 162 6.73 34.27 14.69
C CYS B 162 5.60 33.65 13.88
N HIS B 163 4.35 33.94 14.25
CA HIS B 163 3.21 33.40 13.49
C HIS B 163 3.27 33.97 12.08
N TYR B 164 3.55 35.26 12.01
CA TYR B 164 3.62 35.97 10.75
C TYR B 164 4.74 35.56 9.81
N VAL B 165 5.85 35.04 10.32
CA VAL B 165 6.95 34.68 9.44
C VAL B 165 7.26 33.21 9.41
N ALA B 166 6.65 32.43 10.30
CA ALA B 166 6.91 30.99 10.30
C ALA B 166 5.62 30.21 10.48
N GLY B 167 4.81 30.62 11.45
CA GLY B 167 3.55 29.93 11.71
C GLY B 167 2.66 29.78 10.49
N LEU B 168 2.53 30.85 9.70
CA LEU B 168 1.70 30.81 8.51
C LEU B 168 2.31 29.90 7.46
N VAL B 169 3.64 29.81 7.46
CA VAL B 169 4.30 28.94 6.50
C VAL B 169 3.95 27.49 6.85
N GLY B 170 3.94 27.20 8.14
CA GLY B 170 3.61 25.85 8.59
C GLY B 170 2.15 25.62 8.26
N ILE B 171 1.34 26.68 8.32
CA ILE B 171 -0.07 26.55 8.01
C ILE B 171 -0.23 26.40 6.50
N GLY B 172 0.56 27.15 5.74
CA GLY B 172 0.47 27.05 4.30
C GLY B 172 0.88 25.67 3.84
N LEU B 173 2.05 25.24 4.28
CA LEU B 173 2.54 23.93 3.89
C LEU B 173 1.52 22.83 4.20
N SER B 174 0.82 22.97 5.31
CA SER B 174 -0.18 21.97 5.69
C SER B 174 -1.40 21.97 4.77
N ARG B 175 -1.91 23.17 4.46
CA ARG B 175 -3.08 23.26 3.61
C ARG B 175 -2.72 22.71 2.23
N LEU B 176 -1.44 22.81 1.86
CA LEU B 176 -1.01 22.29 0.55
C LEU B 176 -1.03 20.76 0.58
N PHE B 177 -0.46 20.18 1.64
CA PHE B 177 -0.40 18.73 1.83
C PHE B 177 -1.80 18.12 1.76
N SER B 178 -2.75 18.73 2.46
CA SER B 178 -4.13 18.25 2.48
C SER B 178 -4.81 18.43 1.13
N ALA B 179 -4.48 19.53 0.46
CA ALA B 179 -5.10 19.82 -0.83
C ALA B 179 -4.64 18.87 -1.94
N SER B 180 -3.38 18.45 -1.88
CA SER B 180 -2.81 17.54 -2.86
C SER B 180 -3.34 16.15 -2.59
N GLU B 181 -4.01 16.01 -1.45
CA GLU B 181 -4.58 14.74 -1.01
C GLU B 181 -3.54 13.70 -0.55
N PHE B 182 -2.29 14.12 -0.42
CA PHE B 182 -1.22 13.24 0.03
C PHE B 182 -1.33 13.00 1.54
N GLU B 183 -1.84 14.01 2.24
CA GLU B 183 -2.00 13.91 3.69
C GLU B 183 -3.47 14.00 4.04
N ASP B 184 -3.79 13.69 5.30
CA ASP B 184 -5.17 13.73 5.75
C ASP B 184 -5.70 15.16 5.76
N PRO B 185 -7.02 15.34 5.56
CA PRO B 185 -7.62 16.68 5.57
C PRO B 185 -7.30 17.35 6.88
N LEU B 186 -7.21 16.53 7.93
CA LEU B 186 -6.94 17.03 9.26
C LEU B 186 -5.63 17.82 9.36
N VAL B 187 -4.61 17.40 8.62
CA VAL B 187 -3.32 18.06 8.69
C VAL B 187 -3.44 19.56 8.46
N GLY B 188 -4.19 19.92 7.42
CA GLY B 188 -4.38 21.33 7.09
C GLY B 188 -5.44 22.05 7.91
N GLU B 189 -6.31 21.31 8.58
CA GLU B 189 -7.34 21.93 9.40
C GLU B 189 -6.81 22.37 10.76
N ASP B 190 -5.98 21.54 11.37
CA ASP B 190 -5.45 21.86 12.68
C ASP B 190 -4.33 22.88 12.56
N THR B 191 -4.72 24.16 12.43
CA THR B 191 -3.77 25.26 12.29
C THR B 191 -2.89 25.58 13.50
N GLU B 192 -3.39 25.28 14.71
CA GLU B 192 -2.61 25.55 15.91
C GLU B 192 -1.33 24.70 15.91
N ARG B 193 -1.47 23.43 15.53
CA ARG B 193 -0.33 22.51 15.47
C ARG B 193 0.58 22.93 14.32
N ALA B 194 -0.03 23.25 13.17
CA ALA B 194 0.74 23.71 12.03
C ALA B 194 1.52 24.95 12.48
N ASN B 195 0.84 25.81 13.21
CA ASN B 195 1.46 27.03 13.70
C ASN B 195 2.71 26.73 14.54
N SER B 196 2.60 25.71 15.40
CA SER B 196 3.70 25.32 16.27
C SER B 196 4.90 24.77 15.53
N MET B 197 4.69 24.11 14.40
CA MET B 197 5.81 23.58 13.63
C MET B 197 6.70 24.73 13.20
N GLY B 198 6.09 25.85 12.84
CA GLY B 198 6.85 27.00 12.39
C GLY B 198 7.39 27.86 13.52
N LEU B 199 6.64 27.97 14.62
CA LEU B 199 7.09 28.78 15.74
C LEU B 199 8.33 28.13 16.34
N PHE B 200 8.28 26.82 16.53
CA PHE B 200 9.42 26.13 17.11
C PHE B 200 10.68 26.41 16.30
N LEU B 201 10.53 26.52 14.99
CA LEU B 201 11.66 26.78 14.13
C LEU B 201 12.20 28.19 14.29
N GLN B 202 11.33 29.18 14.12
CA GLN B 202 11.78 30.57 14.27
C GLN B 202 12.50 30.78 15.60
N LYS B 203 11.76 30.63 16.68
CA LYS B 203 12.32 30.80 18.02
C LYS B 203 13.70 30.17 18.09
N THR B 204 13.87 29.04 17.42
CA THR B 204 15.17 28.39 17.43
C THR B 204 16.15 29.27 16.68
N ASN B 205 15.99 29.36 15.37
CA ASN B 205 16.90 30.16 14.54
C ASN B 205 17.17 31.52 15.15
N ILE B 206 16.18 32.08 15.83
CA ILE B 206 16.35 33.38 16.47
C ILE B 206 17.37 33.21 17.59
N ILE B 207 17.05 32.36 18.56
CA ILE B 207 17.91 32.10 19.69
C ILE B 207 19.36 31.79 19.30
N ARG B 208 19.55 31.19 18.13
CA ARG B 208 20.87 30.84 17.64
C ARG B 208 21.55 31.95 16.85
N ASP B 209 20.74 32.78 16.20
CA ASP B 209 21.28 33.88 15.40
C ASP B 209 21.32 35.21 16.16
N TYR B 210 21.34 35.15 17.48
CA TYR B 210 21.39 36.33 18.30
C TYR B 210 22.48 37.29 17.86
N LEU B 211 23.71 36.79 17.87
CA LEU B 211 24.88 37.60 17.51
C LEU B 211 24.85 38.17 16.10
N GLU B 212 24.64 37.31 15.11
CA GLU B 212 24.61 37.74 13.71
C GLU B 212 23.49 38.77 13.50
N ASP B 213 22.32 38.49 14.06
CA ASP B 213 21.20 39.42 13.93
C ASP B 213 21.46 40.68 14.74
N GLN B 214 22.43 40.60 15.64
CA GLN B 214 22.78 41.74 16.50
C GLN B 214 23.59 42.75 15.70
N GLN B 215 24.70 42.28 15.14
CA GLN B 215 25.57 43.14 14.36
C GLN B 215 24.89 43.53 13.06
N GLY B 216 23.62 43.19 12.94
CA GLY B 216 22.88 43.53 11.74
C GLY B 216 21.91 44.67 11.98
N GLY B 217 21.78 45.05 13.26
CA GLY B 217 20.89 46.14 13.61
C GLY B 217 19.48 45.69 13.89
N ARG B 218 19.25 44.39 13.77
CA ARG B 218 17.93 43.81 14.01
C ARG B 218 17.86 43.11 15.37
N GLU B 219 16.76 43.35 16.09
CA GLU B 219 16.55 42.73 17.40
C GLU B 219 15.26 41.93 17.41
N PHE B 220 15.37 40.64 17.72
CA PHE B 220 14.21 39.74 17.74
C PHE B 220 13.83 39.16 19.10
N TRP B 221 14.74 39.19 20.06
CA TRP B 221 14.44 38.68 21.38
C TRP B 221 13.39 39.58 22.01
N PRO B 222 12.35 38.99 22.61
CA PRO B 222 11.29 39.80 23.23
C PRO B 222 11.82 40.76 24.31
N GLN B 223 11.51 42.05 24.13
CA GLN B 223 11.95 43.08 25.07
C GLN B 223 11.71 42.70 26.52
N GLU B 224 10.53 42.17 26.82
CA GLU B 224 10.17 41.79 28.18
C GLU B 224 11.03 40.72 28.83
N VAL B 225 11.85 40.02 28.05
CA VAL B 225 12.69 38.99 28.64
C VAL B 225 14.07 39.54 28.96
N TRP B 226 14.78 40.03 27.94
CA TRP B 226 16.11 40.56 28.15
C TRP B 226 16.08 41.88 28.94
N SER B 227 14.95 42.58 28.91
CA SER B 227 14.82 43.86 29.61
C SER B 227 15.07 43.70 31.11
N ARG B 228 14.78 42.52 31.63
CA ARG B 228 15.02 42.26 33.05
C ARG B 228 16.28 41.41 33.23
N TYR B 229 17.29 41.72 32.41
CA TYR B 229 18.59 41.06 32.45
C TYR B 229 19.60 42.16 32.17
N VAL B 230 19.19 43.12 31.35
CA VAL B 230 20.03 44.26 30.98
C VAL B 230 19.14 45.39 30.51
N LYS B 231 19.77 46.43 29.97
CA LYS B 231 19.06 47.59 29.45
C LYS B 231 19.02 47.49 27.93
N LYS B 232 20.10 46.99 27.35
CA LYS B 232 20.22 46.84 25.90
C LYS B 232 20.46 45.40 25.48
N LEU B 233 19.67 44.89 24.54
CA LEU B 233 19.86 43.53 24.07
C LEU B 233 21.32 43.34 23.68
N GLY B 234 21.87 44.37 23.04
CA GLY B 234 23.26 44.30 22.62
C GLY B 234 24.22 44.00 23.74
N ASP B 235 23.82 44.31 24.97
CA ASP B 235 24.65 44.07 26.14
C ASP B 235 25.22 42.65 26.20
N PHE B 236 24.37 41.65 25.94
CA PHE B 236 24.80 40.26 25.98
C PHE B 236 26.02 39.99 25.12
N ALA B 237 26.26 40.82 24.12
CA ALA B 237 27.42 40.62 23.25
C ALA B 237 28.66 41.06 24.02
N LEU B 238 28.43 41.77 25.13
CA LEU B 238 29.52 42.28 25.98
C LEU B 238 30.12 41.19 26.86
N PRO B 239 31.36 40.77 26.56
CA PRO B 239 32.04 39.74 27.34
C PRO B 239 32.24 40.17 28.78
N GLU B 240 31.18 40.11 29.58
CA GLU B 240 31.25 40.50 30.99
C GLU B 240 29.96 40.13 31.67
N ASN B 241 28.85 40.41 30.99
CA ASN B 241 27.53 40.09 31.49
C ASN B 241 27.10 38.81 30.80
N ILE B 242 28.09 38.10 30.26
CA ILE B 242 27.89 36.84 29.56
C ILE B 242 27.02 35.93 30.40
N ASP B 243 27.24 35.92 31.71
CA ASP B 243 26.45 35.07 32.58
C ASP B 243 25.02 35.56 32.67
N LEU B 244 24.80 36.82 32.32
CA LEU B 244 23.45 37.38 32.35
C LEU B 244 22.74 36.90 31.10
N ALA B 245 23.52 36.81 30.03
CA ALA B 245 23.01 36.38 28.75
C ALA B 245 22.49 34.95 28.82
N VAL B 246 23.39 34.02 29.12
CA VAL B 246 23.04 32.61 29.22
C VAL B 246 21.73 32.43 29.97
N GLN B 247 21.57 33.13 31.08
CA GLN B 247 20.35 33.00 31.85
C GLN B 247 19.15 33.30 30.97
N CYS B 248 19.27 34.34 30.16
CA CYS B 248 18.19 34.73 29.26
C CYS B 248 18.08 33.64 28.20
N LEU B 249 19.21 33.34 27.57
CA LEU B 249 19.25 32.31 26.55
C LEU B 249 18.46 31.09 27.02
N ASN B 250 18.76 30.63 28.22
CA ASN B 250 18.08 29.48 28.79
C ASN B 250 16.61 29.73 29.08
N GLU B 251 16.23 30.97 29.33
CA GLU B 251 14.82 31.27 29.61
C GLU B 251 14.00 31.23 28.33
N LEU B 252 14.59 31.70 27.23
CA LEU B 252 13.94 31.70 25.94
C LEU B 252 13.83 30.27 25.42
N ILE B 253 14.93 29.53 25.49
CA ILE B 253 14.92 28.14 25.06
C ILE B 253 13.78 27.42 25.79
N THR B 254 13.59 27.74 27.08
CA THR B 254 12.52 27.11 27.84
C THR B 254 11.21 27.48 27.19
N ASN B 255 11.16 28.69 26.66
CA ASN B 255 9.96 29.17 25.98
C ASN B 255 9.67 28.25 24.80
N ALA B 256 10.71 28.05 23.98
CA ALA B 256 10.64 27.22 22.79
C ALA B 256 10.16 25.80 23.05
N LEU B 257 10.85 25.10 23.94
CA LEU B 257 10.49 23.73 24.23
C LEU B 257 8.99 23.45 24.38
N HIS B 258 8.21 24.43 24.80
CA HIS B 258 6.77 24.19 24.98
C HIS B 258 6.06 23.81 23.69
N HIS B 259 6.75 23.95 22.56
CA HIS B 259 6.17 23.65 21.27
C HIS B 259 6.26 22.18 20.84
N ILE B 260 7.23 21.48 21.40
CA ILE B 260 7.47 20.08 21.09
C ILE B 260 6.23 19.19 21.15
N PRO B 261 5.45 19.27 22.24
CA PRO B 261 4.26 18.43 22.33
C PRO B 261 3.42 18.53 21.06
N ASP B 262 3.42 19.72 20.46
CA ASP B 262 2.67 19.98 19.25
C ASP B 262 3.37 19.46 18.01
N VAL B 263 4.69 19.64 17.97
CA VAL B 263 5.45 19.14 16.82
C VAL B 263 5.22 17.63 16.72
N ILE B 264 5.33 16.94 17.85
CA ILE B 264 5.12 15.51 17.88
C ILE B 264 3.70 15.16 17.45
N THR B 265 2.71 15.83 18.00
CA THR B 265 1.34 15.55 17.61
C THR B 265 1.16 15.76 16.11
N TYR B 266 1.78 16.81 15.60
CA TYR B 266 1.70 17.14 14.17
C TYR B 266 2.33 16.07 13.30
N LEU B 267 3.57 15.72 13.63
CA LEU B 267 4.31 14.71 12.88
C LEU B 267 3.69 13.33 12.99
N SER B 268 2.98 13.06 14.07
CA SER B 268 2.37 11.75 14.25
C SER B 268 1.11 11.51 13.40
N ARG B 269 0.70 12.52 12.62
CA ARG B 269 -0.47 12.37 11.76
C ARG B 269 -0.06 12.16 10.31
N LEU B 270 1.15 12.57 9.98
CA LEU B 270 1.66 12.43 8.64
C LEU B 270 1.61 10.96 8.27
N ARG B 271 1.40 10.68 6.98
CA ARG B 271 1.34 9.31 6.48
C ARG B 271 2.13 9.13 5.18
N ASN B 272 2.43 10.25 4.51
CA ASN B 272 3.21 10.21 3.27
C ASN B 272 4.68 10.32 3.64
N GLN B 273 5.46 9.31 3.27
CA GLN B 273 6.87 9.28 3.59
C GLN B 273 7.70 10.50 3.19
N SER B 274 7.50 10.98 1.97
CA SER B 274 8.27 12.12 1.51
C SER B 274 7.93 13.37 2.28
N VAL B 275 6.67 13.43 2.72
CA VAL B 275 6.20 14.58 3.46
C VAL B 275 6.77 14.54 4.88
N PHE B 276 6.80 13.34 5.46
CA PHE B 276 7.33 13.16 6.81
C PHE B 276 8.77 13.61 6.80
N ASN B 277 9.52 13.11 5.82
CA ASN B 277 10.93 13.46 5.68
C ASN B 277 11.06 14.98 5.72
N PHE B 278 10.25 15.63 4.90
CA PHE B 278 10.25 17.08 4.79
C PHE B 278 9.98 17.78 6.12
N CYS B 279 9.06 17.24 6.90
CA CYS B 279 8.71 17.83 8.18
C CYS B 279 9.56 17.46 9.40
N ALA B 280 9.86 16.18 9.58
CA ALA B 280 10.63 15.76 10.74
C ALA B 280 12.04 16.34 10.74
N ILE B 281 12.78 16.11 9.67
CA ILE B 281 14.15 16.58 9.59
C ILE B 281 14.40 17.97 10.19
N PRO B 282 13.77 19.03 9.66
CA PRO B 282 13.97 20.38 10.18
C PRO B 282 13.72 20.51 11.68
N GLN B 283 12.59 19.96 12.15
CA GLN B 283 12.24 20.00 13.56
C GLN B 283 13.33 19.35 14.40
N VAL B 284 13.84 18.23 13.90
CA VAL B 284 14.89 17.49 14.59
C VAL B 284 16.19 18.28 14.64
N MET B 285 16.50 19.00 13.57
CA MET B 285 17.72 19.80 13.59
C MET B 285 17.52 20.95 14.55
N ALA B 286 16.29 21.45 14.59
CA ALA B 286 15.96 22.55 15.47
C ALA B 286 16.19 22.16 16.93
N ILE B 287 15.66 21.00 17.34
CA ILE B 287 15.84 20.57 18.71
C ILE B 287 17.30 20.29 19.02
N ALA B 288 18.02 19.73 18.06
CA ALA B 288 19.43 19.44 18.24
C ALA B 288 20.15 20.76 18.50
N THR B 289 19.76 21.79 17.77
CA THR B 289 20.35 23.10 17.92
C THR B 289 20.05 23.70 19.31
N LEU B 290 18.82 23.56 19.78
CA LEU B 290 18.46 24.09 21.10
C LEU B 290 19.31 23.39 22.16
N ALA B 291 19.53 22.09 21.97
CA ALA B 291 20.32 21.32 22.91
C ALA B 291 21.74 21.89 22.92
N ALA B 292 22.31 22.05 21.73
CA ALA B 292 23.67 22.57 21.61
C ALA B 292 23.80 23.92 22.29
N CYS B 293 22.82 24.79 22.07
CA CYS B 293 22.85 26.13 22.63
C CYS B 293 22.57 26.21 24.12
N TYR B 294 21.73 25.31 24.64
CA TYR B 294 21.39 25.37 26.06
C TYR B 294 22.58 25.55 26.99
N ASN B 295 22.50 26.59 27.83
CA ASN B 295 23.53 26.90 28.81
C ASN B 295 24.90 27.08 28.15
N ASN B 296 24.91 27.27 26.83
CA ASN B 296 26.15 27.47 26.10
C ASN B 296 26.42 28.96 25.99
N GLN B 297 27.60 29.38 26.44
CA GLN B 297 27.97 30.79 26.39
C GLN B 297 28.36 31.23 24.99
N GLN B 298 28.75 30.28 24.16
CA GLN B 298 29.17 30.58 22.79
C GLN B 298 28.09 31.17 21.90
N VAL B 299 26.82 31.00 22.28
CA VAL B 299 25.73 31.57 21.50
C VAL B 299 26.01 33.06 21.35
N PHE B 300 26.70 33.60 22.37
CA PHE B 300 27.05 35.00 22.43
C PHE B 300 28.50 35.31 22.04
N LYS B 301 29.16 34.38 21.36
CA LYS B 301 30.56 34.60 20.98
C LYS B 301 30.94 34.04 19.61
N GLY B 302 30.12 33.13 19.08
CA GLY B 302 30.42 32.56 17.79
C GLY B 302 29.29 31.76 17.19
N ALA B 303 29.64 30.82 16.32
CA ALA B 303 28.65 29.96 15.67
C ALA B 303 28.60 28.60 16.37
N VAL B 304 27.61 28.42 17.23
CA VAL B 304 27.45 27.16 17.95
C VAL B 304 27.20 26.06 16.95
N LEU B 305 28.09 25.06 16.91
CA LEU B 305 27.91 23.97 15.98
C LEU B 305 27.18 22.78 16.63
N ILE B 306 26.46 22.04 15.81
CA ILE B 306 25.69 20.89 16.27
C ILE B 306 26.55 19.69 16.65
N ARG B 307 26.46 19.30 17.92
CA ARG B 307 27.21 18.16 18.46
C ARG B 307 26.51 16.83 18.12
N LEU B 308 27.12 15.72 18.53
CA LEU B 308 26.59 14.38 18.27
C LEU B 308 25.52 13.90 19.26
N GLY B 309 24.87 12.80 18.91
CA GLY B 309 23.84 12.24 19.77
C GLY B 309 24.20 10.81 20.12
N GLN B 310 23.93 10.41 21.36
CA GLN B 310 24.22 9.04 21.84
C GLN B 310 24.23 8.00 20.73
N ALA B 311 25.05 6.95 20.93
CA ALA B 311 25.16 5.88 19.96
C ALA B 311 23.79 5.36 19.50
N VAL B 312 22.76 5.62 20.29
CA VAL B 312 21.41 5.17 19.94
C VAL B 312 20.70 6.14 18.99
N THR B 313 21.20 7.39 18.95
CA THR B 313 20.64 8.41 18.06
C THR B 313 21.15 8.15 16.65
N LEU B 314 22.45 7.92 16.57
CA LEU B 314 23.14 7.66 15.31
C LEU B 314 22.70 6.35 14.66
N MET B 315 21.99 5.52 15.44
CA MET B 315 21.50 4.23 14.97
C MET B 315 20.21 4.40 14.19
N MET B 316 19.59 5.57 14.34
CA MET B 316 18.33 5.83 13.67
C MET B 316 18.42 7.02 12.73
N ASP B 317 17.27 7.34 12.13
CA ASP B 317 17.15 8.45 11.22
C ASP B 317 15.74 8.98 11.39
N ALA B 318 15.53 10.26 11.10
CA ALA B 318 14.21 10.82 11.26
C ALA B 318 13.33 10.46 10.08
N THR B 319 12.91 9.21 9.98
CA THR B 319 12.06 8.78 8.86
C THR B 319 10.81 8.01 9.29
N ASN B 320 10.79 7.57 10.56
CA ASN B 320 9.61 6.90 11.10
C ASN B 320 9.27 7.68 12.37
N MET B 321 8.03 7.62 12.83
CA MET B 321 7.62 8.37 14.01
C MET B 321 8.28 7.96 15.33
N PRO B 322 8.44 6.65 15.59
CA PRO B 322 9.07 6.23 16.85
C PRO B 322 10.51 6.67 16.96
N ALA B 323 11.23 6.68 15.84
CA ALA B 323 12.63 7.09 15.85
C ALA B 323 12.72 8.58 16.19
N VAL B 324 11.89 9.38 15.54
CA VAL B 324 11.86 10.83 15.76
C VAL B 324 11.61 11.10 17.25
N LYS B 325 10.59 10.46 17.80
CA LYS B 325 10.27 10.62 19.20
C LYS B 325 11.50 10.28 20.03
N ALA B 326 12.18 9.20 19.65
CA ALA B 326 13.39 8.79 20.37
C ALA B 326 14.43 9.91 20.29
N ILE B 327 14.89 10.22 19.07
CA ILE B 327 15.90 11.26 18.87
C ILE B 327 15.58 12.53 19.69
N ILE B 328 14.33 12.97 19.60
CA ILE B 328 13.89 14.16 20.32
C ILE B 328 14.08 13.96 21.82
N TYR B 329 13.58 12.85 22.35
CA TYR B 329 13.71 12.58 23.78
C TYR B 329 15.18 12.60 24.20
N GLN B 330 16.03 12.04 23.37
CA GLN B 330 17.43 12.05 23.68
C GLN B 330 17.89 13.48 23.84
N TYR B 331 17.62 14.32 22.85
CA TYR B 331 18.03 15.72 22.93
C TYR B 331 17.40 16.40 24.14
N MET B 332 16.29 15.88 24.62
CA MET B 332 15.64 16.47 25.78
C MET B 332 16.54 16.27 26.98
N GLU B 333 17.06 15.05 27.13
CA GLU B 333 17.94 14.72 28.23
C GLU B 333 19.19 15.56 28.25
N GLU B 334 19.81 15.72 27.09
CA GLU B 334 21.03 16.51 26.99
C GLU B 334 20.80 17.87 27.62
N ILE B 335 19.56 18.34 27.58
CA ILE B 335 19.22 19.61 28.18
C ILE B 335 18.89 19.40 29.65
N TYR B 336 18.00 18.46 29.93
CA TYR B 336 17.55 18.18 31.29
C TYR B 336 18.61 17.98 32.37
N HIS B 337 19.70 17.29 32.08
CA HIS B 337 20.69 17.09 33.13
C HIS B 337 21.85 18.08 33.08
N ARG B 338 21.59 19.23 32.48
CA ARG B 338 22.59 20.29 32.40
C ARG B 338 22.02 21.54 33.03
N ILE B 339 20.73 21.49 33.35
CA ILE B 339 20.04 22.61 33.97
C ILE B 339 20.62 22.91 35.36
N PRO B 340 21.32 24.04 35.51
CA PRO B 340 21.90 24.37 36.82
C PRO B 340 20.79 24.86 37.75
N ASP B 341 20.83 24.43 39.01
CA ASP B 341 19.83 24.86 39.98
C ASP B 341 19.97 26.38 40.02
N SER B 342 21.22 26.83 39.94
CA SER B 342 21.54 28.24 39.99
C SER B 342 20.97 29.05 38.83
N ASN B 343 20.12 28.43 38.03
CA ASN B 343 19.50 29.12 36.91
C ASN B 343 18.08 29.53 37.28
N PRO B 344 17.69 30.76 36.90
CA PRO B 344 16.37 31.35 37.15
C PRO B 344 15.22 30.53 36.57
N SER B 345 15.54 29.76 35.54
CA SER B 345 14.55 28.96 34.84
C SER B 345 14.65 27.44 35.09
N SER B 346 15.55 27.03 35.96
CA SER B 346 15.74 25.61 36.27
C SER B 346 14.45 24.82 36.51
N SER B 347 13.48 25.43 37.16
CA SER B 347 12.22 24.74 37.45
C SER B 347 11.26 24.60 36.29
N LYS B 348 11.25 25.58 35.38
CA LYS B 348 10.36 25.51 34.22
C LYS B 348 11.01 24.65 33.15
N THR B 349 12.33 24.75 33.04
CA THR B 349 13.09 23.96 32.09
C THR B 349 12.84 22.48 32.36
N ARG B 350 12.50 22.15 33.61
CA ARG B 350 12.27 20.77 33.99
C ARG B 350 10.81 20.34 33.92
N GLN B 351 9.89 21.23 34.31
CA GLN B 351 8.47 20.88 34.24
C GLN B 351 8.07 20.56 32.81
N ILE B 352 8.61 21.32 31.87
CA ILE B 352 8.30 21.13 30.45
C ILE B 352 8.94 19.86 29.91
N ILE B 353 10.21 19.61 30.23
CA ILE B 353 10.88 18.40 29.75
C ILE B 353 10.23 17.18 30.41
N SER B 354 9.62 17.40 31.57
CA SER B 354 8.95 16.36 32.30
C SER B 354 7.61 16.07 31.62
N THR B 355 6.95 17.13 31.18
CA THR B 355 5.67 17.01 30.50
C THR B 355 5.87 16.33 29.15
N ILE B 356 7.02 16.55 28.55
CA ILE B 356 7.35 15.98 27.26
C ILE B 356 7.56 14.48 27.36
N ARG B 357 8.15 14.03 28.47
CA ARG B 357 8.41 12.61 28.68
C ARG B 357 7.16 11.80 29.00
N THR B 358 6.05 12.49 29.27
CA THR B 358 4.81 11.80 29.64
C THR B 358 3.59 12.12 28.76
N GLN B 359 3.78 12.15 27.45
CA GLN B 359 2.64 12.47 26.59
C GLN B 359 1.88 11.21 26.18
N LEU C 26 -2.15 12.34 34.15
CA LEU C 26 -0.93 13.14 34.17
C LEU C 26 -0.25 13.12 35.55
N SER C 27 -0.41 12.00 36.26
CA SER C 27 0.15 11.81 37.60
C SER C 27 1.57 12.29 37.86
N SER C 28 1.78 12.81 39.07
CA SER C 28 3.09 13.31 39.48
C SER C 28 4.01 12.14 39.77
N SER C 29 3.41 11.01 40.14
CA SER C 29 4.18 9.80 40.42
C SER C 29 4.67 9.25 39.10
N LEU C 30 3.82 9.29 38.08
CA LEU C 30 4.22 8.81 36.77
C LEU C 30 5.31 9.73 36.20
N LYS C 31 5.26 11.01 36.52
CA LYS C 31 6.30 11.90 36.03
C LYS C 31 7.59 11.59 36.77
N THR C 32 7.45 11.27 38.05
CA THR C 32 8.59 10.93 38.90
C THR C 32 9.25 9.70 38.28
N CYS C 33 8.43 8.73 37.91
CA CYS C 33 8.90 7.49 37.30
C CYS C 33 9.78 7.75 36.08
N TYR C 34 9.27 8.54 35.14
CA TYR C 34 10.03 8.84 33.93
C TYR C 34 11.28 9.66 34.23
N LYS C 35 11.29 10.36 35.37
CA LYS C 35 12.47 11.12 35.74
C LYS C 35 13.54 10.09 36.15
N TYR C 36 13.13 9.13 36.96
CA TYR C 36 14.03 8.09 37.42
C TYR C 36 14.53 7.21 36.28
N LEU C 37 13.71 7.08 35.24
CA LEU C 37 14.10 6.25 34.11
C LEU C 37 15.30 6.87 33.39
N ASN C 38 15.20 8.15 33.05
CA ASN C 38 16.28 8.86 32.35
C ASN C 38 17.52 8.99 33.23
N GLN C 39 17.32 8.82 34.53
CA GLN C 39 18.37 8.91 35.52
C GLN C 39 19.11 7.57 35.61
N THR C 40 18.34 6.49 35.59
CA THR C 40 18.89 5.16 35.72
C THR C 40 18.78 4.33 34.46
N SER C 41 18.70 4.99 33.30
CA SER C 41 18.57 4.26 32.05
C SER C 41 18.84 5.15 30.85
N ARG C 42 19.81 6.05 31.00
CA ARG C 42 20.19 6.98 29.95
C ARG C 42 20.24 6.29 28.58
N SER C 43 20.68 5.03 28.56
CA SER C 43 20.78 4.27 27.32
C SER C 43 19.46 3.91 26.62
N PHE C 44 18.54 3.25 27.32
CA PHE C 44 17.26 2.84 26.75
C PHE C 44 16.09 3.79 27.00
N ALA C 45 16.29 4.81 27.82
CA ALA C 45 15.22 5.74 28.15
C ALA C 45 14.44 6.28 26.95
N ALA C 46 15.16 6.85 25.98
CA ALA C 46 14.55 7.42 24.78
C ALA C 46 13.62 6.45 24.07
N VAL C 47 14.18 5.33 23.58
CA VAL C 47 13.41 4.32 22.87
C VAL C 47 12.23 3.76 23.64
N ILE C 48 12.36 3.72 24.96
CA ILE C 48 11.27 3.22 25.80
C ILE C 48 10.11 4.22 25.72
N GLN C 49 10.43 5.51 25.87
CA GLN C 49 9.41 6.55 25.81
C GLN C 49 8.80 6.60 24.43
N ALA C 50 9.53 6.06 23.46
CA ALA C 50 9.05 6.06 22.07
C ALA C 50 8.08 4.89 21.77
N LEU C 51 7.95 3.95 22.70
CA LEU C 51 7.06 2.82 22.49
C LEU C 51 5.60 3.26 22.38
N ASP C 52 4.79 2.49 21.65
CA ASP C 52 3.38 2.82 21.48
C ASP C 52 2.44 2.44 22.65
N GLY C 53 1.37 3.21 22.78
CA GLY C 53 0.36 3.00 23.80
C GLY C 53 0.74 2.46 25.17
N GLU C 54 0.06 1.39 25.57
CA GLU C 54 0.31 0.77 26.86
C GLU C 54 1.71 0.20 27.04
N MET C 55 2.36 -0.23 25.97
CA MET C 55 3.72 -0.78 26.11
C MET C 55 4.64 0.18 26.84
N ARG C 56 4.47 1.47 26.56
CA ARG C 56 5.29 2.50 27.15
C ARG C 56 5.42 2.41 28.67
N ASN C 57 4.36 2.80 29.38
CA ASN C 57 4.38 2.76 30.84
C ASN C 57 4.81 1.41 31.40
N ALA C 58 4.30 0.32 30.82
CA ALA C 58 4.63 -1.02 31.28
C ALA C 58 6.14 -1.25 31.23
N VAL C 59 6.76 -0.93 30.09
CA VAL C 59 8.21 -1.11 29.94
C VAL C 59 9.00 -0.14 30.81
N CYS C 60 8.40 1.00 31.14
CA CYS C 60 9.09 1.97 31.98
C CYS C 60 9.20 1.45 33.42
N ILE C 61 8.06 1.03 33.98
CA ILE C 61 8.02 0.49 35.34
C ILE C 61 8.95 -0.70 35.41
N PHE C 62 8.80 -1.62 34.46
CA PHE C 62 9.62 -2.81 34.39
C PHE C 62 11.10 -2.52 34.55
N TYR C 63 11.56 -1.47 33.88
CA TYR C 63 12.97 -1.11 34.00
C TYR C 63 13.31 -0.49 35.34
N LEU C 64 12.34 0.16 35.96
CA LEU C 64 12.57 0.77 37.25
C LEU C 64 12.68 -0.32 38.33
N VAL C 65 11.77 -1.30 38.30
CA VAL C 65 11.82 -2.35 39.29
C VAL C 65 13.00 -3.28 39.04
N LEU C 66 13.40 -3.42 37.77
CA LEU C 66 14.57 -4.25 37.47
C LEU C 66 15.82 -3.47 37.91
N ARG C 67 15.75 -2.16 37.81
CA ARG C 67 16.85 -1.27 38.21
C ARG C 67 17.03 -1.42 39.70
N ALA C 68 15.93 -1.29 40.44
CA ALA C 68 15.92 -1.38 41.90
C ALA C 68 16.51 -2.70 42.43
N LEU C 69 15.98 -3.81 41.93
CA LEU C 69 16.45 -5.13 42.33
C LEU C 69 17.96 -5.25 42.08
N ASP C 70 18.40 -4.76 40.93
CA ASP C 70 19.81 -4.82 40.56
C ASP C 70 20.62 -3.95 41.50
N THR C 71 20.02 -2.84 41.93
CA THR C 71 20.69 -1.92 42.83
C THR C 71 20.98 -2.58 44.17
N LEU C 72 20.04 -3.42 44.64
CA LEU C 72 20.23 -4.12 45.89
C LEU C 72 21.33 -5.16 45.72
N GLU C 73 21.27 -5.88 44.59
CA GLU C 73 22.25 -6.90 44.29
C GLU C 73 23.65 -6.30 44.26
N ASP C 74 23.80 -5.24 43.48
CA ASP C 74 25.07 -4.57 43.33
C ASP C 74 25.65 -4.06 44.65
N ASP C 75 24.77 -3.64 45.55
CA ASP C 75 25.18 -3.09 46.82
C ASP C 75 25.98 -4.04 47.71
N MET C 76 27.28 -3.77 47.82
CA MET C 76 28.18 -4.61 48.62
C MET C 76 28.12 -4.40 50.14
N THR C 77 27.52 -3.29 50.59
CA THR C 77 27.43 -3.03 52.02
C THR C 77 26.29 -3.79 52.70
N ILE C 78 25.37 -4.33 51.91
CA ILE C 78 24.25 -5.08 52.46
C ILE C 78 24.72 -6.52 52.69
N SER C 79 24.63 -6.96 53.94
CA SER C 79 25.06 -8.31 54.28
C SER C 79 24.27 -9.37 53.55
N VAL C 80 24.92 -10.48 53.24
CA VAL C 80 24.25 -11.58 52.56
C VAL C 80 23.02 -11.96 53.36
N GLU C 81 23.12 -11.84 54.67
CA GLU C 81 21.99 -12.17 55.55
C GLU C 81 20.77 -11.29 55.28
N LYS C 82 20.99 -10.02 54.94
CA LYS C 82 19.88 -9.10 54.66
C LYS C 82 19.54 -9.11 53.18
N LYS C 83 20.55 -9.34 52.35
CA LYS C 83 20.39 -9.34 50.91
C LYS C 83 19.57 -10.51 50.34
N VAL C 84 19.79 -11.72 50.87
CA VAL C 84 19.06 -12.86 50.36
C VAL C 84 17.55 -12.66 50.47
N PRO C 85 17.03 -12.40 51.68
CA PRO C 85 15.58 -12.20 51.73
C PRO C 85 15.12 -11.02 50.86
N LEU C 86 15.96 -10.01 50.72
CA LEU C 86 15.63 -8.86 49.90
C LEU C 86 15.41 -9.28 48.45
N LEU C 87 16.36 -10.05 47.90
CA LEU C 87 16.24 -10.51 46.52
C LEU C 87 15.06 -11.44 46.34
N HIS C 88 14.92 -12.40 47.24
CA HIS C 88 13.85 -13.38 47.21
C HIS C 88 12.47 -12.79 47.30
N ASN C 89 12.27 -11.79 48.15
CA ASN C 89 10.96 -11.20 48.31
C ASN C 89 10.68 -9.96 47.51
N PHE C 90 11.65 -9.50 46.72
CA PHE C 90 11.46 -8.28 45.94
C PHE C 90 10.14 -8.22 45.19
N HIS C 91 9.79 -9.30 44.49
CA HIS C 91 8.56 -9.33 43.72
C HIS C 91 7.31 -9.11 44.58
N SER C 92 7.43 -9.35 45.88
CA SER C 92 6.28 -9.14 46.74
C SER C 92 6.22 -7.70 47.24
N PHE C 93 7.35 -6.99 47.19
CA PHE C 93 7.37 -5.59 47.62
C PHE C 93 6.52 -4.72 46.70
N LEU C 94 6.31 -5.20 45.48
CA LEU C 94 5.52 -4.48 44.47
C LEU C 94 4.06 -4.32 44.87
N TYR C 95 3.61 -5.04 45.89
CA TYR C 95 2.21 -4.91 46.29
C TYR C 95 2.12 -4.36 47.70
N GLN C 96 3.26 -4.04 48.28
CA GLN C 96 3.30 -3.48 49.62
C GLN C 96 3.49 -1.97 49.48
N PRO C 97 2.37 -1.25 49.37
CA PRO C 97 2.28 0.20 49.21
C PRO C 97 3.32 1.03 49.92
N ASP C 98 3.74 0.59 51.09
CA ASP C 98 4.70 1.36 51.87
C ASP C 98 6.11 0.81 51.95
N TRP C 99 6.42 -0.24 51.19
CA TRP C 99 7.77 -0.77 51.27
C TRP C 99 8.79 0.22 50.69
N ARG C 100 10.00 0.19 51.24
CA ARG C 100 11.08 1.07 50.80
C ARG C 100 12.41 0.63 51.42
N PHE C 101 13.51 0.95 50.76
CA PHE C 101 14.81 0.59 51.30
C PHE C 101 15.65 1.84 51.42
N MET C 102 15.82 2.32 52.64
CA MET C 102 16.57 3.54 52.88
C MET C 102 18.04 3.30 53.21
N GLU C 103 18.46 2.04 53.25
CA GLU C 103 19.84 1.71 53.60
C GLU C 103 20.82 1.46 52.47
N SER C 104 20.44 1.72 51.23
CA SER C 104 21.37 1.47 50.14
C SER C 104 22.42 2.57 50.07
N LYS C 105 23.56 2.23 49.50
CA LYS C 105 24.66 3.17 49.38
C LYS C 105 25.09 3.28 47.93
N GLU C 106 24.30 2.68 47.04
CA GLU C 106 24.60 2.71 45.62
C GLU C 106 24.16 4.07 45.09
N LYS C 107 24.30 4.30 43.78
CA LYS C 107 23.93 5.58 43.20
C LYS C 107 22.49 5.68 42.68
N ASP C 108 21.96 4.59 42.14
CA ASP C 108 20.60 4.64 41.62
C ASP C 108 19.59 4.34 42.73
N ARG C 109 20.06 4.32 43.96
CA ARG C 109 19.22 4.01 45.10
C ARG C 109 17.96 4.85 45.30
N GLN C 110 17.80 5.96 44.58
CA GLN C 110 16.62 6.77 44.78
C GLN C 110 15.36 6.00 44.40
N VAL C 111 15.53 4.95 43.61
CA VAL C 111 14.40 4.13 43.18
C VAL C 111 13.97 3.22 44.32
N LEU C 112 14.86 3.01 45.28
CA LEU C 112 14.58 2.17 46.43
C LEU C 112 14.00 3.00 47.57
N GLU C 113 14.53 4.21 47.76
CA GLU C 113 14.06 5.09 48.82
C GLU C 113 12.66 5.64 48.51
N ASP C 114 12.31 5.70 47.23
CA ASP C 114 10.98 6.17 46.83
C ASP C 114 10.27 5.10 46.01
N PHE C 115 10.50 3.85 46.40
CA PHE C 115 9.89 2.72 45.73
C PHE C 115 8.37 2.80 45.79
N PRO C 116 7.81 3.40 46.84
CA PRO C 116 6.36 3.46 46.87
C PRO C 116 5.77 4.11 45.62
N THR C 117 6.44 5.13 45.11
CA THR C 117 5.97 5.82 43.92
C THR C 117 5.98 4.88 42.72
N ILE C 118 7.08 4.17 42.57
CA ILE C 118 7.23 3.26 41.46
C ILE C 118 6.24 2.11 41.59
N SER C 119 6.08 1.57 42.79
CA SER C 119 5.17 0.47 43.00
C SER C 119 3.73 0.92 42.83
N LEU C 120 3.46 2.19 43.09
CA LEU C 120 2.09 2.69 42.94
C LEU C 120 1.70 2.63 41.48
N GLU C 121 2.63 3.02 40.61
CA GLU C 121 2.39 2.99 39.17
C GLU C 121 2.37 1.55 38.67
N PHE C 122 3.09 0.66 39.35
CA PHE C 122 3.10 -0.75 38.96
C PHE C 122 1.71 -1.35 39.14
N ARG C 123 1.15 -1.18 40.33
CA ARG C 123 -0.18 -1.70 40.64
C ARG C 123 -1.22 -0.93 39.85
N ASN C 124 -0.74 0.01 39.06
CA ASN C 124 -1.60 0.86 38.23
C ASN C 124 -1.79 0.28 36.83
N LEU C 125 -0.81 -0.49 36.37
CA LEU C 125 -0.86 -1.12 35.05
C LEU C 125 -1.98 -2.16 35.01
N ALA C 126 -2.28 -2.65 33.82
CA ALA C 126 -3.30 -3.67 33.65
C ALA C 126 -2.80 -4.99 34.24
N GLU C 127 -3.66 -5.68 34.98
CA GLU C 127 -3.28 -6.94 35.60
C GLU C 127 -2.38 -7.82 34.75
N LYS C 128 -2.57 -7.81 33.45
CA LYS C 128 -1.76 -8.65 32.57
C LYS C 128 -0.26 -8.30 32.59
N TYR C 129 0.08 -7.02 32.67
CA TYR C 129 1.47 -6.63 32.73
C TYR C 129 2.01 -6.95 34.12
N GLN C 130 1.25 -6.58 35.13
CA GLN C 130 1.63 -6.83 36.51
C GLN C 130 2.08 -8.28 36.66
N THR C 131 1.40 -9.18 35.96
CA THR C 131 1.71 -10.59 36.01
C THR C 131 3.12 -10.89 35.50
N VAL C 132 3.44 -10.38 34.31
CA VAL C 132 4.75 -10.62 33.73
C VAL C 132 5.88 -10.08 34.59
N ILE C 133 5.82 -8.79 34.88
CA ILE C 133 6.83 -8.13 35.68
C ILE C 133 7.09 -8.85 37.00
N ALA C 134 6.04 -9.08 37.77
CA ALA C 134 6.19 -9.77 39.05
C ALA C 134 6.86 -11.12 38.87
N ASP C 135 6.42 -11.85 37.86
CA ASP C 135 6.97 -13.17 37.59
C ASP C 135 8.47 -13.12 37.30
N ILE C 136 8.91 -12.11 36.57
CA ILE C 136 10.31 -11.98 36.25
C ILE C 136 11.08 -11.62 37.51
N CYS C 137 10.54 -10.69 38.29
CA CYS C 137 11.15 -10.27 39.54
C CYS C 137 11.30 -11.43 40.52
N ARG C 138 10.29 -12.30 40.55
CA ARG C 138 10.32 -13.46 41.44
C ARG C 138 11.40 -14.46 41.01
N ARG C 139 11.58 -14.63 39.70
CA ARG C 139 12.57 -15.56 39.18
C ARG C 139 13.96 -14.95 39.16
N MET C 140 14.05 -13.65 38.87
CA MET C 140 15.33 -12.98 38.82
C MET C 140 15.91 -12.90 40.25
N GLY C 141 15.06 -12.60 41.22
CA GLY C 141 15.51 -12.54 42.61
C GLY C 141 16.07 -13.87 43.08
N ILE C 142 15.34 -14.94 42.82
CA ILE C 142 15.78 -16.27 43.21
C ILE C 142 17.18 -16.53 42.63
N GLY C 143 17.28 -16.40 41.31
CA GLY C 143 18.54 -16.62 40.62
C GLY C 143 19.65 -15.73 41.13
N MET C 144 19.41 -14.43 41.23
CA MET C 144 20.45 -13.53 41.72
C MET C 144 20.94 -14.00 43.08
N ALA C 145 20.07 -14.62 43.86
CA ALA C 145 20.43 -15.13 45.16
C ALA C 145 21.43 -16.29 45.13
N GLU C 146 21.27 -17.23 44.19
CA GLU C 146 22.18 -18.37 44.13
C GLU C 146 23.60 -17.92 43.89
N PHE C 147 23.77 -16.98 42.97
CA PHE C 147 25.10 -16.51 42.62
C PHE C 147 25.73 -15.50 43.55
N LEU C 148 25.08 -15.21 44.68
CA LEU C 148 25.68 -14.24 45.58
C LEU C 148 27.03 -14.74 46.09
N ASP C 149 27.11 -16.03 46.38
CA ASP C 149 28.35 -16.61 46.90
C ASP C 149 29.12 -17.47 45.90
N LYS C 150 28.79 -17.40 44.61
CA LYS C 150 29.51 -18.20 43.63
C LYS C 150 29.93 -17.47 42.37
N HIS C 151 30.85 -18.09 41.63
CA HIS C 151 31.37 -17.57 40.38
C HIS C 151 30.81 -18.45 39.28
N VAL C 152 31.07 -18.08 38.04
CA VAL C 152 30.58 -18.88 36.92
C VAL C 152 31.68 -19.90 36.61
N THR C 153 31.31 -21.16 36.62
CA THR C 153 32.26 -22.21 36.35
C THR C 153 32.16 -22.75 34.93
N SER C 154 31.11 -23.52 34.67
CA SER C 154 30.88 -24.11 33.37
C SER C 154 30.30 -23.11 32.40
N GLU C 155 30.27 -23.47 31.13
CA GLU C 155 29.68 -22.61 30.13
C GLU C 155 28.18 -22.65 30.39
N GLN C 156 27.74 -23.73 31.04
CA GLN C 156 26.34 -23.93 31.38
C GLN C 156 25.95 -22.93 32.46
N GLU C 157 26.85 -22.72 33.41
CA GLU C 157 26.57 -21.77 34.47
C GLU C 157 26.62 -20.37 33.92
N TRP C 158 27.23 -20.20 32.75
CA TRP C 158 27.31 -18.88 32.14
C TRP C 158 25.94 -18.57 31.53
N ASP C 159 25.31 -19.58 30.95
CA ASP C 159 23.98 -19.40 30.36
C ASP C 159 22.93 -19.28 31.46
N LYS C 160 23.26 -19.81 32.63
CA LYS C 160 22.39 -19.78 33.80
C LYS C 160 22.37 -18.37 34.38
N TYR C 161 23.56 -17.82 34.61
CA TYR C 161 23.69 -16.48 35.15
C TYR C 161 23.08 -15.47 34.19
N CYS C 162 23.49 -15.55 32.93
CA CYS C 162 22.98 -14.62 31.93
C CYS C 162 21.47 -14.70 31.83
N HIS C 163 20.92 -15.90 31.96
CA HIS C 163 19.48 -16.06 31.91
C HIS C 163 18.86 -15.29 33.08
N TYR C 164 19.45 -15.44 34.27
CA TYR C 164 18.95 -14.79 35.47
C TYR C 164 18.99 -13.27 35.42
N VAL C 165 19.98 -12.71 34.74
CA VAL C 165 20.11 -11.26 34.67
C VAL C 165 19.90 -10.62 33.29
N ALA C 166 19.58 -11.42 32.28
CA ALA C 166 19.39 -10.88 30.95
C ALA C 166 18.27 -11.58 30.18
N GLY C 167 18.41 -12.90 30.03
CA GLY C 167 17.39 -13.65 29.31
C GLY C 167 16.00 -13.33 29.84
N LEU C 168 15.82 -13.45 31.15
CA LEU C 168 14.53 -13.18 31.77
C LEU C 168 14.00 -11.82 31.35
N VAL C 169 14.89 -10.85 31.20
CA VAL C 169 14.51 -9.51 30.79
C VAL C 169 13.88 -9.55 29.40
N GLY C 170 14.45 -10.37 28.53
CA GLY C 170 13.94 -10.49 27.18
C GLY C 170 12.63 -11.28 27.16
N ILE C 171 12.57 -12.29 28.01
CA ILE C 171 11.40 -13.13 28.14
C ILE C 171 10.26 -12.30 28.71
N GLY C 172 10.61 -11.33 29.57
CA GLY C 172 9.61 -10.50 30.19
C GLY C 172 9.16 -9.43 29.21
N LEU C 173 10.12 -8.86 28.50
CA LEU C 173 9.80 -7.83 27.53
C LEU C 173 8.92 -8.40 26.45
N SER C 174 9.28 -9.58 25.94
CA SER C 174 8.51 -10.22 24.88
C SER C 174 7.08 -10.43 25.36
N ARG C 175 6.94 -10.99 26.54
CA ARG C 175 5.62 -11.27 27.11
C ARG C 175 4.80 -9.99 27.26
N LEU C 176 5.47 -8.86 27.35
CA LEU C 176 4.76 -7.59 27.48
C LEU C 176 4.33 -7.16 26.09
N PHE C 177 5.21 -7.33 25.11
CA PHE C 177 4.90 -6.95 23.74
C PHE C 177 3.65 -7.69 23.29
N SER C 178 3.60 -8.99 23.55
CA SER C 178 2.45 -9.80 23.17
C SER C 178 1.24 -9.46 24.00
N ALA C 179 1.45 -9.32 25.30
CA ALA C 179 0.35 -9.00 26.20
C ALA C 179 -0.40 -7.80 25.65
N SER C 180 0.33 -6.78 25.20
CA SER C 180 -0.30 -5.57 24.68
C SER C 180 -0.99 -5.77 23.33
N GLU C 181 -0.64 -6.86 22.65
CA GLU C 181 -1.22 -7.17 21.36
C GLU C 181 -0.64 -6.34 20.22
N PHE C 182 0.53 -5.75 20.46
CA PHE C 182 1.21 -4.96 19.42
C PHE C 182 2.06 -5.93 18.61
N GLU C 183 2.36 -7.08 19.22
CA GLU C 183 3.12 -8.15 18.59
C GLU C 183 2.31 -9.45 18.79
N ASP C 184 2.42 -10.40 17.86
CA ASP C 184 1.69 -11.66 18.00
C ASP C 184 2.09 -12.43 19.25
N PRO C 185 1.24 -13.40 19.66
CA PRO C 185 1.49 -14.22 20.84
C PRO C 185 2.79 -15.00 20.72
N LEU C 186 3.18 -15.31 19.49
CA LEU C 186 4.40 -16.06 19.27
C LEU C 186 5.63 -15.43 19.94
N VAL C 187 5.68 -14.10 19.96
CA VAL C 187 6.81 -13.39 20.57
C VAL C 187 6.94 -13.72 22.06
N GLY C 188 5.79 -13.73 22.74
CA GLY C 188 5.78 -14.04 24.15
C GLY C 188 5.87 -15.55 24.42
N GLU C 189 5.53 -16.36 23.44
CA GLU C 189 5.60 -17.78 23.63
C GLU C 189 7.01 -18.34 23.52
N ASP C 190 7.73 -17.96 22.46
CA ASP C 190 9.08 -18.47 22.27
C ASP C 190 10.05 -17.87 23.28
N THR C 191 10.07 -18.47 24.45
CA THR C 191 10.93 -18.02 25.53
C THR C 191 12.40 -18.30 25.23
N GLU C 192 12.66 -19.26 24.36
CA GLU C 192 14.03 -19.59 23.99
C GLU C 192 14.67 -18.50 23.15
N ARG C 193 13.92 -18.01 22.17
CA ARG C 193 14.42 -16.97 21.30
C ARG C 193 14.56 -15.70 22.13
N ALA C 194 13.54 -15.40 22.94
CA ALA C 194 13.55 -14.23 23.79
C ALA C 194 14.77 -14.29 24.68
N ASN C 195 15.01 -15.45 25.27
CA ASN C 195 16.17 -15.62 26.14
C ASN C 195 17.48 -15.28 25.45
N SER C 196 17.63 -15.76 24.21
CA SER C 196 18.84 -15.52 23.43
C SER C 196 19.10 -14.05 23.22
N MET C 197 18.01 -13.30 23.04
CA MET C 197 18.12 -11.86 22.83
C MET C 197 18.91 -11.31 24.00
N GLY C 198 18.55 -11.78 25.19
CA GLY C 198 19.23 -11.33 26.40
C GLY C 198 20.62 -11.88 26.56
N LEU C 199 20.81 -13.17 26.28
CA LEU C 199 22.12 -13.77 26.44
C LEU C 199 23.15 -13.14 25.52
N PHE C 200 22.74 -12.75 24.31
CA PHE C 200 23.68 -12.16 23.39
C PHE C 200 24.23 -10.85 23.97
N LEU C 201 23.33 -9.94 24.32
CA LEU C 201 23.69 -8.65 24.92
C LEU C 201 24.55 -8.83 26.16
N GLN C 202 24.08 -9.69 27.06
CA GLN C 202 24.77 -9.96 28.30
C GLN C 202 26.15 -10.53 28.09
N LYS C 203 26.24 -11.68 27.42
CA LYS C 203 27.55 -12.28 27.18
C LYS C 203 28.47 -11.26 26.52
N THR C 204 27.89 -10.36 25.72
CA THR C 204 28.70 -9.39 25.01
C THR C 204 29.32 -8.36 25.93
N ASN C 205 28.52 -7.77 26.81
CA ASN C 205 29.03 -6.78 27.75
C ASN C 205 30.03 -7.41 28.73
N ILE C 206 29.83 -8.68 29.04
CA ILE C 206 30.72 -9.38 29.95
C ILE C 206 32.09 -9.50 29.32
N ILE C 207 32.09 -9.75 28.01
CA ILE C 207 33.35 -9.89 27.31
C ILE C 207 34.07 -8.55 27.17
N ARG C 208 33.31 -7.50 26.91
CA ARG C 208 33.87 -6.19 26.72
C ARG C 208 34.34 -5.52 28.01
N ASP C 209 33.67 -5.84 29.11
CA ASP C 209 34.01 -5.24 30.39
C ASP C 209 35.02 -5.99 31.23
N TYR C 210 35.65 -7.01 30.67
CA TYR C 210 36.62 -7.79 31.43
C TYR C 210 37.44 -6.92 32.37
N LEU C 211 38.25 -6.05 31.78
CA LEU C 211 39.13 -5.19 32.54
C LEU C 211 38.54 -4.40 33.70
N GLU C 212 37.56 -3.55 33.43
CA GLU C 212 36.98 -2.75 34.49
C GLU C 212 36.31 -3.61 35.56
N ASP C 213 36.02 -4.87 35.23
CA ASP C 213 35.41 -5.75 36.22
C ASP C 213 36.51 -6.35 37.07
N GLN C 214 37.71 -6.42 36.52
CA GLN C 214 38.85 -6.95 37.24
C GLN C 214 39.33 -5.88 38.19
N GLN C 215 39.29 -4.63 37.72
CA GLN C 215 39.69 -3.50 38.54
C GLN C 215 38.58 -3.20 39.54
N GLY C 216 37.64 -4.13 39.66
CA GLY C 216 36.53 -3.96 40.58
C GLY C 216 36.29 -5.24 41.37
N GLY C 217 37.29 -6.11 41.38
CA GLY C 217 37.17 -7.36 42.11
C GLY C 217 35.88 -8.05 41.78
N ARG C 218 35.74 -8.45 40.52
CA ARG C 218 34.56 -9.16 40.04
C ARG C 218 34.96 -10.02 38.85
N GLU C 219 34.32 -11.18 38.76
CA GLU C 219 34.61 -12.09 37.67
C GLU C 219 33.31 -12.60 37.08
N PHE C 220 33.27 -12.73 35.75
CA PHE C 220 32.08 -13.21 35.08
C PHE C 220 32.44 -14.23 34.01
N TRP C 221 33.67 -14.17 33.52
CA TRP C 221 34.16 -15.11 32.52
C TRP C 221 34.12 -16.53 33.10
N PRO C 222 33.43 -17.47 32.44
CA PRO C 222 33.33 -18.85 32.91
C PRO C 222 34.69 -19.51 33.19
N GLN C 223 34.93 -19.84 34.45
CA GLN C 223 36.20 -20.44 34.85
C GLN C 223 36.64 -21.64 34.03
N GLU C 224 35.72 -22.55 33.73
CA GLU C 224 36.05 -23.73 32.93
C GLU C 224 36.68 -23.35 31.61
N VAL C 225 36.67 -22.06 31.29
CA VAL C 225 37.26 -21.61 30.04
C VAL C 225 38.56 -20.84 30.28
N TRP C 226 38.53 -19.80 31.11
CA TRP C 226 39.76 -19.05 31.34
C TRP C 226 40.78 -19.85 32.13
N SER C 227 40.32 -20.90 32.80
CA SER C 227 41.23 -21.72 33.58
C SER C 227 42.20 -22.49 32.68
N ARG C 228 41.77 -22.83 31.46
CA ARG C 228 42.66 -23.58 30.55
C ARG C 228 43.78 -22.69 30.04
N TYR C 229 43.73 -21.40 30.34
CA TYR C 229 44.75 -20.48 29.87
C TYR C 229 45.66 -19.98 30.98
N VAL C 230 45.11 -19.81 32.18
CA VAL C 230 45.89 -19.33 33.31
C VAL C 230 45.39 -19.90 34.63
N LYS C 231 45.99 -19.45 35.72
CA LYS C 231 45.60 -19.90 37.05
C LYS C 231 44.56 -18.97 37.65
N LYS C 232 44.51 -17.73 37.17
CA LYS C 232 43.54 -16.75 37.69
C LYS C 232 43.02 -15.86 36.57
N LEU C 233 41.73 -15.58 36.62
CA LEU C 233 41.12 -14.71 35.61
C LEU C 233 41.91 -13.41 35.59
N GLY C 234 42.47 -13.05 36.75
CA GLY C 234 43.24 -11.81 36.86
C GLY C 234 44.54 -11.75 36.09
N ASP C 235 45.01 -12.89 35.61
CA ASP C 235 46.26 -12.92 34.86
C ASP C 235 46.14 -12.27 33.50
N PHE C 236 44.97 -12.35 32.89
CA PHE C 236 44.77 -11.75 31.58
C PHE C 236 45.13 -10.26 31.55
N ALA C 237 45.20 -9.64 32.72
CA ALA C 237 45.53 -8.23 32.78
C ALA C 237 47.04 -8.01 32.82
N LEU C 238 47.79 -9.10 32.83
CA LEU C 238 49.25 -9.03 32.89
C LEU C 238 49.84 -9.16 31.50
N PRO C 239 50.49 -8.08 31.01
CA PRO C 239 51.11 -8.06 29.67
C PRO C 239 51.73 -9.37 29.23
N GLU C 240 52.34 -10.09 30.17
CA GLU C 240 53.00 -11.34 29.85
C GLU C 240 52.07 -12.45 29.34
N ASN C 241 50.76 -12.26 29.50
CA ASN C 241 49.80 -13.27 29.06
C ASN C 241 48.82 -12.84 27.99
N ILE C 242 49.07 -11.69 27.36
CA ILE C 242 48.18 -11.19 26.32
C ILE C 242 47.76 -12.27 25.32
N ASP C 243 48.72 -13.04 24.83
CA ASP C 243 48.42 -14.09 23.86
C ASP C 243 47.36 -15.06 24.35
N LEU C 244 47.49 -15.50 25.60
CA LEU C 244 46.51 -16.42 26.14
C LEU C 244 45.18 -15.69 26.30
N ALA C 245 45.25 -14.45 26.78
CA ALA C 245 44.06 -13.65 26.99
C ALA C 245 43.22 -13.52 25.72
N VAL C 246 43.87 -13.13 24.62
CA VAL C 246 43.18 -12.95 23.35
C VAL C 246 42.69 -14.26 22.73
N GLN C 247 43.08 -15.39 23.31
CA GLN C 247 42.63 -16.67 22.79
C GLN C 247 41.34 -17.08 23.49
N CYS C 248 41.25 -16.70 24.76
CA CYS C 248 40.09 -16.98 25.60
C CYS C 248 39.01 -16.03 25.11
N LEU C 249 39.38 -14.78 24.90
CA LEU C 249 38.47 -13.75 24.41
C LEU C 249 37.77 -14.30 23.16
N ASN C 250 38.57 -14.71 22.18
CA ASN C 250 38.05 -15.27 20.94
C ASN C 250 37.11 -16.45 21.19
N GLU C 251 37.49 -17.34 22.09
CA GLU C 251 36.63 -18.48 22.38
C GLU C 251 35.29 -17.97 22.85
N LEU C 252 35.28 -17.24 23.95
CA LEU C 252 34.04 -16.70 24.50
C LEU C 252 33.23 -15.96 23.46
N ILE C 253 33.89 -15.29 22.53
CA ILE C 253 33.19 -14.56 21.49
C ILE C 253 32.44 -15.54 20.61
N THR C 254 33.14 -16.60 20.23
CA THR C 254 32.56 -17.64 19.38
C THR C 254 31.32 -18.14 20.08
N ASN C 255 31.46 -18.35 21.38
CA ASN C 255 30.35 -18.81 22.18
C ASN C 255 29.19 -17.86 21.93
N ALA C 256 29.39 -16.60 22.25
CA ALA C 256 28.36 -15.57 22.06
C ALA C 256 27.74 -15.57 20.67
N LEU C 257 28.56 -15.80 19.66
CA LEU C 257 28.05 -15.78 18.29
C LEU C 257 26.92 -16.75 18.04
N HIS C 258 26.90 -17.85 18.78
CA HIS C 258 25.87 -18.86 18.54
C HIS C 258 24.44 -18.38 18.75
N HIS C 259 24.27 -17.23 19.41
CA HIS C 259 22.93 -16.69 19.66
C HIS C 259 22.39 -15.91 18.47
N ILE C 260 23.26 -15.53 17.54
CA ILE C 260 22.85 -14.74 16.37
C ILE C 260 21.62 -15.25 15.62
N PRO C 261 21.55 -16.56 15.32
CA PRO C 261 20.36 -17.05 14.62
C PRO C 261 19.02 -16.73 15.32
N ASP C 262 18.95 -16.94 16.64
CA ASP C 262 17.72 -16.64 17.38
C ASP C 262 17.46 -15.14 17.33
N VAL C 263 18.53 -14.34 17.44
CA VAL C 263 18.39 -12.89 17.37
C VAL C 263 17.76 -12.53 16.03
N ILE C 264 18.31 -13.08 14.96
CA ILE C 264 17.75 -12.80 13.64
C ILE C 264 16.31 -13.30 13.62
N THR C 265 16.08 -14.53 14.07
CA THR C 265 14.74 -15.10 14.09
C THR C 265 13.81 -14.21 14.91
N TYR C 266 14.22 -13.90 16.12
CA TYR C 266 13.42 -13.05 16.99
C TYR C 266 13.04 -11.74 16.31
N LEU C 267 14.04 -10.95 15.95
CA LEU C 267 13.82 -9.66 15.31
C LEU C 267 12.95 -9.76 14.08
N SER C 268 13.06 -10.88 13.36
CA SER C 268 12.29 -11.09 12.14
C SER C 268 10.80 -11.14 12.34
N ARG C 269 10.37 -11.55 13.53
CA ARG C 269 8.95 -11.67 13.80
C ARG C 269 8.25 -10.41 14.27
N LEU C 270 9.03 -9.37 14.62
CA LEU C 270 8.48 -8.12 15.10
C LEU C 270 7.70 -7.39 14.03
N ARG C 271 6.47 -6.97 14.37
CA ARG C 271 5.59 -6.27 13.44
C ARG C 271 5.48 -4.76 13.73
N ASN C 272 5.66 -4.36 14.99
CA ASN C 272 5.54 -2.97 15.39
C ASN C 272 6.85 -2.18 15.35
N GLN C 273 6.83 -1.03 14.68
CA GLN C 273 8.04 -0.21 14.53
C GLN C 273 8.67 0.28 15.85
N SER C 274 7.88 0.77 16.79
CA SER C 274 8.46 1.24 18.05
C SER C 274 9.20 0.10 18.73
N VAL C 275 8.60 -1.09 18.71
CA VAL C 275 9.20 -2.27 19.32
C VAL C 275 10.44 -2.73 18.55
N PHE C 276 10.40 -2.60 17.23
CA PHE C 276 11.54 -3.02 16.45
C PHE C 276 12.73 -2.15 16.82
N ASN C 277 12.52 -0.84 16.86
CA ASN C 277 13.57 0.10 17.20
C ASN C 277 14.16 -0.23 18.57
N PHE C 278 13.29 -0.49 19.52
CA PHE C 278 13.70 -0.81 20.86
C PHE C 278 14.55 -2.08 20.92
N CYS C 279 14.14 -3.09 20.16
CA CYS C 279 14.82 -4.37 20.16
C CYS C 279 16.04 -4.50 19.25
N ALA C 280 15.97 -3.98 18.04
CA ALA C 280 17.08 -4.11 17.08
C ALA C 280 18.37 -3.39 17.42
N ILE C 281 18.29 -2.13 17.80
CA ILE C 281 19.46 -1.31 18.11
C ILE C 281 20.45 -1.93 19.10
N PRO C 282 19.95 -2.37 20.27
CA PRO C 282 20.87 -2.98 21.23
C PRO C 282 21.66 -4.11 20.59
N GLN C 283 20.96 -5.03 19.93
CA GLN C 283 21.57 -6.18 19.27
C GLN C 283 22.64 -5.77 18.27
N VAL C 284 22.36 -4.76 17.46
CA VAL C 284 23.33 -4.29 16.48
C VAL C 284 24.54 -3.75 17.21
N MET C 285 24.27 -2.98 18.26
CA MET C 285 25.32 -2.39 19.06
C MET C 285 26.20 -3.53 19.61
N ALA C 286 25.54 -4.60 20.03
CA ALA C 286 26.22 -5.77 20.57
C ALA C 286 27.10 -6.49 19.53
N ILE C 287 26.61 -6.67 18.31
CA ILE C 287 27.40 -7.34 17.28
C ILE C 287 28.59 -6.48 16.92
N ALA C 288 28.36 -5.18 16.78
CA ALA C 288 29.45 -4.28 16.45
C ALA C 288 30.49 -4.39 17.54
N THR C 289 30.07 -4.27 18.80
CA THR C 289 31.00 -4.37 19.91
C THR C 289 31.84 -5.64 19.80
N LEU C 290 31.20 -6.75 19.45
CA LEU C 290 31.89 -8.02 19.32
C LEU C 290 32.87 -8.05 18.16
N ALA C 291 32.48 -7.44 17.04
CA ALA C 291 33.36 -7.41 15.87
C ALA C 291 34.59 -6.59 16.23
N ALA C 292 34.38 -5.55 17.03
CA ALA C 292 35.47 -4.68 17.45
C ALA C 292 36.47 -5.36 18.38
N CYS C 293 35.96 -6.18 19.30
CA CYS C 293 36.83 -6.87 20.25
C CYS C 293 37.53 -8.10 19.70
N TYR C 294 36.94 -8.76 18.71
CA TYR C 294 37.55 -9.98 18.19
C TYR C 294 39.02 -9.87 17.84
N ASN C 295 39.83 -10.70 18.50
CA ASN C 295 41.26 -10.75 18.26
C ASN C 295 41.95 -9.41 18.54
N ASN C 296 41.35 -8.60 19.40
CA ASN C 296 41.92 -7.30 19.74
C ASN C 296 42.57 -7.26 21.14
N GLN C 297 43.86 -6.94 21.19
CA GLN C 297 44.57 -6.87 22.46
C GLN C 297 44.11 -5.75 23.39
N GLN C 298 43.38 -4.77 22.85
CA GLN C 298 42.90 -3.64 23.64
C GLN C 298 41.89 -4.04 24.71
N VAL C 299 41.13 -5.09 24.46
CA VAL C 299 40.13 -5.54 25.43
C VAL C 299 40.76 -5.69 26.81
N PHE C 300 42.07 -5.90 26.84
CA PHE C 300 42.81 -6.08 28.08
C PHE C 300 43.69 -4.90 28.47
N LYS C 301 43.36 -3.71 27.94
CA LYS C 301 44.14 -2.51 28.24
C LYS C 301 43.21 -1.33 28.46
N GLY C 302 41.93 -1.63 28.60
CA GLY C 302 40.92 -0.61 28.82
C GLY C 302 39.68 -0.92 28.01
N ALA C 303 38.86 0.10 27.76
CA ALA C 303 37.65 -0.09 26.96
C ALA C 303 38.02 -0.09 25.48
N VAL C 304 37.48 -1.03 24.72
CA VAL C 304 37.77 -1.15 23.29
C VAL C 304 36.90 -0.24 22.42
N LEU C 305 37.46 0.23 21.32
CA LEU C 305 36.77 1.12 20.41
C LEU C 305 36.01 0.42 19.27
N ILE C 306 34.72 0.73 19.18
CA ILE C 306 33.82 0.19 18.15
C ILE C 306 34.10 0.94 16.86
N ARG C 307 34.81 0.31 15.93
CA ARG C 307 35.15 0.96 14.68
C ARG C 307 34.12 1.02 13.55
N LEU C 308 33.82 2.26 13.15
CA LEU C 308 32.89 2.59 12.08
C LEU C 308 31.97 1.50 11.53
N GLY C 309 32.29 1.03 10.33
CA GLY C 309 31.53 0.02 9.64
C GLY C 309 31.71 0.31 8.15
N GLN C 310 31.64 -0.73 7.32
CA GLN C 310 31.82 -0.56 5.89
C GLN C 310 30.76 0.38 5.31
N ALA C 311 30.95 0.82 4.08
CA ALA C 311 30.01 1.75 3.44
C ALA C 311 28.57 1.25 3.33
N VAL C 312 28.39 -0.06 3.18
CA VAL C 312 27.06 -0.63 3.10
C VAL C 312 26.30 -0.48 4.42
N THR C 313 27.03 -0.14 5.48
CA THR C 313 26.44 0.04 6.80
C THR C 313 26.03 1.50 7.01
N LEU C 314 26.97 2.42 6.76
CA LEU C 314 26.72 3.85 6.92
C LEU C 314 25.58 4.39 6.07
N MET C 315 25.13 3.60 5.10
CA MET C 315 24.02 3.99 4.24
C MET C 315 22.80 3.20 4.69
N MET C 316 22.86 2.70 5.93
CA MET C 316 21.77 1.94 6.54
C MET C 316 21.78 2.06 8.06
N ASP C 317 20.61 1.85 8.66
CA ASP C 317 20.47 1.87 10.11
C ASP C 317 19.41 0.85 10.48
N ALA C 318 19.40 0.42 11.73
CA ALA C 318 18.48 -0.61 12.19
C ALA C 318 17.01 -0.21 12.35
N THR C 319 16.34 0.13 11.26
CA THR C 319 14.93 0.51 11.34
C THR C 319 14.03 -0.43 10.54
N ASN C 320 14.62 -1.24 9.66
CA ASN C 320 13.85 -2.20 8.88
C ASN C 320 14.63 -3.50 8.97
N MET C 321 13.94 -4.63 8.99
CA MET C 321 14.61 -5.91 9.13
C MET C 321 15.75 -6.22 8.16
N PRO C 322 15.46 -6.21 6.85
CA PRO C 322 16.49 -6.50 5.87
C PRO C 322 17.81 -5.79 6.13
N ALA C 323 17.73 -4.50 6.43
CA ALA C 323 18.92 -3.70 6.69
C ALA C 323 19.63 -4.21 7.91
N VAL C 324 18.86 -4.62 8.91
CA VAL C 324 19.45 -5.13 10.14
C VAL C 324 20.23 -6.41 9.86
N LYS C 325 19.70 -7.26 8.98
CA LYS C 325 20.42 -8.48 8.67
C LYS C 325 21.74 -8.05 8.06
N ALA C 326 21.63 -7.16 7.07
CA ALA C 326 22.80 -6.65 6.35
C ALA C 326 23.87 -6.11 7.26
N ILE C 327 23.48 -5.38 8.30
CA ILE C 327 24.46 -4.83 9.22
C ILE C 327 25.07 -5.98 9.98
N ILE C 328 24.23 -6.89 10.46
CA ILE C 328 24.73 -8.04 11.20
C ILE C 328 25.69 -8.87 10.33
N TYR C 329 25.20 -9.35 9.20
CA TYR C 329 26.02 -10.15 8.29
C TYR C 329 27.35 -9.45 8.00
N GLN C 330 27.30 -8.13 7.91
CA GLN C 330 28.46 -7.31 7.63
C GLN C 330 29.51 -7.37 8.74
N TYR C 331 29.05 -7.42 9.99
CA TYR C 331 29.95 -7.48 11.14
C TYR C 331 30.52 -8.87 11.37
N MET C 332 29.78 -9.88 10.93
CA MET C 332 30.25 -11.25 11.07
C MET C 332 31.35 -11.51 10.06
N GLU C 333 31.28 -10.81 8.94
CA GLU C 333 32.30 -10.96 7.92
C GLU C 333 33.51 -10.15 8.37
N GLU C 334 33.25 -9.09 9.11
CA GLU C 334 34.30 -8.24 9.64
C GLU C 334 35.13 -9.14 10.56
N ILE C 335 34.45 -10.08 11.20
CA ILE C 335 35.12 -11.02 12.10
C ILE C 335 35.82 -12.12 11.31
N TYR C 336 35.12 -12.72 10.35
CA TYR C 336 35.69 -13.79 9.54
C TYR C 336 37.03 -13.39 8.94
N HIS C 337 37.13 -12.16 8.47
CA HIS C 337 38.38 -11.66 7.88
C HIS C 337 39.55 -11.67 8.87
N ARG C 338 39.24 -11.44 10.15
CA ARG C 338 40.24 -11.37 11.22
C ARG C 338 40.64 -12.68 11.88
N ILE C 339 39.97 -13.79 11.54
CA ILE C 339 40.29 -15.09 12.15
C ILE C 339 41.62 -15.68 11.69
N PRO C 340 42.58 -15.83 12.61
CA PRO C 340 43.91 -16.39 12.33
C PRO C 340 43.98 -17.90 12.55
N ASP C 341 44.50 -18.60 11.56
CA ASP C 341 44.65 -20.05 11.60
C ASP C 341 45.26 -20.52 12.92
N SER C 342 46.17 -19.72 13.47
CA SER C 342 46.84 -20.10 14.71
C SER C 342 45.97 -20.08 15.96
N ASN C 343 44.78 -19.46 15.87
CA ASN C 343 43.88 -19.38 17.01
C ASN C 343 43.26 -20.75 17.26
N PRO C 344 43.21 -21.16 18.54
CA PRO C 344 42.63 -22.46 18.90
C PRO C 344 41.17 -22.62 18.52
N SER C 345 40.47 -21.50 18.41
CA SER C 345 39.05 -21.51 18.06
C SER C 345 38.81 -21.24 16.58
N SER C 346 39.87 -20.83 15.88
CA SER C 346 39.77 -20.51 14.48
C SER C 346 38.73 -21.31 13.69
N SER C 347 38.69 -22.62 13.93
CA SER C 347 37.78 -23.51 13.22
C SER C 347 36.31 -23.44 13.63
N LYS C 348 36.03 -23.21 14.90
CA LYS C 348 34.63 -23.11 15.35
C LYS C 348 34.06 -21.77 14.95
N THR C 349 34.91 -20.75 14.98
CA THR C 349 34.48 -19.41 14.63
C THR C 349 34.00 -19.41 13.18
N ARG C 350 34.80 -20.02 12.30
CA ARG C 350 34.43 -20.08 10.90
C ARG C 350 33.11 -20.80 10.75
N GLN C 351 33.03 -21.95 11.40
CA GLN C 351 31.85 -22.80 11.35
C GLN C 351 30.54 -22.10 11.64
N ILE C 352 30.41 -21.56 12.86
CA ILE C 352 29.18 -20.90 13.24
C ILE C 352 28.87 -19.72 12.37
N ILE C 353 29.90 -18.98 11.93
CA ILE C 353 29.65 -17.83 11.07
C ILE C 353 29.13 -18.36 9.76
N SER C 354 29.77 -19.41 9.27
CA SER C 354 29.37 -20.05 8.02
C SER C 354 27.90 -20.45 8.06
N THR C 355 27.43 -20.93 9.21
CA THR C 355 26.06 -21.36 9.39
C THR C 355 25.08 -20.18 9.38
N ILE C 356 25.46 -19.10 10.06
CA ILE C 356 24.58 -17.95 10.12
C ILE C 356 24.43 -17.36 8.73
N ARG C 357 25.50 -17.48 7.94
CA ARG C 357 25.52 -16.99 6.56
C ARG C 357 24.54 -17.66 5.60
N THR C 358 24.33 -18.96 5.75
CA THR C 358 23.46 -19.65 4.82
C THR C 358 22.01 -19.89 5.21
N GLN C 359 21.61 -19.47 6.42
CA GLN C 359 20.22 -19.66 6.85
C GLN C 359 19.37 -18.46 6.47
N LEU D 26 -13.26 25.50 -7.82
CA LEU D 26 -13.43 26.85 -7.30
C LEU D 26 -13.73 27.86 -8.40
N SER D 27 -13.01 27.76 -9.52
CA SER D 27 -13.22 28.68 -10.64
C SER D 27 -14.45 28.25 -11.45
N SER D 28 -15.15 29.24 -11.98
CA SER D 28 -16.34 29.01 -12.77
C SER D 28 -15.97 28.28 -14.05
N SER D 29 -14.88 28.73 -14.67
CA SER D 29 -14.41 28.13 -15.90
C SER D 29 -14.35 26.60 -15.79
N LEU D 30 -13.79 26.12 -14.70
CA LEU D 30 -13.67 24.68 -14.48
C LEU D 30 -15.04 24.05 -14.29
N LYS D 31 -15.90 24.72 -13.51
CA LYS D 31 -17.25 24.21 -13.25
C LYS D 31 -18.01 24.06 -14.57
N THR D 32 -17.80 25.02 -15.48
CA THR D 32 -18.46 24.98 -16.76
C THR D 32 -17.95 23.77 -17.56
N CYS D 33 -16.64 23.56 -17.57
CA CYS D 33 -16.07 22.44 -18.30
C CYS D 33 -16.77 21.16 -17.93
N TYR D 34 -16.97 20.97 -16.63
CA TYR D 34 -17.64 19.77 -16.14
C TYR D 34 -19.12 19.78 -16.51
N LYS D 35 -19.72 20.95 -16.66
CA LYS D 35 -21.11 21.01 -17.06
C LYS D 35 -21.15 20.45 -18.48
N TYR D 36 -20.14 20.83 -19.27
CA TYR D 36 -20.03 20.37 -20.64
C TYR D 36 -19.60 18.93 -20.71
N LEU D 37 -18.82 18.49 -19.72
CA LEU D 37 -18.39 17.10 -19.73
C LEU D 37 -19.64 16.24 -19.63
N ASN D 38 -20.61 16.70 -18.86
CA ASN D 38 -21.85 15.96 -18.68
C ASN D 38 -22.87 16.12 -19.81
N GLN D 39 -22.79 17.20 -20.58
CA GLN D 39 -23.73 17.42 -21.68
C GLN D 39 -23.33 16.66 -22.93
N THR D 40 -22.04 16.35 -23.04
CA THR D 40 -21.49 15.66 -24.21
C THR D 40 -21.23 14.18 -24.00
N SER D 41 -21.08 13.78 -22.75
CA SER D 41 -20.83 12.38 -22.45
C SER D 41 -21.92 11.76 -21.60
N ARG D 42 -22.77 10.95 -22.22
CA ARG D 42 -23.84 10.27 -21.49
C ARG D 42 -23.14 9.59 -20.31
N SER D 43 -22.51 8.46 -20.59
CA SER D 43 -21.77 7.72 -19.57
C SER D 43 -20.30 7.85 -19.93
N PHE D 44 -19.48 8.19 -18.93
CA PHE D 44 -18.04 8.38 -19.10
C PHE D 44 -17.70 9.54 -18.15
N ALA D 45 -18.60 10.51 -18.10
CA ALA D 45 -18.40 11.68 -17.24
C ALA D 45 -18.30 11.25 -15.77
N ALA D 46 -19.02 10.19 -15.42
CA ALA D 46 -19.00 9.69 -14.05
C ALA D 46 -17.65 9.06 -13.74
N VAL D 47 -17.16 8.21 -14.64
CA VAL D 47 -15.89 7.55 -14.43
C VAL D 47 -14.68 8.49 -14.53
N ILE D 48 -14.77 9.50 -15.40
CA ILE D 48 -13.68 10.46 -15.53
C ILE D 48 -13.59 11.26 -14.24
N GLN D 49 -14.75 11.67 -13.73
CA GLN D 49 -14.83 12.45 -12.49
C GLN D 49 -14.38 11.63 -11.29
N ALA D 50 -14.19 10.34 -11.52
CA ALA D 50 -13.74 9.44 -10.45
C ALA D 50 -12.23 9.21 -10.52
N LEU D 51 -11.58 9.78 -11.55
CA LEU D 51 -10.15 9.61 -11.68
C LEU D 51 -9.45 10.32 -10.53
N ASP D 52 -8.37 9.72 -10.04
CA ASP D 52 -7.64 10.31 -8.92
C ASP D 52 -6.80 11.54 -9.24
N GLY D 53 -6.74 12.44 -8.27
CA GLY D 53 -5.95 13.63 -8.40
C GLY D 53 -5.92 14.35 -9.73
N GLU D 54 -4.73 14.67 -10.20
CA GLU D 54 -4.60 15.42 -11.43
C GLU D 54 -5.08 14.86 -12.75
N MET D 55 -5.21 13.54 -12.89
CA MET D 55 -5.68 13.06 -14.19
C MET D 55 -7.18 13.29 -14.40
N ARG D 56 -7.84 13.76 -13.36
CA ARG D 56 -9.26 14.05 -13.42
C ARG D 56 -9.46 15.23 -14.34
N ASN D 57 -8.91 16.38 -13.97
CA ASN D 57 -9.02 17.60 -14.78
C ASN D 57 -8.44 17.36 -16.18
N ALA D 58 -7.26 16.76 -16.23
CA ALA D 58 -6.60 16.49 -17.51
C ALA D 58 -7.48 15.75 -18.53
N VAL D 59 -8.16 14.69 -18.08
CA VAL D 59 -9.02 13.90 -18.96
C VAL D 59 -10.33 14.60 -19.27
N CYS D 60 -10.83 15.38 -18.33
CA CYS D 60 -12.08 16.10 -18.56
C CYS D 60 -11.88 17.14 -19.66
N ILE D 61 -10.69 17.76 -19.69
CA ILE D 61 -10.36 18.76 -20.70
C ILE D 61 -10.00 18.07 -22.01
N PHE D 62 -9.28 16.96 -21.91
CA PHE D 62 -8.88 16.22 -23.10
C PHE D 62 -10.11 15.77 -23.88
N TYR D 63 -11.15 15.36 -23.15
CA TYR D 63 -12.37 14.89 -23.78
C TYR D 63 -13.20 16.04 -24.37
N LEU D 64 -13.12 17.21 -23.76
CA LEU D 64 -13.87 18.34 -24.28
C LEU D 64 -13.28 18.88 -25.58
N VAL D 65 -11.96 18.96 -25.67
CA VAL D 65 -11.35 19.45 -26.90
C VAL D 65 -11.56 18.39 -27.97
N LEU D 66 -11.41 17.12 -27.61
CA LEU D 66 -11.63 16.07 -28.58
C LEU D 66 -13.06 16.13 -29.10
N ARG D 67 -14.00 16.49 -28.21
CA ARG D 67 -15.40 16.62 -28.59
C ARG D 67 -15.59 17.78 -29.55
N ALA D 68 -15.01 18.92 -29.20
CA ALA D 68 -15.10 20.11 -30.05
C ALA D 68 -14.50 19.81 -31.41
N LEU D 69 -13.39 19.09 -31.42
CA LEU D 69 -12.73 18.75 -32.67
C LEU D 69 -13.67 17.85 -33.45
N ASP D 70 -14.23 16.85 -32.79
CA ASP D 70 -15.14 15.93 -33.45
C ASP D 70 -16.36 16.66 -33.98
N THR D 71 -16.81 17.67 -33.24
CA THR D 71 -17.97 18.44 -33.67
C THR D 71 -17.65 19.12 -35.00
N LEU D 72 -16.53 19.83 -35.07
CA LEU D 72 -16.16 20.49 -36.31
C LEU D 72 -16.10 19.48 -37.44
N GLU D 73 -15.55 18.31 -37.17
CA GLU D 73 -15.41 17.26 -38.17
C GLU D 73 -16.73 16.63 -38.64
N ASP D 74 -17.76 16.72 -37.83
CA ASP D 74 -19.05 16.13 -38.17
C ASP D 74 -20.02 17.12 -38.81
N ASP D 75 -19.82 18.40 -38.54
CA ASP D 75 -20.70 19.43 -39.08
C ASP D 75 -20.58 19.50 -40.59
N MET D 76 -21.67 19.14 -41.26
CA MET D 76 -21.73 19.14 -42.72
C MET D 76 -21.89 20.54 -43.30
N THR D 77 -22.45 21.45 -42.50
CA THR D 77 -22.65 22.82 -42.96
C THR D 77 -21.33 23.59 -42.88
N ILE D 78 -20.25 22.93 -43.29
CA ILE D 78 -18.90 23.53 -43.28
C ILE D 78 -18.14 23.08 -44.53
N SER D 79 -17.74 24.06 -45.34
CA SER D 79 -17.01 23.81 -46.57
C SER D 79 -15.74 23.02 -46.30
N VAL D 80 -15.46 22.02 -47.14
CA VAL D 80 -14.25 21.22 -47.00
C VAL D 80 -13.06 22.18 -47.02
N GLU D 81 -13.03 23.03 -48.04
CA GLU D 81 -11.96 24.01 -48.18
C GLU D 81 -11.86 24.90 -46.93
N LYS D 82 -12.95 24.95 -46.16
CA LYS D 82 -12.95 25.76 -44.95
C LYS D 82 -12.64 24.90 -43.73
N LYS D 83 -13.11 23.66 -43.76
CA LYS D 83 -12.92 22.72 -42.66
C LYS D 83 -11.51 22.16 -42.50
N VAL D 84 -10.85 21.89 -43.63
CA VAL D 84 -9.51 21.33 -43.56
C VAL D 84 -8.59 22.18 -42.67
N PRO D 85 -8.54 23.50 -42.90
CA PRO D 85 -7.68 24.33 -42.05
C PRO D 85 -8.03 24.22 -40.56
N LEU D 86 -9.31 24.38 -40.23
CA LEU D 86 -9.74 24.28 -38.84
C LEU D 86 -9.30 22.99 -38.18
N LEU D 87 -9.34 21.88 -38.91
CA LEU D 87 -8.92 20.59 -38.36
C LEU D 87 -7.41 20.57 -38.21
N HIS D 88 -6.70 21.10 -39.21
CA HIS D 88 -5.24 21.16 -39.18
C HIS D 88 -4.77 22.21 -38.17
N ASN D 89 -5.64 23.17 -37.85
CA ASN D 89 -5.31 24.26 -36.95
C ASN D 89 -6.01 24.20 -35.59
N PHE D 90 -6.82 23.19 -35.36
CA PHE D 90 -7.53 23.12 -34.09
C PHE D 90 -6.59 23.10 -32.88
N HIS D 91 -5.51 22.33 -32.97
CA HIS D 91 -4.55 22.19 -31.88
C HIS D 91 -4.00 23.51 -31.41
N SER D 92 -3.84 24.44 -32.33
CA SER D 92 -3.29 25.73 -31.99
C SER D 92 -4.23 26.66 -31.26
N PHE D 93 -5.54 26.52 -31.48
CA PHE D 93 -6.52 27.38 -30.81
C PHE D 93 -6.46 27.23 -29.28
N LEU D 94 -5.84 26.15 -28.82
CA LEU D 94 -5.70 25.88 -27.39
C LEU D 94 -4.82 26.93 -26.73
N TYR D 95 -4.09 27.70 -27.54
CA TYR D 95 -3.21 28.73 -27.01
C TYR D 95 -3.72 30.14 -27.31
N GLN D 96 -4.83 30.21 -28.05
CA GLN D 96 -5.48 31.48 -28.39
C GLN D 96 -6.66 31.68 -27.44
N PRO D 97 -6.49 32.56 -26.43
CA PRO D 97 -7.57 32.82 -25.47
C PRO D 97 -8.94 33.11 -26.08
N ASP D 98 -8.97 34.00 -27.06
CA ASP D 98 -10.23 34.41 -27.69
C ASP D 98 -10.83 33.53 -28.78
N TRP D 99 -10.12 32.52 -29.25
CA TRP D 99 -10.67 31.69 -30.31
C TRP D 99 -12.03 31.09 -29.98
N ARG D 100 -12.79 30.78 -31.01
CA ARG D 100 -14.11 30.16 -30.87
C ARG D 100 -14.76 30.03 -32.24
N PHE D 101 -15.81 29.21 -32.32
CA PHE D 101 -16.50 28.98 -33.58
C PHE D 101 -17.99 29.09 -33.35
N MET D 102 -18.62 30.13 -33.92
CA MET D 102 -20.05 30.35 -33.74
C MET D 102 -20.94 29.90 -34.91
N GLU D 103 -20.34 29.26 -35.91
CA GLU D 103 -21.09 28.83 -37.09
C GLU D 103 -21.32 27.34 -37.26
N SER D 104 -21.43 26.62 -36.14
CA SER D 104 -21.69 25.20 -36.23
C SER D 104 -23.17 25.03 -35.94
N LYS D 105 -23.74 23.94 -36.43
CA LYS D 105 -25.15 23.69 -36.20
C LYS D 105 -25.30 22.26 -35.69
N GLU D 106 -24.33 21.83 -34.88
CA GLU D 106 -24.33 20.49 -34.31
C GLU D 106 -24.87 20.52 -32.89
N LYS D 107 -25.14 19.34 -32.34
CA LYS D 107 -25.70 19.24 -30.99
C LYS D 107 -24.82 19.77 -29.87
N ASP D 108 -23.50 19.62 -30.01
CA ASP D 108 -22.58 20.05 -28.97
C ASP D 108 -21.76 21.29 -29.32
N ARG D 109 -22.33 22.21 -30.10
CA ARG D 109 -21.63 23.43 -30.48
C ARG D 109 -21.23 24.28 -29.28
N GLN D 110 -21.83 24.03 -28.12
CA GLN D 110 -21.51 24.80 -26.92
C GLN D 110 -20.00 24.78 -26.66
N VAL D 111 -19.35 23.64 -26.89
CA VAL D 111 -17.92 23.53 -26.66
C VAL D 111 -17.15 24.35 -27.70
N LEU D 112 -17.81 24.63 -28.81
CA LEU D 112 -17.19 25.41 -29.89
C LEU D 112 -17.42 26.90 -29.68
N GLU D 113 -18.63 27.26 -29.25
CA GLU D 113 -18.98 28.66 -29.01
C GLU D 113 -18.32 29.22 -27.75
N ASP D 114 -18.12 28.35 -26.75
CA ASP D 114 -17.49 28.75 -25.50
C ASP D 114 -16.17 28.01 -25.34
N PHE D 115 -15.45 27.86 -26.44
CA PHE D 115 -14.17 27.17 -26.39
C PHE D 115 -13.18 27.94 -25.52
N PRO D 116 -13.29 29.26 -25.45
CA PRO D 116 -12.35 30.01 -24.62
C PRO D 116 -12.34 29.55 -23.18
N THR D 117 -13.50 29.08 -22.73
CA THR D 117 -13.64 28.59 -21.36
C THR D 117 -12.84 27.30 -21.19
N ILE D 118 -12.98 26.41 -22.16
CA ILE D 118 -12.27 25.15 -22.14
C ILE D 118 -10.77 25.37 -22.34
N SER D 119 -10.40 26.17 -23.34
CA SER D 119 -8.99 26.44 -23.60
C SER D 119 -8.30 27.05 -22.38
N LEU D 120 -9.06 27.84 -21.62
CA LEU D 120 -8.48 28.45 -20.44
C LEU D 120 -8.03 27.37 -19.47
N GLU D 121 -8.92 26.44 -19.16
CA GLU D 121 -8.61 25.34 -18.26
C GLU D 121 -7.55 24.40 -18.84
N PHE D 122 -7.38 24.42 -20.15
CA PHE D 122 -6.37 23.57 -20.76
C PHE D 122 -5.01 24.14 -20.37
N ARG D 123 -4.90 25.47 -20.39
CA ARG D 123 -3.64 26.14 -20.06
C ARG D 123 -3.36 26.22 -18.56
N ASN D 124 -4.27 25.67 -17.75
CA ASN D 124 -4.11 25.64 -16.31
C ASN D 124 -3.64 24.25 -15.91
N LEU D 125 -3.72 23.31 -16.85
CA LEU D 125 -3.25 21.94 -16.61
C LEU D 125 -1.73 22.06 -16.65
N ALA D 126 -1.03 21.13 -16.01
CA ALA D 126 0.43 21.19 -16.00
C ALA D 126 1.00 21.03 -17.41
N GLU D 127 2.02 21.80 -17.73
CA GLU D 127 2.65 21.75 -19.05
C GLU D 127 2.77 20.33 -19.66
N LYS D 128 3.08 19.34 -18.85
CA LYS D 128 3.24 17.98 -19.35
C LYS D 128 1.97 17.37 -19.93
N TYR D 129 0.80 17.70 -19.38
CA TYR D 129 -0.46 17.18 -19.92
C TYR D 129 -0.78 18.01 -21.14
N GLN D 130 -0.34 19.26 -21.13
CA GLN D 130 -0.59 20.16 -22.24
C GLN D 130 0.05 19.69 -23.55
N THR D 131 1.31 19.28 -23.46
CA THR D 131 2.02 18.82 -24.65
C THR D 131 1.38 17.56 -25.21
N VAL D 132 0.81 16.74 -24.35
CA VAL D 132 0.19 15.52 -24.81
C VAL D 132 -1.12 15.80 -25.53
N ILE D 133 -2.00 16.53 -24.87
CA ILE D 133 -3.30 16.86 -25.43
C ILE D 133 -3.21 17.57 -26.77
N ALA D 134 -2.34 18.58 -26.87
CA ALA D 134 -2.18 19.33 -28.12
C ALA D 134 -1.59 18.44 -29.21
N ASP D 135 -0.47 17.80 -28.92
CA ASP D 135 0.17 16.93 -29.90
C ASP D 135 -0.82 15.94 -30.48
N ILE D 136 -1.73 15.42 -29.68
CA ILE D 136 -2.70 14.46 -30.19
C ILE D 136 -3.77 15.16 -31.02
N CYS D 137 -4.04 16.43 -30.74
CA CYS D 137 -5.04 17.16 -31.52
C CYS D 137 -4.44 17.50 -32.87
N ARG D 138 -3.14 17.77 -32.87
CA ARG D 138 -2.46 18.12 -34.09
C ARG D 138 -2.53 16.92 -35.02
N ARG D 139 -2.14 15.76 -34.50
CA ARG D 139 -2.14 14.53 -35.27
C ARG D 139 -3.54 14.02 -35.63
N MET D 140 -4.46 14.10 -34.68
CA MET D 140 -5.82 13.65 -34.92
C MET D 140 -6.45 14.51 -36.01
N GLY D 141 -6.43 15.82 -35.83
CA GLY D 141 -7.02 16.73 -36.80
C GLY D 141 -6.48 16.58 -38.21
N ILE D 142 -5.29 16.01 -38.34
CA ILE D 142 -4.66 15.81 -39.63
C ILE D 142 -5.29 14.63 -40.33
N GLY D 143 -5.47 13.54 -39.57
CA GLY D 143 -6.10 12.36 -40.13
C GLY D 143 -7.56 12.63 -40.43
N MET D 144 -8.22 13.35 -39.52
CA MET D 144 -9.62 13.67 -39.70
C MET D 144 -9.83 14.36 -41.05
N ALA D 145 -9.01 15.37 -41.32
CA ALA D 145 -9.10 16.11 -42.57
C ALA D 145 -8.86 15.17 -43.75
N GLU D 146 -7.92 14.25 -43.59
CA GLU D 146 -7.56 13.30 -44.64
C GLU D 146 -8.68 12.36 -45.07
N PHE D 147 -9.53 11.93 -44.15
CA PHE D 147 -10.62 11.03 -44.54
C PHE D 147 -11.92 11.78 -44.78
N LEU D 148 -11.81 13.03 -45.20
CA LEU D 148 -13.00 13.84 -45.47
C LEU D 148 -13.51 13.57 -46.89
N ASP D 149 -12.60 13.62 -47.85
CA ASP D 149 -12.93 13.41 -49.26
C ASP D 149 -12.99 11.94 -49.66
N LYS D 150 -12.34 11.07 -48.88
CA LYS D 150 -12.34 9.65 -49.20
C LYS D 150 -13.13 8.78 -48.21
N HIS D 151 -13.17 7.49 -48.50
CA HIS D 151 -13.86 6.52 -47.67
C HIS D 151 -12.92 5.36 -47.35
N VAL D 152 -13.28 4.56 -46.36
CA VAL D 152 -12.43 3.43 -45.98
C VAL D 152 -12.44 2.40 -47.09
N THR D 153 -11.27 2.22 -47.69
CA THR D 153 -11.13 1.27 -48.78
C THR D 153 -10.56 -0.03 -48.23
N SER D 154 -9.24 -0.10 -48.16
CA SER D 154 -8.51 -1.26 -47.67
C SER D 154 -8.80 -1.53 -46.20
N GLU D 155 -8.48 -2.72 -45.73
CA GLU D 155 -8.70 -3.05 -44.32
C GLU D 155 -7.68 -2.32 -43.47
N GLN D 156 -6.42 -2.30 -43.93
CA GLN D 156 -5.39 -1.61 -43.18
C GLN D 156 -5.61 -0.11 -43.26
N GLU D 157 -6.56 0.28 -44.10
CA GLU D 157 -6.93 1.68 -44.24
C GLU D 157 -8.02 1.92 -43.20
N TRP D 158 -8.67 0.83 -42.79
CA TRP D 158 -9.71 0.91 -41.77
C TRP D 158 -8.96 1.12 -40.46
N ASP D 159 -7.83 0.42 -40.31
CA ASP D 159 -7.00 0.53 -39.13
C ASP D 159 -6.43 1.94 -39.04
N LYS D 160 -6.10 2.51 -40.19
CA LYS D 160 -5.56 3.86 -40.24
C LYS D 160 -6.61 4.87 -39.81
N TYR D 161 -7.85 4.67 -40.24
CA TYR D 161 -8.90 5.60 -39.86
C TYR D 161 -9.11 5.53 -38.35
N CYS D 162 -9.38 4.33 -37.85
CA CYS D 162 -9.60 4.11 -36.41
C CYS D 162 -8.47 4.69 -35.58
N HIS D 163 -7.26 4.64 -36.11
CA HIS D 163 -6.09 5.18 -35.41
C HIS D 163 -6.17 6.68 -35.23
N TYR D 164 -6.68 7.37 -36.25
CA TYR D 164 -6.78 8.81 -36.22
C TYR D 164 -7.92 9.34 -35.35
N VAL D 165 -8.92 8.52 -35.07
CA VAL D 165 -10.07 8.98 -34.28
C VAL D 165 -10.25 8.21 -32.98
N ALA D 166 -9.57 7.08 -32.87
CA ALA D 166 -9.70 6.27 -31.68
C ALA D 166 -8.35 5.83 -31.11
N GLY D 167 -7.47 5.33 -31.98
CA GLY D 167 -6.15 4.90 -31.54
C GLY D 167 -5.45 5.98 -30.75
N LEU D 168 -5.19 7.11 -31.40
CA LEU D 168 -4.52 8.24 -30.78
C LEU D 168 -5.12 8.66 -29.42
N VAL D 169 -6.43 8.53 -29.25
CA VAL D 169 -7.03 8.92 -27.99
C VAL D 169 -6.54 7.94 -26.92
N GLY D 170 -6.43 6.67 -27.29
CA GLY D 170 -5.94 5.68 -26.35
C GLY D 170 -4.48 5.98 -26.05
N ILE D 171 -3.75 6.36 -27.09
CA ILE D 171 -2.35 6.69 -26.94
C ILE D 171 -2.23 7.95 -26.08
N GLY D 172 -3.12 8.90 -26.28
CA GLY D 172 -3.09 10.12 -25.49
C GLY D 172 -3.32 9.78 -24.02
N LEU D 173 -4.49 9.25 -23.69
CA LEU D 173 -4.79 8.89 -22.32
C LEU D 173 -3.67 8.08 -21.67
N SER D 174 -3.09 7.14 -22.41
CA SER D 174 -2.02 6.34 -21.85
C SER D 174 -0.85 7.23 -21.44
N ARG D 175 -0.60 8.27 -22.22
CA ARG D 175 0.50 9.17 -21.89
C ARG D 175 0.18 10.06 -20.69
N LEU D 176 -1.10 10.41 -20.52
CA LEU D 176 -1.51 11.21 -19.37
C LEU D 176 -1.37 10.37 -18.10
N PHE D 177 -1.85 9.12 -18.15
CA PHE D 177 -1.77 8.22 -17.00
C PHE D 177 -0.32 8.09 -16.51
N SER D 178 0.61 7.81 -17.43
CA SER D 178 2.01 7.67 -17.08
C SER D 178 2.62 9.00 -16.66
N ALA D 179 2.22 10.07 -17.31
CA ALA D 179 2.73 11.39 -16.99
C ALA D 179 2.37 11.79 -15.56
N SER D 180 1.26 11.27 -15.07
CA SER D 180 0.80 11.58 -13.73
C SER D 180 1.39 10.64 -12.69
N GLU D 181 2.22 9.70 -13.14
CA GLU D 181 2.84 8.73 -12.24
C GLU D 181 1.86 7.77 -11.56
N PHE D 182 0.56 7.90 -11.84
CA PHE D 182 -0.40 6.98 -11.26
C PHE D 182 -0.27 5.61 -11.90
N GLU D 183 0.27 5.61 -13.11
CA GLU D 183 0.49 4.37 -13.84
C GLU D 183 1.96 4.28 -14.22
N ASP D 184 2.39 3.09 -14.58
CA ASP D 184 3.77 2.84 -14.94
C ASP D 184 4.21 3.52 -16.24
N PRO D 185 5.52 3.80 -16.39
CA PRO D 185 6.02 4.43 -17.60
C PRO D 185 5.68 3.58 -18.81
N LEU D 186 5.71 2.27 -18.61
CA LEU D 186 5.40 1.34 -19.68
C LEU D 186 4.05 1.67 -20.32
N VAL D 187 3.01 1.83 -19.49
CA VAL D 187 1.68 2.14 -19.99
C VAL D 187 1.69 3.20 -21.09
N GLY D 188 2.49 4.24 -20.92
CA GLY D 188 2.57 5.31 -21.91
C GLY D 188 3.47 4.99 -23.08
N GLU D 189 4.59 4.33 -22.80
CA GLU D 189 5.56 3.96 -23.81
C GLU D 189 5.04 2.99 -24.86
N ASP D 190 4.28 1.99 -24.43
CA ASP D 190 3.74 1.00 -25.36
C ASP D 190 2.57 1.54 -26.17
N THR D 191 2.86 2.39 -27.16
CA THR D 191 1.83 2.98 -27.99
C THR D 191 1.04 1.97 -28.82
N GLU D 192 1.64 0.82 -29.08
CA GLU D 192 0.96 -0.23 -29.85
C GLU D 192 -0.30 -0.74 -29.14
N ARG D 193 -0.15 -1.15 -27.88
CA ARG D 193 -1.27 -1.64 -27.10
C ARG D 193 -2.24 -0.49 -26.84
N ALA D 194 -1.71 0.71 -26.61
CA ALA D 194 -2.53 1.89 -26.38
C ALA D 194 -3.46 2.04 -27.56
N ASN D 195 -2.86 1.92 -28.75
CA ASN D 195 -3.57 2.03 -30.01
C ASN D 195 -4.69 0.99 -30.14
N SER D 196 -4.37 -0.28 -29.89
CA SER D 196 -5.37 -1.35 -30.00
C SER D 196 -6.56 -1.03 -29.11
N MET D 197 -6.29 -0.48 -27.93
CA MET D 197 -7.35 -0.13 -27.00
C MET D 197 -8.40 0.68 -27.74
N GLY D 198 -7.92 1.63 -28.54
CA GLY D 198 -8.81 2.51 -29.29
C GLY D 198 -9.41 1.85 -30.51
N LEU D 199 -8.60 1.06 -31.20
CA LEU D 199 -9.05 0.37 -32.40
C LEU D 199 -10.21 -0.57 -32.08
N PHE D 200 -10.12 -1.26 -30.95
CA PHE D 200 -11.17 -2.19 -30.56
C PHE D 200 -12.49 -1.48 -30.33
N LEU D 201 -12.47 -0.38 -29.59
CA LEU D 201 -13.70 0.36 -29.32
C LEU D 201 -14.27 1.00 -30.59
N GLN D 202 -13.39 1.41 -31.50
CA GLN D 202 -13.83 2.06 -32.73
C GLN D 202 -14.46 1.12 -33.75
N LYS D 203 -13.91 -0.08 -33.91
CA LYS D 203 -14.45 -1.06 -34.85
C LYS D 203 -15.77 -1.63 -34.33
N THR D 204 -15.82 -1.90 -33.03
CA THR D 204 -17.02 -2.42 -32.41
C THR D 204 -18.14 -1.40 -32.57
N ASN D 205 -17.81 -0.13 -32.37
CA ASN D 205 -18.80 0.93 -32.49
C ASN D 205 -19.21 1.13 -33.94
N ILE D 206 -18.26 1.02 -34.85
CA ILE D 206 -18.58 1.20 -36.26
C ILE D 206 -19.47 0.05 -36.73
N ILE D 207 -19.08 -1.17 -36.41
CA ILE D 207 -19.88 -2.32 -36.81
C ILE D 207 -21.30 -2.16 -36.28
N ARG D 208 -21.44 -1.94 -34.98
CA ARG D 208 -22.76 -1.80 -34.37
C ARG D 208 -23.64 -0.73 -35.01
N ASP D 209 -23.05 0.38 -35.44
CA ASP D 209 -23.82 1.46 -36.01
C ASP D 209 -23.93 1.45 -37.53
N TYR D 210 -24.07 0.27 -38.12
CA TYR D 210 -24.17 0.20 -39.58
C TYR D 210 -25.36 0.98 -40.16
N LEU D 211 -26.56 0.63 -39.72
CA LEU D 211 -27.77 1.29 -40.21
C LEU D 211 -27.75 2.78 -39.91
N GLU D 212 -27.44 3.12 -38.67
CA GLU D 212 -27.37 4.51 -38.25
C GLU D 212 -26.46 5.30 -39.20
N ASP D 213 -25.23 4.80 -39.38
CA ASP D 213 -24.26 5.45 -40.26
C ASP D 213 -24.65 5.37 -41.73
N GLN D 214 -25.71 4.62 -42.02
CA GLN D 214 -26.16 4.44 -43.41
C GLN D 214 -27.26 5.41 -43.82
N GLN D 215 -28.03 5.90 -42.86
CA GLN D 215 -29.09 6.84 -43.15
C GLN D 215 -28.56 8.26 -42.94
N GLY D 216 -27.46 8.36 -42.23
CA GLY D 216 -26.84 9.64 -41.99
C GLY D 216 -26.02 10.02 -43.21
N GLY D 217 -25.72 9.02 -44.04
CA GLY D 217 -24.94 9.26 -45.24
C GLY D 217 -23.44 9.12 -45.02
N ARG D 218 -23.02 7.97 -44.50
CA ARG D 218 -21.61 7.73 -44.22
C ARG D 218 -21.28 6.27 -44.41
N GLU D 219 -20.02 5.98 -44.65
CA GLU D 219 -19.59 4.61 -44.84
C GLU D 219 -18.17 4.35 -44.33
N PHE D 220 -18.12 3.75 -43.13
CA PHE D 220 -16.86 3.42 -42.45
C PHE D 220 -16.44 1.99 -42.69
N TRP D 221 -17.39 1.11 -42.96
CA TRP D 221 -17.07 -0.29 -43.21
C TRP D 221 -16.07 -0.33 -44.36
N PRO D 222 -14.93 -1.02 -44.17
CA PRO D 222 -13.92 -1.11 -45.23
C PRO D 222 -14.46 -1.66 -46.54
N GLN D 223 -14.43 -0.82 -47.57
CA GLN D 223 -14.92 -1.20 -48.90
C GLN D 223 -14.36 -2.55 -49.36
N GLU D 224 -13.04 -2.72 -49.28
CA GLU D 224 -12.42 -3.96 -49.72
C GLU D 224 -12.97 -5.19 -49.02
N VAL D 225 -13.91 -4.98 -48.11
CA VAL D 225 -14.53 -6.09 -47.40
C VAL D 225 -15.96 -6.30 -47.89
N TRP D 226 -16.79 -5.28 -47.73
CA TRP D 226 -18.18 -5.38 -48.14
C TRP D 226 -18.34 -5.51 -49.65
N SER D 227 -17.43 -4.91 -50.41
CA SER D 227 -17.49 -4.98 -51.87
C SER D 227 -17.53 -6.43 -52.36
N ARG D 228 -16.82 -7.31 -51.67
CA ARG D 228 -16.81 -8.72 -52.05
C ARG D 228 -18.22 -9.30 -51.93
N TYR D 229 -19.01 -8.75 -51.03
CA TYR D 229 -20.37 -9.24 -50.79
C TYR D 229 -21.49 -8.54 -51.55
N VAL D 230 -21.31 -7.27 -51.88
CA VAL D 230 -22.33 -6.54 -52.62
C VAL D 230 -21.75 -5.54 -53.60
N LYS D 231 -22.54 -4.52 -53.96
CA LYS D 231 -22.07 -3.50 -54.90
C LYS D 231 -22.11 -2.12 -54.26
N LYS D 232 -23.03 -1.93 -53.32
CA LYS D 232 -23.16 -0.68 -52.60
C LYS D 232 -23.35 -1.02 -51.13
N LEU D 233 -22.57 -0.39 -50.27
CA LEU D 233 -22.68 -0.68 -48.85
C LEU D 233 -24.13 -0.65 -48.38
N GLY D 234 -24.93 0.23 -48.95
CA GLY D 234 -26.33 0.33 -48.56
C GLY D 234 -27.12 -0.93 -48.84
N ASP D 235 -26.57 -1.79 -49.68
CA ASP D 235 -27.26 -3.04 -50.03
C ASP D 235 -27.61 -3.87 -48.80
N PHE D 236 -26.69 -3.92 -47.84
CA PHE D 236 -26.89 -4.69 -46.62
C PHE D 236 -28.18 -4.38 -45.89
N ALA D 237 -28.79 -3.24 -46.19
CA ALA D 237 -30.04 -2.83 -45.54
C ALA D 237 -31.26 -3.57 -46.13
N LEU D 238 -31.16 -3.92 -47.41
CA LEU D 238 -32.24 -4.62 -48.12
C LEU D 238 -32.40 -6.06 -47.63
N PRO D 239 -33.65 -6.48 -47.38
CA PRO D 239 -34.00 -7.82 -46.91
C PRO D 239 -33.44 -8.98 -47.75
N GLU D 240 -33.43 -8.81 -49.07
CA GLU D 240 -32.94 -9.86 -49.95
C GLU D 240 -31.41 -9.94 -50.01
N ASN D 241 -30.74 -9.33 -49.04
CA ASN D 241 -29.27 -9.34 -48.98
C ASN D 241 -28.69 -9.79 -47.63
N ILE D 242 -29.46 -9.62 -46.55
CA ILE D 242 -29.01 -9.94 -45.20
C ILE D 242 -28.24 -11.24 -44.97
N ASP D 243 -28.05 -12.05 -46.01
CA ASP D 243 -27.29 -13.29 -45.83
C ASP D 243 -25.86 -13.09 -46.26
N LEU D 244 -25.62 -11.97 -46.93
CA LEU D 244 -24.28 -11.61 -47.38
C LEU D 244 -23.87 -10.47 -46.45
N ALA D 245 -24.86 -9.94 -45.74
CA ALA D 245 -24.66 -8.85 -44.80
C ALA D 245 -24.19 -9.44 -43.48
N VAL D 246 -24.74 -10.60 -43.15
CA VAL D 246 -24.35 -11.27 -41.92
C VAL D 246 -23.26 -12.29 -42.20
N GLN D 247 -22.39 -11.93 -43.14
CA GLN D 247 -21.24 -12.76 -43.51
C GLN D 247 -20.09 -11.78 -43.56
N CYS D 248 -20.45 -10.54 -43.92
CA CYS D 248 -19.53 -9.43 -44.01
C CYS D 248 -19.36 -8.98 -42.56
N LEU D 249 -20.51 -8.81 -41.89
CA LEU D 249 -20.54 -8.42 -40.50
C LEU D 249 -19.75 -9.42 -39.66
N ASN D 250 -19.95 -10.70 -39.95
CA ASN D 250 -19.23 -11.73 -39.23
C ASN D 250 -17.75 -11.69 -39.54
N GLU D 251 -17.39 -11.18 -40.71
CA GLU D 251 -15.98 -11.13 -41.07
C GLU D 251 -15.26 -9.97 -40.39
N LEU D 252 -15.97 -8.89 -40.14
CA LEU D 252 -15.38 -7.73 -39.49
C LEU D 252 -15.13 -8.08 -38.02
N ILE D 253 -16.19 -8.52 -37.35
CA ILE D 253 -16.08 -8.90 -35.95
C ILE D 253 -14.85 -9.76 -35.75
N THR D 254 -14.62 -10.69 -36.67
CA THR D 254 -13.45 -11.55 -36.59
C THR D 254 -12.17 -10.71 -36.59
N ASN D 255 -12.17 -9.62 -37.35
CA ASN D 255 -11.01 -8.74 -37.42
C ASN D 255 -10.83 -8.05 -36.07
N ALA D 256 -11.88 -7.36 -35.64
CA ALA D 256 -11.85 -6.65 -34.38
C ALA D 256 -11.37 -7.59 -33.30
N LEU D 257 -11.94 -8.79 -33.27
CA LEU D 257 -11.57 -9.77 -32.27
C LEU D 257 -10.06 -9.88 -32.10
N HIS D 258 -9.33 -9.61 -33.18
CA HIS D 258 -7.89 -9.71 -33.12
C HIS D 258 -7.19 -8.74 -32.17
N HIS D 259 -7.94 -7.77 -31.69
CA HIS D 259 -7.37 -6.78 -30.78
C HIS D 259 -7.34 -7.21 -29.32
N ILE D 260 -8.21 -8.13 -28.94
CA ILE D 260 -8.31 -8.58 -27.57
C ILE D 260 -6.98 -8.89 -26.87
N PRO D 261 -6.13 -9.75 -27.47
CA PRO D 261 -4.85 -10.03 -26.81
C PRO D 261 -4.15 -8.75 -26.34
N ASP D 262 -4.20 -7.71 -27.18
CA ASP D 262 -3.58 -6.44 -26.82
C ASP D 262 -4.38 -5.75 -25.73
N VAL D 263 -5.69 -5.95 -25.71
CA VAL D 263 -6.53 -5.34 -24.69
C VAL D 263 -6.27 -5.97 -23.33
N ILE D 264 -6.01 -7.27 -23.31
CA ILE D 264 -5.72 -7.94 -22.04
C ILE D 264 -4.35 -7.47 -21.54
N THR D 265 -3.39 -7.37 -22.46
CA THR D 265 -2.06 -6.92 -22.09
C THR D 265 -2.07 -5.50 -21.51
N TYR D 266 -2.76 -4.59 -22.19
CA TYR D 266 -2.82 -3.22 -21.75
C TYR D 266 -3.58 -3.07 -20.44
N LEU D 267 -4.63 -3.86 -20.25
CA LEU D 267 -5.41 -3.76 -19.02
C LEU D 267 -4.64 -4.39 -17.86
N SER D 268 -3.79 -5.36 -18.19
CA SER D 268 -2.97 -6.08 -17.21
C SER D 268 -1.81 -5.29 -16.61
N ARG D 269 -1.46 -4.17 -17.23
CA ARG D 269 -0.38 -3.34 -16.75
C ARG D 269 -0.87 -2.27 -15.78
N LEU D 270 -2.17 -2.08 -15.73
CA LEU D 270 -2.78 -1.10 -14.85
C LEU D 270 -2.69 -1.47 -13.37
N ARG D 271 -2.50 -0.46 -12.52
CA ARG D 271 -2.38 -0.68 -11.08
C ARG D 271 -3.24 0.29 -10.26
N ASN D 272 -3.74 1.34 -10.91
CA ASN D 272 -4.60 2.29 -10.21
C ASN D 272 -6.04 1.92 -10.49
N GLN D 273 -6.84 1.78 -9.43
CA GLN D 273 -8.24 1.40 -9.54
C GLN D 273 -9.11 2.34 -10.38
N SER D 274 -9.06 3.63 -10.10
CA SER D 274 -9.86 4.58 -10.87
C SER D 274 -9.55 4.46 -12.37
N VAL D 275 -8.27 4.39 -12.73
CA VAL D 275 -7.87 4.25 -14.13
C VAL D 275 -8.28 2.89 -14.67
N PHE D 276 -8.27 1.86 -13.82
CA PHE D 276 -8.66 0.53 -14.27
C PHE D 276 -10.14 0.50 -14.61
N ASN D 277 -10.96 1.17 -13.80
CA ASN D 277 -12.40 1.22 -14.03
C ASN D 277 -12.66 2.03 -15.30
N PHE D 278 -11.89 3.08 -15.49
CA PHE D 278 -12.03 3.94 -16.65
C PHE D 278 -11.66 3.18 -17.93
N CYS D 279 -10.66 2.31 -17.85
CA CYS D 279 -10.20 1.58 -19.02
C CYS D 279 -10.92 0.26 -19.29
N ALA D 280 -11.08 -0.54 -18.24
CA ALA D 280 -11.70 -1.86 -18.33
C ALA D 280 -13.16 -1.89 -18.75
N ILE D 281 -13.97 -1.00 -18.20
CA ILE D 281 -15.38 -1.03 -18.53
C ILE D 281 -15.70 -0.87 -20.02
N PRO D 282 -15.25 0.23 -20.65
CA PRO D 282 -15.55 0.38 -22.08
C PRO D 282 -15.19 -0.86 -22.89
N GLN D 283 -14.01 -1.40 -22.64
CA GLN D 283 -13.55 -2.59 -23.36
C GLN D 283 -14.47 -3.79 -23.13
N VAL D 284 -14.92 -3.97 -21.89
CA VAL D 284 -15.80 -5.08 -21.59
C VAL D 284 -17.13 -4.83 -22.29
N MET D 285 -17.64 -3.62 -22.17
CA MET D 285 -18.90 -3.26 -22.80
C MET D 285 -18.75 -3.47 -24.31
N ALA D 286 -17.51 -3.34 -24.81
CA ALA D 286 -17.21 -3.50 -26.22
C ALA D 286 -17.36 -4.96 -26.70
N ILE D 287 -16.82 -5.90 -25.92
CA ILE D 287 -16.90 -7.31 -26.30
C ILE D 287 -18.36 -7.72 -26.29
N ALA D 288 -19.01 -7.46 -25.15
CA ALA D 288 -20.41 -7.79 -24.98
C ALA D 288 -21.18 -7.37 -26.23
N THR D 289 -20.86 -6.19 -26.75
CA THR D 289 -21.52 -5.70 -27.95
C THR D 289 -21.22 -6.60 -29.15
N LEU D 290 -19.94 -6.92 -29.37
CA LEU D 290 -19.57 -7.78 -30.49
C LEU D 290 -20.21 -9.16 -30.38
N ALA D 291 -20.51 -9.59 -29.16
CA ALA D 291 -21.10 -10.90 -28.95
C ALA D 291 -22.62 -10.87 -29.05
N ALA D 292 -23.19 -9.67 -29.18
CA ALA D 292 -24.63 -9.53 -29.30
C ALA D 292 -24.98 -9.23 -30.75
N CYS D 293 -23.95 -8.88 -31.52
CA CYS D 293 -24.11 -8.54 -32.92
C CYS D 293 -23.57 -9.64 -33.83
N TYR D 294 -22.81 -10.56 -33.27
CA TYR D 294 -22.24 -11.63 -34.08
C TYR D 294 -23.32 -12.47 -34.71
N ASN D 295 -23.18 -12.74 -36.01
CA ASN D 295 -24.14 -13.54 -36.75
C ASN D 295 -25.57 -13.24 -36.31
N ASN D 296 -25.86 -11.97 -36.10
CA ASN D 296 -27.19 -11.53 -35.71
C ASN D 296 -27.70 -10.75 -36.90
N GLN D 297 -29.00 -10.74 -37.11
CA GLN D 297 -29.57 -10.03 -38.23
C GLN D 297 -30.02 -8.62 -37.88
N GLN D 298 -30.67 -8.48 -36.72
CA GLN D 298 -31.17 -7.19 -36.26
C GLN D 298 -30.17 -6.04 -36.31
N VAL D 299 -28.93 -6.34 -36.68
CA VAL D 299 -27.89 -5.32 -36.78
C VAL D 299 -28.26 -4.41 -37.94
N PHE D 300 -28.86 -5.02 -38.96
CA PHE D 300 -29.27 -4.32 -40.17
C PHE D 300 -30.76 -3.95 -40.15
N LYS D 301 -31.36 -4.04 -38.97
CA LYS D 301 -32.78 -3.72 -38.78
C LYS D 301 -32.92 -2.95 -37.46
N GLY D 302 -32.11 -1.92 -37.29
CA GLY D 302 -32.14 -1.13 -36.07
C GLY D 302 -30.91 -1.41 -35.24
N ALA D 303 -30.85 -0.86 -34.04
CA ALA D 303 -29.69 -1.06 -33.15
C ALA D 303 -29.82 -2.37 -32.38
N VAL D 304 -28.77 -2.73 -31.65
CA VAL D 304 -28.78 -3.98 -30.88
C VAL D 304 -28.69 -3.71 -29.38
N LEU D 305 -29.25 -4.63 -28.58
CA LEU D 305 -29.25 -4.49 -27.13
C LEU D 305 -28.35 -5.50 -26.42
N ILE D 306 -27.83 -5.10 -25.26
CA ILE D 306 -26.95 -5.96 -24.47
C ILE D 306 -27.75 -6.48 -23.27
N ARG D 307 -28.35 -7.66 -23.41
CA ARG D 307 -29.15 -8.21 -22.33
C ARG D 307 -28.42 -9.22 -21.44
N LEU D 308 -27.83 -8.70 -20.37
CA LEU D 308 -27.11 -9.49 -19.37
C LEU D 308 -25.96 -10.40 -19.83
N GLY D 309 -25.09 -10.71 -18.87
CA GLY D 309 -23.95 -11.58 -19.10
C GLY D 309 -24.09 -12.79 -18.19
N GLN D 310 -23.78 -13.98 -18.74
CA GLN D 310 -23.88 -15.25 -18.01
C GLN D 310 -23.51 -15.22 -16.51
N ALA D 311 -24.03 -16.19 -15.77
CA ALA D 311 -23.82 -16.35 -14.32
C ALA D 311 -22.49 -15.90 -13.73
N VAL D 312 -21.38 -16.42 -14.23
CA VAL D 312 -20.07 -16.01 -13.73
C VAL D 312 -19.96 -14.49 -13.86
N THR D 313 -20.38 -13.98 -15.02
CA THR D 313 -20.36 -12.55 -15.30
C THR D 313 -21.57 -11.87 -14.64
N LEU D 314 -22.32 -12.65 -13.85
CA LEU D 314 -23.49 -12.16 -13.14
C LEU D 314 -23.11 -11.98 -11.67
N MET D 315 -21.96 -12.54 -11.31
CA MET D 315 -21.49 -12.47 -9.93
C MET D 315 -20.22 -11.63 -9.81
N MET D 316 -19.63 -11.25 -10.95
CA MET D 316 -18.40 -10.45 -10.93
C MET D 316 -18.45 -9.26 -11.90
N ASP D 317 -17.91 -8.12 -11.47
CA ASP D 317 -17.88 -6.95 -12.33
C ASP D 317 -16.42 -6.64 -12.66
N ALA D 318 -16.22 -5.75 -13.63
CA ALA D 318 -14.88 -5.39 -14.08
C ALA D 318 -14.12 -4.41 -13.20
N THR D 319 -13.70 -4.88 -12.04
CA THR D 319 -12.96 -4.04 -11.12
C THR D 319 -11.56 -4.60 -10.89
N ASN D 320 -11.41 -5.91 -11.11
CA ASN D 320 -10.10 -6.53 -10.95
C ASN D 320 -9.75 -7.22 -12.28
N MET D 321 -8.46 -7.40 -12.54
CA MET D 321 -8.04 -7.99 -13.80
C MET D 321 -8.55 -9.40 -14.06
N PRO D 322 -8.44 -10.30 -13.08
CA PRO D 322 -8.92 -11.67 -13.29
C PRO D 322 -10.40 -11.71 -13.64
N ALA D 323 -11.19 -10.84 -13.03
CA ALA D 323 -12.61 -10.80 -13.33
C ALA D 323 -12.78 -10.45 -14.80
N VAL D 324 -12.15 -9.35 -15.22
CA VAL D 324 -12.22 -8.87 -16.60
C VAL D 324 -11.88 -9.98 -17.58
N LYS D 325 -10.83 -10.74 -17.30
CA LYS D 325 -10.43 -11.83 -18.19
C LYS D 325 -11.57 -12.83 -18.27
N ALA D 326 -12.00 -13.32 -17.12
CA ALA D 326 -13.11 -14.26 -17.04
C ALA D 326 -14.24 -13.73 -17.92
N ILE D 327 -14.71 -12.53 -17.62
CA ILE D 327 -15.78 -11.93 -18.38
C ILE D 327 -15.50 -11.98 -19.89
N ILE D 328 -14.31 -11.54 -20.30
CA ILE D 328 -13.97 -11.54 -21.71
C ILE D 328 -14.05 -12.94 -22.31
N TYR D 329 -13.52 -13.94 -21.59
CA TYR D 329 -13.54 -15.31 -22.09
C TYR D 329 -14.98 -15.83 -22.26
N GLN D 330 -15.87 -15.42 -21.37
CA GLN D 330 -17.25 -15.87 -21.45
C GLN D 330 -17.89 -15.42 -22.75
N TYR D 331 -17.58 -14.19 -23.17
CA TYR D 331 -18.15 -13.66 -24.40
C TYR D 331 -17.49 -14.29 -25.62
N MET D 332 -16.25 -14.72 -25.49
CA MET D 332 -15.55 -15.34 -26.61
C MET D 332 -16.25 -16.63 -26.92
N GLU D 333 -16.67 -17.33 -25.87
CA GLU D 333 -17.36 -18.60 -26.00
C GLU D 333 -18.81 -18.41 -26.38
N GLU D 334 -19.39 -17.27 -26.05
CA GLU D 334 -20.77 -17.04 -26.42
C GLU D 334 -20.76 -16.86 -27.93
N ILE D 335 -19.58 -16.53 -28.47
CA ILE D 335 -19.41 -16.34 -29.90
C ILE D 335 -18.96 -17.65 -30.53
N TYR D 336 -18.03 -18.35 -29.88
CA TYR D 336 -17.52 -19.61 -30.40
C TYR D 336 -18.64 -20.60 -30.69
N HIS D 337 -19.73 -20.49 -29.94
CA HIS D 337 -20.88 -21.38 -30.09
C HIS D 337 -21.77 -21.05 -31.29
N ARG D 338 -21.95 -19.76 -31.55
CA ARG D 338 -22.80 -19.37 -32.65
C ARG D 338 -22.09 -19.32 -33.99
N ILE D 339 -20.86 -19.81 -34.04
CA ILE D 339 -20.10 -19.82 -35.30
C ILE D 339 -20.63 -20.91 -36.24
N PRO D 340 -21.47 -20.53 -37.22
CA PRO D 340 -22.00 -21.52 -38.16
C PRO D 340 -20.91 -21.99 -39.13
N ASP D 341 -20.67 -23.30 -39.17
CA ASP D 341 -19.65 -23.87 -40.06
C ASP D 341 -19.93 -23.37 -41.47
N SER D 342 -21.16 -22.94 -41.67
CA SER D 342 -21.63 -22.45 -42.96
C SER D 342 -20.99 -21.12 -43.35
N ASN D 343 -20.53 -20.38 -42.34
CA ASN D 343 -19.93 -19.06 -42.57
C ASN D 343 -18.53 -19.18 -43.14
N PRO D 344 -18.12 -18.21 -43.99
CA PRO D 344 -16.80 -18.16 -44.63
C PRO D 344 -15.61 -17.83 -43.71
N SER D 345 -15.82 -16.95 -42.74
CA SER D 345 -14.74 -16.58 -41.83
C SER D 345 -14.73 -17.51 -40.62
N SER D 346 -15.76 -18.34 -40.54
CA SER D 346 -15.93 -19.29 -39.42
C SER D 346 -14.64 -19.96 -38.99
N SER D 347 -13.72 -20.13 -39.93
CA SER D 347 -12.45 -20.78 -39.65
C SER D 347 -11.51 -19.92 -38.82
N LYS D 348 -11.00 -18.85 -39.42
CA LYS D 348 -10.08 -17.97 -38.71
C LYS D 348 -10.75 -17.36 -37.49
N THR D 349 -12.07 -17.43 -37.44
CA THR D 349 -12.82 -16.90 -36.30
C THR D 349 -12.57 -17.80 -35.10
N ARG D 350 -12.61 -19.11 -35.32
CA ARG D 350 -12.35 -20.05 -34.24
C ARG D 350 -10.87 -19.95 -33.92
N GLN D 351 -10.07 -19.67 -34.95
CA GLN D 351 -8.64 -19.55 -34.78
C GLN D 351 -8.23 -18.42 -33.85
N ILE D 352 -8.81 -17.24 -34.05
CA ILE D 352 -8.46 -16.13 -33.19
C ILE D 352 -8.97 -16.39 -31.78
N ILE D 353 -10.19 -16.90 -31.66
CA ILE D 353 -10.75 -17.18 -30.35
C ILE D 353 -9.94 -18.21 -29.58
N SER D 354 -9.50 -19.26 -30.26
CA SER D 354 -8.72 -20.30 -29.61
C SER D 354 -7.38 -19.78 -29.18
N THR D 355 -6.93 -18.70 -29.83
CA THR D 355 -5.65 -18.09 -29.50
C THR D 355 -5.78 -17.19 -28.27
N ILE D 356 -6.85 -16.41 -28.23
CA ILE D 356 -7.08 -15.50 -27.13
C ILE D 356 -7.20 -16.24 -25.79
N ARG D 357 -7.67 -17.47 -25.84
CA ARG D 357 -7.87 -18.27 -24.64
C ARG D 357 -6.71 -19.17 -24.22
N THR D 358 -5.85 -19.55 -25.14
CA THR D 358 -4.73 -20.43 -24.80
C THR D 358 -3.57 -19.72 -24.13
N GLN D 359 -3.28 -18.49 -24.57
CA GLN D 359 -2.19 -17.73 -24.00
C GLN D 359 -2.54 -17.15 -22.65
N LEU E 26 1.86 -21.83 -27.11
CA LEU E 26 1.40 -21.78 -28.48
C LEU E 26 1.51 -23.14 -29.16
N SER E 27 1.15 -24.19 -28.43
CA SER E 27 1.18 -25.57 -28.96
C SER E 27 -0.24 -25.93 -29.36
N SER E 28 -0.40 -26.56 -30.52
CA SER E 28 -1.72 -26.95 -30.98
C SER E 28 -2.35 -27.96 -30.02
N SER E 29 -1.50 -28.68 -29.28
CA SER E 29 -2.01 -29.64 -28.32
C SER E 29 -2.62 -28.85 -27.15
N LEU E 30 -1.91 -27.82 -26.69
CA LEU E 30 -2.41 -26.99 -25.60
C LEU E 30 -3.62 -26.20 -26.09
N LYS E 31 -3.60 -25.81 -27.36
CA LYS E 31 -4.71 -25.07 -27.95
C LYS E 31 -5.98 -25.90 -27.88
N THR E 32 -5.86 -27.17 -28.25
CA THR E 32 -7.00 -28.07 -28.22
C THR E 32 -7.41 -28.41 -26.79
N CYS E 33 -6.44 -28.51 -25.88
CA CYS E 33 -6.80 -28.80 -24.50
C CYS E 33 -7.82 -27.77 -24.02
N TYR E 34 -7.55 -26.49 -24.29
CA TYR E 34 -8.46 -25.42 -23.89
C TYR E 34 -9.76 -25.48 -24.68
N LYS E 35 -9.69 -26.06 -25.88
CA LYS E 35 -10.89 -26.18 -26.71
C LYS E 35 -11.84 -27.12 -25.97
N TYR E 36 -11.28 -28.22 -25.46
CA TYR E 36 -12.10 -29.19 -24.72
C TYR E 36 -12.50 -28.61 -23.38
N LEU E 37 -11.62 -27.81 -22.78
CA LEU E 37 -11.94 -27.21 -21.49
C LEU E 37 -13.26 -26.48 -21.65
N ASN E 38 -13.32 -25.56 -22.59
CA ASN E 38 -14.54 -24.80 -22.85
C ASN E 38 -15.64 -25.73 -23.36
N GLN E 39 -15.25 -26.96 -23.70
CA GLN E 39 -16.18 -27.94 -24.23
C GLN E 39 -16.86 -28.75 -23.13
N THR E 40 -16.11 -29.07 -22.08
CA THR E 40 -16.64 -29.85 -20.97
C THR E 40 -17.10 -28.99 -19.80
N SER E 41 -16.17 -28.25 -19.21
CA SER E 41 -16.47 -27.38 -18.09
C SER E 41 -16.92 -26.00 -18.58
N ARG E 42 -17.98 -25.45 -18.01
CA ARG E 42 -18.45 -24.13 -18.43
C ARG E 42 -18.24 -23.11 -17.30
N SER E 43 -18.80 -23.45 -16.15
CA SER E 43 -18.73 -22.61 -14.96
C SER E 43 -17.30 -22.49 -14.49
N PHE E 44 -16.38 -23.13 -15.22
CA PHE E 44 -14.98 -23.09 -14.83
C PHE E 44 -14.05 -22.64 -15.95
N ALA E 45 -14.39 -22.95 -17.19
CA ALA E 45 -13.55 -22.56 -18.33
C ALA E 45 -13.04 -21.11 -18.23
N ALA E 46 -13.96 -20.17 -18.03
CA ALA E 46 -13.60 -18.76 -17.91
C ALA E 46 -12.66 -18.48 -16.75
N VAL E 47 -13.07 -18.80 -15.54
CA VAL E 47 -12.24 -18.54 -14.38
C VAL E 47 -10.95 -19.35 -14.33
N ILE E 48 -10.96 -20.53 -14.92
CA ILE E 48 -9.75 -21.34 -14.93
C ILE E 48 -8.74 -20.55 -15.74
N GLN E 49 -9.14 -20.21 -16.97
CA GLN E 49 -8.29 -19.46 -17.87
C GLN E 49 -7.90 -18.11 -17.30
N ALA E 50 -8.57 -17.68 -16.24
CA ALA E 50 -8.24 -16.40 -15.65
C ALA E 50 -7.28 -16.60 -14.47
N LEU E 51 -6.71 -17.79 -14.37
CA LEU E 51 -5.77 -18.08 -13.29
C LEU E 51 -4.38 -17.55 -13.61
N ASP E 52 -3.66 -17.12 -12.58
CA ASP E 52 -2.32 -16.60 -12.79
C ASP E 52 -1.31 -17.65 -13.20
N GLY E 53 -0.39 -17.23 -14.06
CA GLY E 53 0.69 -18.05 -14.56
C GLY E 53 0.59 -19.57 -14.61
N GLU E 54 1.49 -20.22 -13.88
CA GLU E 54 1.59 -21.67 -13.84
C GLU E 54 0.31 -22.47 -13.57
N MET E 55 -0.50 -22.03 -12.62
CA MET E 55 -1.72 -22.76 -12.30
C MET E 55 -2.81 -22.76 -13.36
N ARG E 56 -2.65 -21.92 -14.38
CA ARG E 56 -3.62 -21.86 -15.46
C ARG E 56 -3.62 -23.20 -16.20
N ASN E 57 -2.51 -23.49 -16.87
CA ASN E 57 -2.36 -24.74 -17.60
C ASN E 57 -2.46 -25.95 -16.67
N ALA E 58 -1.97 -25.78 -15.43
CA ALA E 58 -2.00 -26.87 -14.46
C ALA E 58 -3.44 -27.26 -14.19
N VAL E 59 -4.24 -26.28 -13.78
CA VAL E 59 -5.66 -26.48 -13.48
C VAL E 59 -6.43 -26.90 -14.72
N CYS E 60 -6.10 -26.30 -15.86
CA CYS E 60 -6.80 -26.67 -17.08
C CYS E 60 -6.73 -28.16 -17.25
N ILE E 61 -5.51 -28.67 -17.40
CA ILE E 61 -5.28 -30.10 -17.59
C ILE E 61 -5.93 -30.94 -16.49
N PHE E 62 -5.85 -30.48 -15.24
CA PHE E 62 -6.44 -31.26 -14.16
C PHE E 62 -7.92 -31.47 -14.42
N TYR E 63 -8.60 -30.41 -14.83
CA TYR E 63 -10.02 -30.53 -15.11
C TYR E 63 -10.31 -31.45 -16.29
N LEU E 64 -9.33 -31.62 -17.17
CA LEU E 64 -9.51 -32.47 -18.34
C LEU E 64 -9.41 -33.96 -18.03
N VAL E 65 -8.44 -34.34 -17.21
CA VAL E 65 -8.28 -35.75 -16.85
C VAL E 65 -9.44 -36.12 -15.94
N LEU E 66 -9.78 -35.21 -15.04
CA LEU E 66 -10.89 -35.44 -14.12
C LEU E 66 -12.16 -35.68 -14.90
N ARG E 67 -12.36 -34.92 -15.97
CA ARG E 67 -13.54 -35.12 -16.80
C ARG E 67 -13.44 -36.48 -17.49
N ALA E 68 -12.24 -36.83 -17.94
CA ALA E 68 -12.00 -38.11 -18.60
C ALA E 68 -12.35 -39.26 -17.66
N LEU E 69 -11.85 -39.18 -16.42
CA LEU E 69 -12.12 -40.22 -15.43
C LEU E 69 -13.62 -40.21 -15.13
N ASP E 70 -14.21 -39.03 -15.06
CA ASP E 70 -15.62 -38.91 -14.76
C ASP E 70 -16.46 -39.54 -15.85
N THR E 71 -16.03 -39.38 -17.10
CA THR E 71 -16.76 -39.93 -18.24
C THR E 71 -16.80 -41.46 -18.17
N LEU E 72 -15.71 -42.07 -17.74
CA LEU E 72 -15.63 -43.53 -17.63
C LEU E 72 -16.58 -44.05 -16.55
N GLU E 73 -16.34 -43.65 -15.30
CA GLU E 73 -17.17 -44.06 -14.17
C GLU E 73 -18.63 -43.74 -14.44
N ASP E 74 -18.90 -43.17 -15.61
CA ASP E 74 -20.24 -42.78 -15.97
C ASP E 74 -20.82 -43.52 -17.16
N ASP E 75 -19.95 -44.13 -17.95
CA ASP E 75 -20.44 -44.85 -19.12
C ASP E 75 -21.04 -46.18 -18.70
N MET E 76 -22.35 -46.31 -18.91
CA MET E 76 -23.08 -47.51 -18.55
C MET E 76 -22.99 -48.60 -19.63
N THR E 77 -22.34 -48.28 -20.74
CA THR E 77 -22.18 -49.25 -21.82
C THR E 77 -20.84 -49.95 -21.59
N ILE E 78 -20.33 -49.80 -20.37
CA ILE E 78 -19.07 -50.42 -20.00
C ILE E 78 -19.33 -51.35 -18.83
N SER E 79 -19.44 -52.64 -19.14
CA SER E 79 -19.68 -53.64 -18.11
C SER E 79 -18.63 -53.44 -17.03
N VAL E 80 -18.95 -53.81 -15.80
CA VAL E 80 -17.97 -53.70 -14.73
C VAL E 80 -16.90 -54.70 -15.19
N GLU E 81 -16.09 -55.21 -14.27
CA GLU E 81 -15.05 -56.15 -14.67
C GLU E 81 -14.05 -55.36 -15.53
N LYS E 82 -14.56 -54.71 -16.57
CA LYS E 82 -13.76 -53.89 -17.47
C LYS E 82 -13.55 -52.50 -16.89
N LYS E 83 -14.63 -51.92 -16.35
CA LYS E 83 -14.59 -50.59 -15.77
C LYS E 83 -13.61 -50.47 -14.61
N VAL E 84 -13.83 -51.26 -13.56
CA VAL E 84 -12.95 -51.23 -12.40
C VAL E 84 -11.49 -50.97 -12.77
N PRO E 85 -10.92 -51.81 -13.66
CA PRO E 85 -9.52 -51.64 -14.09
C PRO E 85 -9.24 -50.23 -14.58
N LEU E 86 -9.97 -49.83 -15.61
CA LEU E 86 -9.83 -48.50 -16.19
C LEU E 86 -9.75 -47.42 -15.12
N LEU E 87 -10.62 -47.50 -14.13
CA LEU E 87 -10.61 -46.51 -13.07
C LEU E 87 -9.34 -46.64 -12.24
N HIS E 88 -9.03 -47.87 -11.82
CA HIS E 88 -7.83 -48.16 -11.02
C HIS E 88 -6.55 -47.75 -11.73
N ASN E 89 -6.45 -48.11 -13.00
CA ASN E 89 -5.27 -47.81 -13.78
C ASN E 89 -5.39 -46.53 -14.61
N PHE E 90 -6.27 -45.63 -14.19
CA PHE E 90 -6.44 -44.39 -14.92
C PHE E 90 -5.24 -43.48 -14.74
N HIS E 91 -4.80 -43.35 -13.51
CA HIS E 91 -3.66 -42.50 -13.19
C HIS E 91 -2.40 -42.93 -13.96
N SER E 92 -2.38 -44.19 -14.38
CA SER E 92 -1.21 -44.71 -15.09
C SER E 92 -1.26 -44.42 -16.58
N PHE E 93 -2.46 -44.22 -17.11
CA PHE E 93 -2.60 -43.93 -18.53
C PHE E 93 -1.98 -42.58 -18.88
N LEU E 94 -1.80 -41.73 -17.87
CA LEU E 94 -1.22 -40.41 -18.07
C LEU E 94 0.22 -40.50 -18.56
N TYR E 95 0.95 -41.48 -18.06
CA TYR E 95 2.33 -41.65 -18.45
C TYR E 95 2.49 -42.63 -19.62
N GLN E 96 1.38 -43.09 -20.18
CA GLN E 96 1.41 -44.02 -21.32
C GLN E 96 0.95 -43.24 -22.55
N PRO E 97 1.87 -42.50 -23.17
CA PRO E 97 1.69 -41.67 -24.36
C PRO E 97 0.61 -42.04 -25.35
N ASP E 98 0.42 -43.35 -25.58
CA ASP E 98 -0.58 -43.78 -26.54
C ASP E 98 -1.97 -44.15 -26.03
N TRP E 99 -2.09 -44.43 -24.74
CA TRP E 99 -3.40 -44.82 -24.21
C TRP E 99 -4.54 -43.92 -24.64
N ARG E 100 -5.74 -44.50 -24.70
CA ARG E 100 -6.94 -43.78 -25.08
C ARG E 100 -8.12 -44.75 -25.15
N PHE E 101 -9.33 -44.27 -24.90
CA PHE E 101 -10.51 -45.13 -24.94
C PHE E 101 -11.32 -44.77 -26.17
N MET E 102 -11.64 -45.76 -26.99
CA MET E 102 -12.37 -45.52 -28.22
C MET E 102 -13.83 -45.97 -28.20
N GLU E 103 -14.20 -46.76 -27.21
CA GLU E 103 -15.56 -47.29 -27.12
C GLU E 103 -16.57 -46.53 -26.26
N SER E 104 -16.32 -45.25 -25.99
CA SER E 104 -17.26 -44.49 -25.17
C SER E 104 -18.44 -43.98 -25.99
N LYS E 105 -19.62 -44.02 -25.38
CA LYS E 105 -20.83 -43.54 -26.01
C LYS E 105 -21.37 -42.37 -25.19
N GLU E 106 -20.44 -41.60 -24.63
CA GLU E 106 -20.76 -40.44 -23.81
C GLU E 106 -20.27 -39.18 -24.54
N LYS E 107 -21.11 -38.15 -24.57
CA LYS E 107 -20.80 -36.89 -25.23
C LYS E 107 -19.35 -36.41 -25.13
N ASP E 108 -18.76 -36.56 -23.95
CA ASP E 108 -17.38 -36.12 -23.69
C ASP E 108 -16.28 -37.02 -24.23
N ARG E 109 -16.62 -38.26 -24.54
CA ARG E 109 -15.68 -39.27 -25.04
C ARG E 109 -14.44 -38.68 -25.71
N GLN E 110 -14.66 -37.56 -26.40
CA GLN E 110 -13.61 -36.85 -27.12
C GLN E 110 -12.36 -36.62 -26.28
N VAL E 111 -12.52 -36.54 -24.96
CA VAL E 111 -11.40 -36.33 -24.06
C VAL E 111 -10.66 -37.62 -23.77
N LEU E 112 -11.28 -38.75 -24.13
CA LEU E 112 -10.69 -40.06 -23.95
C LEU E 112 -10.10 -40.50 -25.28
N GLU E 113 -10.88 -40.32 -26.34
CA GLU E 113 -10.45 -40.69 -27.67
C GLU E 113 -9.23 -39.90 -28.10
N ASP E 114 -9.10 -38.70 -27.53
CA ASP E 114 -7.97 -37.82 -27.83
C ASP E 114 -7.19 -37.62 -26.53
N PHE E 115 -7.35 -38.56 -25.61
CA PHE E 115 -6.68 -38.49 -24.33
C PHE E 115 -5.19 -38.30 -24.50
N PRO E 116 -4.61 -38.92 -25.53
CA PRO E 116 -3.17 -38.76 -25.74
C PRO E 116 -2.78 -37.28 -25.73
N THR E 117 -3.51 -36.47 -26.49
CA THR E 117 -3.24 -35.04 -26.55
C THR E 117 -3.15 -34.43 -25.15
N ILE E 118 -4.05 -34.85 -24.27
CA ILE E 118 -4.09 -34.34 -22.89
C ILE E 118 -2.99 -34.95 -22.03
N SER E 119 -2.69 -36.22 -22.25
CA SER E 119 -1.63 -36.87 -21.48
C SER E 119 -0.34 -36.20 -21.93
N LEU E 120 -0.30 -35.86 -23.22
CA LEU E 120 0.86 -35.20 -23.80
C LEU E 120 1.15 -33.92 -23.04
N GLU E 121 0.15 -33.06 -22.94
CA GLU E 121 0.28 -31.79 -22.24
C GLU E 121 0.41 -31.93 -20.73
N PHE E 122 -0.09 -33.05 -20.20
CA PHE E 122 0.01 -33.30 -18.76
C PHE E 122 1.47 -33.46 -18.42
N ARG E 123 2.16 -34.26 -19.24
CA ARG E 123 3.57 -34.54 -19.05
C ARG E 123 4.43 -33.29 -19.29
N ASN E 124 3.83 -32.24 -19.85
CA ASN E 124 4.56 -30.99 -20.11
C ASN E 124 4.63 -30.15 -18.84
N LEU E 125 3.70 -30.39 -17.92
CA LEU E 125 3.61 -29.65 -16.66
C LEU E 125 4.80 -29.91 -15.73
N ALA E 126 4.96 -29.01 -14.76
CA ALA E 126 6.02 -29.15 -13.77
C ALA E 126 5.76 -30.46 -13.05
N GLU E 127 6.79 -31.03 -12.45
CA GLU E 127 6.61 -32.30 -11.76
C GLU E 127 5.66 -32.23 -10.58
N LYS E 128 5.92 -31.32 -9.65
CA LYS E 128 5.07 -31.22 -8.48
C LYS E 128 3.58 -31.08 -8.79
N TYR E 129 3.26 -30.60 -10.00
CA TYR E 129 1.84 -30.47 -10.35
C TYR E 129 1.35 -31.85 -10.74
N GLN E 130 2.18 -32.60 -11.48
CA GLN E 130 1.84 -33.94 -11.92
C GLN E 130 1.67 -34.85 -10.71
N THR E 131 2.45 -34.57 -9.67
CA THR E 131 2.41 -35.35 -8.44
C THR E 131 0.98 -35.32 -7.89
N VAL E 132 0.44 -34.10 -7.77
CA VAL E 132 -0.91 -33.91 -7.26
C VAL E 132 -1.96 -34.57 -8.16
N ILE E 133 -1.96 -34.21 -9.44
CA ILE E 133 -2.92 -34.75 -10.40
C ILE E 133 -3.02 -36.27 -10.43
N ALA E 134 -1.89 -36.94 -10.52
CA ALA E 134 -1.88 -38.40 -10.58
C ALA E 134 -2.25 -39.05 -9.25
N ASP E 135 -1.89 -38.42 -8.14
CA ASP E 135 -2.20 -38.95 -6.82
C ASP E 135 -3.72 -38.92 -6.59
N ILE E 136 -4.34 -37.83 -7.02
CA ILE E 136 -5.77 -37.68 -6.88
C ILE E 136 -6.47 -38.66 -7.81
N CYS E 137 -6.04 -38.70 -9.06
CA CYS E 137 -6.63 -39.61 -10.04
C CYS E 137 -6.51 -41.05 -9.57
N ARG E 138 -5.51 -41.32 -8.74
CA ARG E 138 -5.30 -42.66 -8.23
C ARG E 138 -6.39 -42.94 -7.19
N ARG E 139 -6.47 -42.08 -6.18
CA ARG E 139 -7.46 -42.22 -5.12
C ARG E 139 -8.88 -42.08 -5.64
N MET E 140 -9.10 -41.08 -6.49
CA MET E 140 -10.41 -40.83 -7.05
C MET E 140 -10.96 -42.09 -7.73
N GLY E 141 -10.09 -42.78 -8.45
CA GLY E 141 -10.52 -43.98 -9.14
C GLY E 141 -10.82 -45.11 -8.18
N ILE E 142 -10.02 -45.23 -7.13
CA ILE E 142 -10.23 -46.28 -6.15
C ILE E 142 -11.60 -46.13 -5.52
N GLY E 143 -11.95 -44.89 -5.19
CA GLY E 143 -13.25 -44.64 -4.58
C GLY E 143 -14.40 -44.86 -5.55
N MET E 144 -14.28 -44.30 -6.75
CA MET E 144 -15.32 -44.43 -7.77
C MET E 144 -15.67 -45.89 -8.01
N ALA E 145 -14.65 -46.71 -8.23
CA ALA E 145 -14.84 -48.13 -8.47
C ALA E 145 -15.49 -48.77 -7.26
N GLU E 146 -15.08 -48.34 -6.08
CA GLU E 146 -15.63 -48.85 -4.82
C GLU E 146 -17.12 -48.61 -4.69
N PHE E 147 -17.65 -47.62 -5.39
CA PHE E 147 -19.06 -47.33 -5.32
C PHE E 147 -19.81 -47.85 -6.53
N LEU E 148 -19.09 -48.51 -7.43
CA LEU E 148 -19.68 -49.08 -8.63
C LEU E 148 -20.77 -50.09 -8.26
N ASP E 149 -20.49 -50.84 -7.20
CA ASP E 149 -21.39 -51.88 -6.72
C ASP E 149 -22.35 -51.51 -5.60
N LYS E 150 -22.63 -50.22 -5.41
CA LYS E 150 -23.55 -49.84 -4.34
C LYS E 150 -24.20 -48.47 -4.47
N HIS E 151 -25.00 -48.13 -3.47
CA HIS E 151 -25.70 -46.86 -3.41
C HIS E 151 -25.30 -46.21 -2.10
N VAL E 152 -25.49 -44.90 -1.99
CA VAL E 152 -25.15 -44.21 -0.78
C VAL E 152 -26.20 -44.58 0.26
N THR E 153 -25.75 -45.20 1.35
CA THR E 153 -26.66 -45.62 2.41
C THR E 153 -26.64 -44.67 3.60
N SER E 154 -25.56 -44.70 4.37
CA SER E 154 -25.43 -43.84 5.54
C SER E 154 -25.17 -42.42 5.09
N GLU E 155 -25.26 -41.48 6.01
CA GLU E 155 -24.97 -40.10 5.66
C GLU E 155 -23.45 -40.05 5.52
N GLN E 156 -22.76 -40.91 6.27
CA GLN E 156 -21.31 -40.99 6.20
C GLN E 156 -20.95 -41.39 4.77
N GLU E 157 -21.62 -42.43 4.27
CA GLU E 157 -21.37 -42.89 2.92
C GLU E 157 -21.60 -41.79 1.89
N TRP E 158 -22.48 -40.83 2.21
CA TRP E 158 -22.73 -39.75 1.28
C TRP E 158 -21.52 -38.84 1.33
N ASP E 159 -21.11 -38.48 2.55
CA ASP E 159 -19.94 -37.63 2.75
C ASP E 159 -18.68 -38.15 2.07
N LYS E 160 -18.46 -39.47 2.07
CA LYS E 160 -17.25 -39.97 1.45
C LYS E 160 -17.40 -40.35 -0.01
N TYR E 161 -18.64 -40.45 -0.49
CA TYR E 161 -18.81 -40.73 -1.92
C TYR E 161 -18.38 -39.39 -2.53
N CYS E 162 -18.87 -38.33 -1.91
CA CYS E 162 -18.58 -36.96 -2.32
C CYS E 162 -17.11 -36.66 -2.13
N HIS E 163 -16.48 -37.40 -1.24
CA HIS E 163 -15.06 -37.22 -0.98
C HIS E 163 -14.25 -37.73 -2.18
N TYR E 164 -14.69 -38.83 -2.77
CA TYR E 164 -13.98 -39.42 -3.90
C TYR E 164 -14.19 -38.71 -5.23
N VAL E 165 -15.28 -37.95 -5.35
CA VAL E 165 -15.57 -37.28 -6.61
C VAL E 165 -15.57 -35.74 -6.55
N ALA E 166 -15.35 -35.19 -5.36
CA ALA E 166 -15.35 -33.73 -5.22
C ALA E 166 -14.43 -33.24 -4.12
N GLY E 167 -14.47 -33.89 -2.96
CA GLY E 167 -13.61 -33.47 -1.88
C GLY E 167 -12.17 -33.52 -2.36
N LEU E 168 -11.80 -34.65 -2.96
CA LEU E 168 -10.44 -34.83 -3.47
C LEU E 168 -10.09 -33.78 -4.51
N VAL E 169 -11.08 -33.28 -5.26
CA VAL E 169 -10.82 -32.25 -6.26
C VAL E 169 -10.64 -30.93 -5.56
N GLY E 170 -11.17 -30.85 -4.35
CA GLY E 170 -11.02 -29.63 -3.57
C GLY E 170 -9.59 -29.65 -3.09
N ILE E 171 -9.16 -30.84 -2.66
CA ILE E 171 -7.81 -31.06 -2.15
C ILE E 171 -6.79 -30.97 -3.28
N GLY E 172 -7.13 -31.54 -4.42
CA GLY E 172 -6.20 -31.50 -5.55
C GLY E 172 -5.81 -30.08 -5.86
N LEU E 173 -6.80 -29.28 -6.25
CA LEU E 173 -6.58 -27.89 -6.60
C LEU E 173 -5.78 -27.17 -5.51
N SER E 174 -6.23 -27.33 -4.26
CA SER E 174 -5.55 -26.68 -3.15
C SER E 174 -4.04 -26.94 -3.17
N ARG E 175 -3.67 -28.20 -3.34
CA ARG E 175 -2.27 -28.57 -3.37
C ARG E 175 -1.59 -27.95 -4.59
N LEU E 176 -2.33 -27.80 -5.67
CA LEU E 176 -1.75 -27.18 -6.85
C LEU E 176 -1.55 -25.68 -6.56
N PHE E 177 -2.45 -25.09 -5.77
CA PHE E 177 -2.35 -23.67 -5.41
C PHE E 177 -1.12 -23.42 -4.55
N SER E 178 -0.86 -24.33 -3.60
CA SER E 178 0.30 -24.18 -2.73
C SER E 178 1.62 -24.48 -3.43
N ALA E 179 1.58 -25.36 -4.43
CA ALA E 179 2.77 -25.74 -5.19
C ALA E 179 3.25 -24.56 -6.03
N SER E 180 2.31 -23.88 -6.67
CA SER E 180 2.65 -22.72 -7.50
C SER E 180 3.07 -21.57 -6.60
N GLU E 181 2.80 -21.72 -5.30
CA GLU E 181 3.17 -20.71 -4.33
C GLU E 181 2.42 -19.39 -4.53
N PHE E 182 1.24 -19.45 -5.12
CA PHE E 182 0.46 -18.23 -5.31
C PHE E 182 -0.41 -18.10 -4.07
N GLU E 183 -0.44 -19.18 -3.30
CA GLU E 183 -1.20 -19.25 -2.05
C GLU E 183 -0.30 -19.88 -0.99
N ASP E 184 -0.57 -19.56 0.27
CA ASP E 184 0.20 -20.10 1.39
C ASP E 184 0.14 -21.64 1.38
N PRO E 185 1.03 -22.30 2.15
CA PRO E 185 1.06 -23.77 2.22
C PRO E 185 -0.13 -24.35 2.97
N LEU E 186 -0.72 -23.53 3.85
CA LEU E 186 -1.86 -23.93 4.66
C LEU E 186 -3.02 -24.40 3.79
N VAL E 187 -3.25 -23.69 2.68
CA VAL E 187 -4.33 -24.02 1.76
C VAL E 187 -4.26 -25.46 1.28
N GLY E 188 -3.05 -25.91 0.91
CA GLY E 188 -2.86 -27.27 0.44
C GLY E 188 -2.70 -28.26 1.58
N GLU E 189 -2.38 -27.76 2.77
CA GLU E 189 -2.22 -28.63 3.94
C GLU E 189 -3.58 -29.07 4.46
N ASP E 190 -4.38 -28.10 4.89
CA ASP E 190 -5.71 -28.37 5.44
C ASP E 190 -6.64 -29.10 4.49
N THR E 191 -6.56 -30.43 4.50
CA THR E 191 -7.38 -31.26 3.63
C THR E 191 -8.86 -31.25 4.00
N GLU E 192 -9.16 -31.07 5.28
CA GLU E 192 -10.54 -31.05 5.75
C GLU E 192 -11.29 -29.89 5.09
N ARG E 193 -10.70 -28.69 5.17
CA ARG E 193 -11.31 -27.51 4.58
C ARG E 193 -11.42 -27.67 3.08
N ALA E 194 -10.33 -28.07 2.43
CA ALA E 194 -10.35 -28.27 0.99
C ALA E 194 -11.40 -29.33 0.69
N ASN E 195 -11.74 -30.12 1.70
CA ASN E 195 -12.73 -31.18 1.54
C ASN E 195 -14.14 -30.58 1.57
N SER E 196 -14.41 -29.75 2.56
CA SER E 196 -15.72 -29.13 2.67
C SER E 196 -16.03 -28.32 1.42
N MET E 197 -14.99 -27.86 0.74
CA MET E 197 -15.19 -27.07 -0.46
C MET E 197 -15.79 -27.92 -1.56
N GLY E 198 -15.23 -29.10 -1.76
CA GLY E 198 -15.74 -29.98 -2.79
C GLY E 198 -17.04 -30.63 -2.39
N LEU E 199 -17.23 -30.83 -1.09
CA LEU E 199 -18.45 -31.47 -0.61
C LEU E 199 -19.65 -30.54 -0.69
N PHE E 200 -19.41 -29.23 -0.61
CA PHE E 200 -20.53 -28.30 -0.67
C PHE E 200 -21.11 -28.26 -2.08
N LEU E 201 -20.23 -28.31 -3.08
CA LEU E 201 -20.70 -28.28 -4.46
C LEU E 201 -21.39 -29.58 -4.86
N GLN E 202 -20.70 -30.70 -4.69
CA GLN E 202 -21.24 -32.01 -5.04
C GLN E 202 -22.62 -32.23 -4.43
N LYS E 203 -22.77 -31.86 -3.17
CA LYS E 203 -24.06 -32.02 -2.52
C LYS E 203 -25.07 -31.07 -3.14
N THR E 204 -24.67 -29.81 -3.33
CA THR E 204 -25.56 -28.83 -3.93
C THR E 204 -26.04 -29.32 -5.29
N ASN E 205 -25.12 -29.85 -6.10
CA ASN E 205 -25.49 -30.38 -7.42
C ASN E 205 -26.34 -31.64 -7.32
N ILE E 206 -25.92 -32.57 -6.44
CA ILE E 206 -26.67 -33.81 -6.25
C ILE E 206 -28.13 -33.48 -5.91
N ILE E 207 -28.32 -32.61 -4.92
CA ILE E 207 -29.65 -32.21 -4.50
C ILE E 207 -30.43 -31.60 -5.68
N ARG E 208 -29.82 -30.64 -6.35
CA ARG E 208 -30.48 -29.99 -7.47
C ARG E 208 -30.71 -30.92 -8.66
N ASP E 209 -29.72 -31.75 -8.96
CA ASP E 209 -29.81 -32.68 -10.09
C ASP E 209 -30.58 -33.96 -9.78
N TYR E 210 -31.47 -33.91 -8.81
CA TYR E 210 -32.24 -35.10 -8.43
C TYR E 210 -33.05 -35.75 -9.56
N LEU E 211 -33.96 -34.99 -10.15
CA LEU E 211 -34.82 -35.49 -11.22
C LEU E 211 -34.04 -36.01 -12.41
N GLU E 212 -33.18 -35.14 -12.94
CA GLU E 212 -32.34 -35.47 -14.08
C GLU E 212 -31.65 -36.81 -13.85
N ASP E 213 -31.06 -36.97 -12.66
CA ASP E 213 -30.36 -38.21 -12.31
C ASP E 213 -31.29 -39.41 -12.33
N GLN E 214 -32.48 -39.23 -11.78
CA GLN E 214 -33.48 -40.30 -11.72
C GLN E 214 -33.81 -40.78 -13.14
N GLN E 215 -33.95 -39.82 -14.06
CA GLN E 215 -34.26 -40.13 -15.44
C GLN E 215 -33.02 -40.67 -16.16
N GLY E 216 -31.88 -40.54 -15.49
CA GLY E 216 -30.63 -41.04 -16.05
C GLY E 216 -30.33 -42.41 -15.44
N GLY E 217 -31.25 -42.87 -14.59
CA GLY E 217 -31.09 -44.14 -13.92
C GLY E 217 -30.00 -44.08 -12.88
N ARG E 218 -29.91 -42.97 -12.16
CA ARG E 218 -28.88 -42.82 -11.15
C ARG E 218 -29.41 -42.30 -9.83
N GLU E 219 -28.80 -42.77 -8.73
CA GLU E 219 -29.21 -42.39 -7.39
C GLU E 219 -28.04 -41.98 -6.52
N PHE E 220 -28.12 -40.79 -5.91
CA PHE E 220 -27.05 -40.30 -5.05
C PHE E 220 -27.51 -39.86 -3.67
N TRP E 221 -28.81 -39.65 -3.51
CA TRP E 221 -29.34 -39.23 -2.22
C TRP E 221 -29.09 -40.32 -1.17
N PRO E 222 -28.70 -39.92 0.05
CA PRO E 222 -28.44 -40.88 1.12
C PRO E 222 -29.70 -41.64 1.54
N GLN E 223 -29.68 -42.96 1.31
CA GLN E 223 -30.81 -43.83 1.62
C GLN E 223 -31.37 -43.74 3.04
N GLU E 224 -30.50 -43.76 4.04
CA GLU E 224 -30.95 -43.68 5.43
C GLU E 224 -31.71 -42.38 5.68
N VAL E 225 -31.76 -41.53 4.67
CA VAL E 225 -32.47 -40.27 4.79
C VAL E 225 -33.82 -40.35 4.07
N TRP E 226 -33.78 -40.63 2.77
CA TRP E 226 -35.01 -40.72 2.01
C TRP E 226 -35.88 -41.91 2.35
N SER E 227 -35.27 -42.98 2.83
CA SER E 227 -36.02 -44.19 3.18
C SER E 227 -37.04 -43.92 4.30
N ARG E 228 -36.84 -42.85 5.04
CA ARG E 228 -37.75 -42.51 6.12
C ARG E 228 -38.99 -41.82 5.57
N TYR E 229 -38.96 -41.49 4.27
CA TYR E 229 -40.07 -40.80 3.62
C TYR E 229 -40.80 -41.67 2.62
N VAL E 230 -40.02 -42.39 1.80
CA VAL E 230 -40.57 -43.26 0.77
C VAL E 230 -39.84 -44.60 0.70
N LYS E 231 -40.46 -45.56 0.02
CA LYS E 231 -39.88 -46.89 -0.11
C LYS E 231 -38.75 -46.95 -1.14
N LYS E 232 -38.75 -46.03 -2.10
CA LYS E 232 -37.73 -46.00 -3.16
C LYS E 232 -37.35 -44.54 -3.39
N LEU E 233 -36.10 -44.31 -3.79
CA LEU E 233 -35.67 -42.94 -4.04
C LEU E 233 -36.48 -42.38 -5.20
N GLY E 234 -36.79 -43.24 -6.16
CA GLY E 234 -37.55 -42.83 -7.33
C GLY E 234 -38.94 -42.29 -7.06
N ASP E 235 -39.46 -42.54 -5.87
CA ASP E 235 -40.81 -42.07 -5.55
C ASP E 235 -40.96 -40.56 -5.55
N PHE E 236 -39.86 -39.83 -5.40
CA PHE E 236 -39.96 -38.38 -5.39
C PHE E 236 -40.34 -37.84 -6.76
N ALA E 237 -40.31 -38.68 -7.78
CA ALA E 237 -40.63 -38.22 -9.11
C ALA E 237 -42.12 -38.26 -9.35
N LEU E 238 -42.82 -39.01 -8.49
CA LEU E 238 -44.26 -39.18 -8.61
C LEU E 238 -44.99 -37.99 -8.01
N PRO E 239 -45.87 -37.36 -8.79
CA PRO E 239 -46.62 -36.21 -8.31
C PRO E 239 -47.20 -36.36 -6.92
N GLU E 240 -47.66 -37.56 -6.59
CA GLU E 240 -48.28 -37.79 -5.29
C GLU E 240 -47.34 -37.61 -4.11
N ASN E 241 -46.07 -37.95 -4.29
CA ASN E 241 -45.10 -37.86 -3.21
C ASN E 241 -44.46 -36.50 -3.01
N ILE E 242 -44.77 -35.55 -3.87
CA ILE E 242 -44.18 -34.22 -3.79
C ILE E 242 -43.88 -33.66 -2.40
N ASP E 243 -44.91 -33.47 -1.59
CA ASP E 243 -44.72 -32.90 -0.25
C ASP E 243 -43.61 -33.59 0.52
N LEU E 244 -43.63 -34.92 0.57
CA LEU E 244 -42.61 -35.68 1.28
C LEU E 244 -41.26 -35.46 0.61
N ALA E 245 -41.28 -35.36 -0.72
CA ALA E 245 -40.04 -35.14 -1.48
C ALA E 245 -39.41 -33.83 -1.03
N VAL E 246 -40.24 -32.83 -0.78
CA VAL E 246 -39.76 -31.52 -0.37
C VAL E 246 -39.16 -31.51 1.03
N GLN E 247 -39.66 -32.37 1.90
CA GLN E 247 -39.13 -32.41 3.25
C GLN E 247 -37.75 -33.07 3.23
N CYS E 248 -37.56 -34.05 2.36
CA CYS E 248 -36.28 -34.74 2.26
C CYS E 248 -35.29 -33.74 1.66
N LEU E 249 -35.74 -33.03 0.63
CA LEU E 249 -34.92 -32.02 -0.04
C LEU E 249 -34.40 -31.05 1.02
N ASN E 250 -35.26 -30.72 1.97
CA ASN E 250 -34.92 -29.81 3.06
C ASN E 250 -33.98 -30.42 4.08
N GLU E 251 -34.03 -31.73 4.27
CA GLU E 251 -33.16 -32.36 5.24
C GLU E 251 -31.76 -32.41 4.65
N LEU E 252 -31.68 -32.67 3.36
CA LEU E 252 -30.38 -32.75 2.69
C LEU E 252 -29.77 -31.36 2.58
N ILE E 253 -30.61 -30.38 2.25
CA ILE E 253 -30.17 -29.00 2.12
C ILE E 253 -29.58 -28.53 3.46
N THR E 254 -30.24 -28.92 4.56
CA THR E 254 -29.77 -28.55 5.88
C THR E 254 -28.43 -29.24 6.16
N ASN E 255 -28.27 -30.44 5.60
CA ASN E 255 -27.04 -31.18 5.77
C ASN E 255 -25.89 -30.39 5.12
N ALA E 256 -26.09 -29.97 3.88
CA ALA E 256 -25.06 -29.24 3.17
C ALA E 256 -24.75 -27.87 3.78
N LEU E 257 -25.71 -27.27 4.46
CA LEU E 257 -25.45 -25.96 5.06
C LEU E 257 -24.33 -26.00 6.08
N HIS E 258 -23.96 -27.20 6.53
CA HIS E 258 -22.91 -27.36 7.53
C HIS E 258 -21.49 -27.15 7.02
N HIS E 259 -21.27 -27.35 5.73
CA HIS E 259 -19.95 -27.16 5.16
C HIS E 259 -19.65 -25.68 4.97
N ILE E 260 -20.66 -24.83 5.15
CA ILE E 260 -20.46 -23.40 4.95
C ILE E 260 -19.41 -22.78 5.85
N PRO E 261 -19.37 -23.15 7.15
CA PRO E 261 -18.34 -22.54 7.99
C PRO E 261 -16.93 -22.84 7.45
N ASP E 262 -16.74 -24.04 6.93
CA ASP E 262 -15.43 -24.38 6.38
C ASP E 262 -15.19 -23.59 5.10
N VAL E 263 -16.24 -23.43 4.30
CA VAL E 263 -16.14 -22.69 3.04
C VAL E 263 -15.68 -21.27 3.33
N ILE E 264 -16.38 -20.59 4.24
CA ILE E 264 -15.99 -19.24 4.59
C ILE E 264 -14.55 -19.24 5.08
N THR E 265 -14.22 -20.20 5.94
CA THR E 265 -12.88 -20.30 6.46
C THR E 265 -11.86 -20.47 5.34
N TYR E 266 -12.15 -21.37 4.41
CA TYR E 266 -11.24 -21.63 3.32
C TYR E 266 -10.95 -20.38 2.50
N LEU E 267 -12.01 -19.67 2.10
CA LEU E 267 -11.91 -18.47 1.31
C LEU E 267 -11.22 -17.32 2.07
N SER E 268 -11.34 -17.33 3.39
CA SER E 268 -10.73 -16.30 4.21
C SER E 268 -9.21 -16.28 4.08
N ARG E 269 -8.64 -17.47 3.88
CA ARG E 269 -7.20 -17.62 3.77
C ARG E 269 -6.59 -17.35 2.41
N LEU E 270 -7.39 -17.34 1.36
CA LEU E 270 -6.84 -17.09 0.04
C LEU E 270 -6.36 -15.64 -0.08
N ARG E 271 -5.26 -15.45 -0.80
CA ARG E 271 -4.67 -14.13 -0.99
C ARG E 271 -4.54 -13.73 -2.46
N ASN E 272 -4.48 -14.70 -3.36
CA ASN E 272 -4.37 -14.41 -4.78
C ASN E 272 -5.75 -14.16 -5.38
N GLN E 273 -5.93 -13.02 -6.03
CA GLN E 273 -7.22 -12.67 -6.62
C GLN E 273 -7.72 -13.67 -7.65
N SER E 274 -6.86 -14.11 -8.57
CA SER E 274 -7.33 -15.06 -9.56
C SER E 274 -7.81 -16.33 -8.84
N VAL E 275 -7.11 -16.75 -7.80
CA VAL E 275 -7.53 -17.93 -7.07
C VAL E 275 -8.84 -17.67 -6.34
N PHE E 276 -8.98 -16.52 -5.68
CA PHE E 276 -10.20 -16.21 -4.97
C PHE E 276 -11.42 -16.29 -5.90
N ASN E 277 -11.28 -15.74 -7.10
CA ASN E 277 -12.36 -15.75 -8.07
C ASN E 277 -12.73 -17.19 -8.40
N PHE E 278 -11.72 -17.99 -8.70
CA PHE E 278 -11.93 -19.39 -9.04
C PHE E 278 -12.68 -20.15 -7.94
N CYS E 279 -12.40 -19.77 -6.68
CA CYS E 279 -13.01 -20.44 -5.55
C CYS E 279 -14.29 -19.82 -5.02
N ALA E 280 -14.34 -18.50 -4.86
CA ALA E 280 -15.54 -17.87 -4.35
C ALA E 280 -16.75 -18.09 -5.27
N ILE E 281 -16.58 -17.80 -6.56
CA ILE E 281 -17.67 -17.94 -7.53
C ILE E 281 -18.50 -19.22 -7.42
N PRO E 282 -17.94 -20.39 -7.79
CA PRO E 282 -18.73 -21.61 -7.68
C PRO E 282 -19.42 -21.85 -6.33
N GLN E 283 -18.77 -21.44 -5.24
CA GLN E 283 -19.34 -21.62 -3.91
C GLN E 283 -20.55 -20.70 -3.71
N VAL E 284 -20.39 -19.43 -4.10
CA VAL E 284 -21.48 -18.46 -3.97
C VAL E 284 -22.61 -18.89 -4.90
N MET E 285 -22.25 -19.54 -6.01
CA MET E 285 -23.24 -20.05 -6.95
C MET E 285 -23.99 -21.20 -6.29
N ALA E 286 -23.28 -21.97 -5.48
CA ALA E 286 -23.90 -23.09 -4.80
C ALA E 286 -24.92 -22.62 -3.77
N ILE E 287 -24.52 -21.71 -2.88
CA ILE E 287 -25.45 -21.22 -1.87
C ILE E 287 -26.71 -20.73 -2.56
N ALA E 288 -26.49 -19.87 -3.55
CA ALA E 288 -27.56 -19.30 -4.34
C ALA E 288 -28.54 -20.40 -4.75
N THR E 289 -27.99 -21.54 -5.19
CA THR E 289 -28.82 -22.66 -5.62
C THR E 289 -29.54 -23.35 -4.46
N LEU E 290 -28.88 -23.47 -3.32
CA LEU E 290 -29.53 -24.08 -2.18
C LEU E 290 -30.68 -23.16 -1.78
N ALA E 291 -30.40 -21.86 -1.72
CA ALA E 291 -31.41 -20.86 -1.36
C ALA E 291 -32.58 -20.96 -2.32
N ALA E 292 -32.29 -21.24 -3.58
CA ALA E 292 -33.36 -21.36 -4.57
C ALA E 292 -34.16 -22.65 -4.43
N CYS E 293 -33.48 -23.75 -4.12
CA CYS E 293 -34.14 -25.05 -4.00
C CYS E 293 -34.81 -25.29 -2.67
N TYR E 294 -34.44 -24.52 -1.66
CA TYR E 294 -35.00 -24.76 -0.34
C TYR E 294 -36.52 -24.68 -0.26
N ASN E 295 -37.12 -25.79 0.15
CA ASN E 295 -38.56 -25.87 0.32
C ASN E 295 -39.25 -25.56 -1.00
N ASN E 296 -38.52 -25.72 -2.10
CA ASN E 296 -39.04 -25.46 -3.43
C ASN E 296 -39.39 -26.77 -4.11
N GLN E 297 -40.68 -27.00 -4.38
CA GLN E 297 -41.09 -28.23 -5.02
C GLN E 297 -40.78 -28.27 -6.49
N GLN E 298 -40.31 -27.17 -7.03
CA GLN E 298 -39.96 -27.14 -8.44
C GLN E 298 -38.82 -28.14 -8.66
N VAL E 299 -37.97 -28.27 -7.63
CA VAL E 299 -36.82 -29.17 -7.67
C VAL E 299 -37.17 -30.60 -8.10
N PHE E 300 -38.46 -30.89 -8.17
CA PHE E 300 -38.90 -32.24 -8.53
C PHE E 300 -39.73 -32.27 -9.81
N LYS E 301 -39.85 -31.12 -10.45
CA LYS E 301 -40.63 -31.02 -11.68
C LYS E 301 -39.78 -30.51 -12.85
N GLY E 302 -38.84 -29.63 -12.54
CA GLY E 302 -37.97 -29.08 -13.57
C GLY E 302 -36.69 -28.55 -12.97
N ALA E 303 -36.16 -27.49 -13.54
CA ALA E 303 -34.95 -26.89 -13.00
C ALA E 303 -35.37 -25.58 -12.36
N VAL E 304 -34.63 -25.14 -11.35
CA VAL E 304 -34.98 -23.91 -10.66
C VAL E 304 -34.11 -22.78 -11.19
N LEU E 305 -34.73 -21.62 -11.40
CA LEU E 305 -34.01 -20.44 -11.88
C LEU E 305 -33.64 -19.60 -10.66
N ILE E 306 -32.39 -19.78 -10.21
CA ILE E 306 -31.86 -19.06 -9.06
C ILE E 306 -32.25 -17.58 -9.02
N ARG E 307 -33.20 -17.23 -8.15
CA ARG E 307 -33.65 -15.83 -8.04
C ARG E 307 -32.49 -14.91 -7.66
N LEU E 308 -32.10 -14.07 -8.61
CA LEU E 308 -30.99 -13.10 -8.49
C LEU E 308 -30.83 -12.44 -7.12
N GLY E 309 -29.78 -11.63 -6.99
CA GLY E 309 -29.49 -10.93 -5.76
C GLY E 309 -30.59 -10.13 -5.10
N GLN E 310 -30.21 -8.97 -4.56
CA GLN E 310 -31.15 -8.09 -3.86
C GLN E 310 -30.49 -6.74 -3.52
N ALA E 311 -31.25 -5.84 -2.93
CA ALA E 311 -30.79 -4.49 -2.56
C ALA E 311 -29.35 -4.34 -2.05
N VAL E 312 -28.87 -5.31 -1.28
CA VAL E 312 -27.51 -5.23 -0.76
C VAL E 312 -26.53 -6.17 -1.46
N THR E 313 -27.05 -7.25 -2.06
CA THR E 313 -26.20 -8.19 -2.77
C THR E 313 -26.15 -7.84 -4.26
N LEU E 314 -26.90 -6.80 -4.64
CA LEU E 314 -26.92 -6.33 -6.03
C LEU E 314 -25.99 -5.12 -6.05
N MET E 315 -25.40 -4.86 -4.89
CA MET E 315 -24.45 -3.76 -4.70
C MET E 315 -23.05 -4.35 -4.69
N MET E 316 -22.99 -5.68 -4.59
CA MET E 316 -21.72 -6.38 -4.52
C MET E 316 -21.58 -7.56 -5.48
N ASP E 317 -20.37 -8.10 -5.53
CA ASP E 317 -20.02 -9.25 -6.36
C ASP E 317 -19.14 -10.14 -5.47
N ALA E 318 -18.67 -11.27 -6.01
CA ALA E 318 -17.86 -12.18 -5.21
C ALA E 318 -16.36 -12.08 -5.51
N THR E 319 -15.81 -10.87 -5.41
CA THR E 319 -14.38 -10.68 -5.68
C THR E 319 -13.59 -10.28 -4.46
N ASN E 320 -14.26 -10.16 -3.32
CA ASN E 320 -13.60 -9.82 -2.06
C ASN E 320 -14.39 -10.47 -0.92
N MET E 321 -13.68 -11.12 0.00
CA MET E 321 -14.27 -11.83 1.13
C MET E 321 -15.46 -11.17 1.83
N PRO E 322 -15.28 -9.94 2.35
CA PRO E 322 -16.39 -9.26 3.01
C PRO E 322 -17.66 -9.33 2.16
N ALA E 323 -17.50 -9.07 0.87
CA ALA E 323 -18.62 -9.10 -0.06
C ALA E 323 -19.26 -10.48 -0.06
N VAL E 324 -18.44 -11.49 -0.33
CA VAL E 324 -18.90 -12.88 -0.35
C VAL E 324 -19.67 -13.21 0.92
N LYS E 325 -19.10 -12.86 2.08
CA LYS E 325 -19.76 -13.12 3.35
C LYS E 325 -21.15 -12.49 3.37
N ALA E 326 -21.20 -11.20 3.08
CA ALA E 326 -22.47 -10.48 3.05
C ALA E 326 -23.43 -11.25 2.13
N ILE E 327 -22.91 -11.74 1.01
CA ILE E 327 -23.73 -12.48 0.06
C ILE E 327 -24.19 -13.80 0.66
N ILE E 328 -23.27 -14.50 1.31
CA ILE E 328 -23.58 -15.77 1.93
C ILE E 328 -24.66 -15.59 3.01
N TYR E 329 -24.45 -14.63 3.90
CA TYR E 329 -25.37 -14.39 4.98
C TYR E 329 -26.80 -14.07 4.55
N GLN E 330 -26.94 -13.31 3.46
CA GLN E 330 -28.26 -12.97 2.97
C GLN E 330 -29.00 -14.19 2.49
N TYR E 331 -28.36 -14.99 1.65
CA TYR E 331 -29.00 -16.21 1.16
C TYR E 331 -29.37 -17.09 2.35
N MET E 332 -28.66 -16.92 3.46
CA MET E 332 -28.96 -17.70 4.65
C MET E 332 -30.27 -17.23 5.26
N GLU E 333 -30.42 -15.93 5.38
CA GLU E 333 -31.64 -15.38 5.95
C GLU E 333 -32.78 -15.69 5.01
N GLU E 334 -32.48 -15.71 3.72
CA GLU E 334 -33.49 -15.99 2.72
C GLU E 334 -34.06 -17.40 2.90
N ILE E 335 -33.22 -18.32 3.36
CA ILE E 335 -33.67 -19.68 3.62
C ILE E 335 -34.39 -19.69 4.95
N TYR E 336 -33.80 -19.02 5.94
CA TYR E 336 -34.32 -18.95 7.29
C TYR E 336 -35.76 -18.46 7.37
N HIS E 337 -36.02 -17.33 6.74
CA HIS E 337 -37.35 -16.75 6.79
C HIS E 337 -38.38 -17.54 5.96
N ARG E 338 -37.95 -18.65 5.37
CA ARG E 338 -38.84 -19.49 4.56
C ARG E 338 -39.04 -20.90 5.12
N ILE E 339 -38.56 -21.12 6.34
CA ILE E 339 -38.65 -22.41 7.02
C ILE E 339 -40.02 -22.64 7.69
N PRO E 340 -40.72 -23.72 7.31
CA PRO E 340 -42.03 -23.99 7.92
C PRO E 340 -41.84 -24.72 9.25
N ASP E 341 -42.53 -24.24 10.28
CA ASP E 341 -42.43 -24.84 11.60
C ASP E 341 -42.62 -26.34 11.55
N SER E 342 -43.63 -26.79 10.81
CA SER E 342 -43.95 -28.21 10.75
C SER E 342 -42.93 -29.07 10.02
N ASN E 343 -41.94 -28.44 9.38
CA ASN E 343 -40.93 -29.18 8.65
C ASN E 343 -40.09 -30.00 9.59
N PRO E 344 -40.01 -31.34 9.37
CA PRO E 344 -39.23 -32.24 10.21
C PRO E 344 -37.86 -31.73 10.61
N SER E 345 -37.21 -31.01 9.70
CA SER E 345 -35.88 -30.49 9.92
C SER E 345 -35.83 -29.04 10.40
N SER E 346 -36.98 -28.38 10.39
CA SER E 346 -37.06 -26.97 10.77
C SER E 346 -36.18 -26.61 11.96
N SER E 347 -36.09 -27.49 12.93
CA SER E 347 -35.30 -27.19 14.11
C SER E 347 -33.79 -27.14 13.85
N LYS E 348 -33.30 -27.93 12.90
CA LYS E 348 -31.88 -27.95 12.60
C LYS E 348 -31.51 -26.87 11.59
N THR E 349 -32.35 -26.66 10.60
CA THR E 349 -32.09 -25.65 9.59
C THR E 349 -31.85 -24.32 10.31
N ARG E 350 -32.50 -24.15 11.46
CA ARG E 350 -32.33 -22.93 12.25
C ARG E 350 -31.05 -23.00 13.08
N GLN E 351 -30.85 -24.13 13.73
CA GLN E 351 -29.69 -24.34 14.57
C GLN E 351 -28.42 -24.02 13.80
N ILE E 352 -28.33 -24.55 12.59
CA ILE E 352 -27.16 -24.34 11.76
C ILE E 352 -27.07 -22.89 11.28
N ILE E 353 -28.16 -22.40 10.69
CA ILE E 353 -28.15 -21.02 10.21
C ILE E 353 -27.75 -20.09 11.34
N SER E 354 -28.13 -20.43 12.56
CA SER E 354 -27.79 -19.61 13.72
C SER E 354 -26.28 -19.62 13.95
N THR E 355 -25.68 -20.80 13.76
CA THR E 355 -24.24 -20.98 13.93
C THR E 355 -23.46 -20.09 12.97
N ILE E 356 -23.83 -20.14 11.70
CA ILE E 356 -23.19 -19.36 10.65
C ILE E 356 -23.28 -17.84 10.90
N ARG E 357 -24.42 -17.37 11.36
CA ARG E 357 -24.62 -15.95 11.65
C ARG E 357 -23.64 -15.44 12.70
N THR E 358 -23.71 -16.07 13.87
CA THR E 358 -22.91 -15.72 15.03
C THR E 358 -21.42 -16.05 15.00
N GLN E 359 -21.04 -17.13 14.32
CA GLN E 359 -19.64 -17.46 14.29
C GLN E 359 -18.87 -16.18 13.92
N LEU F 26 -20.14 -19.54 19.57
CA LEU F 26 -20.71 -20.70 20.26
C LEU F 26 -21.39 -20.31 21.58
N SER F 27 -21.62 -19.02 21.77
CA SER F 27 -22.28 -18.50 22.98
C SER F 27 -23.78 -18.38 22.76
N SER F 28 -24.58 -18.92 23.66
CA SER F 28 -26.03 -18.84 23.50
C SER F 28 -26.58 -17.42 23.46
N SER F 29 -26.18 -16.57 24.40
CA SER F 29 -26.66 -15.20 24.42
C SER F 29 -26.19 -14.43 23.18
N LEU F 30 -25.03 -14.82 22.65
CA LEU F 30 -24.50 -14.17 21.48
C LEU F 30 -25.35 -14.52 20.27
N LYS F 31 -25.71 -15.80 20.15
CA LYS F 31 -26.54 -16.27 19.05
C LYS F 31 -27.87 -15.56 19.10
N THR F 32 -28.31 -15.21 20.30
CA THR F 32 -29.59 -14.53 20.47
C THR F 32 -29.44 -13.12 19.94
N CYS F 33 -28.32 -12.48 20.27
CA CYS F 33 -28.04 -11.13 19.81
C CYS F 33 -28.08 -11.04 18.30
N TYR F 34 -27.40 -11.96 17.63
CA TYR F 34 -27.38 -11.98 16.17
C TYR F 34 -28.76 -12.31 15.59
N LYS F 35 -29.62 -12.89 16.41
CA LYS F 35 -30.96 -13.24 15.98
C LYS F 35 -31.80 -11.98 16.08
N TYR F 36 -31.47 -11.13 17.04
CA TYR F 36 -32.17 -9.85 17.21
C TYR F 36 -31.65 -8.86 16.19
N LEU F 37 -30.39 -9.05 15.77
CA LEU F 37 -29.78 -8.17 14.79
C LEU F 37 -30.46 -8.33 13.45
N ASN F 38 -30.76 -9.58 13.09
CA ASN F 38 -31.41 -9.83 11.82
C ASN F 38 -32.88 -9.43 11.84
N GLN F 39 -33.51 -9.52 13.01
CA GLN F 39 -34.92 -9.13 13.14
C GLN F 39 -35.12 -7.62 12.99
N THR F 40 -34.37 -6.87 13.78
CA THR F 40 -34.42 -5.41 13.81
C THR F 40 -33.85 -4.75 12.56
N SER F 41 -32.64 -5.18 12.20
CA SER F 41 -31.93 -4.65 11.04
C SER F 41 -32.21 -5.43 9.75
N ARG F 42 -33.10 -4.88 8.93
CA ARG F 42 -33.48 -5.51 7.67
C ARG F 42 -32.28 -5.91 6.81
N SER F 43 -31.39 -4.97 6.54
CA SER F 43 -30.22 -5.22 5.69
C SER F 43 -28.83 -5.15 6.31
N PHE F 44 -28.46 -4.00 6.85
CA PHE F 44 -27.13 -3.82 7.47
C PHE F 44 -26.62 -5.14 8.10
N ALA F 45 -27.55 -5.95 8.59
CA ALA F 45 -27.22 -7.20 9.23
C ALA F 45 -26.16 -8.03 8.52
N ALA F 46 -26.32 -8.22 7.20
CA ALA F 46 -25.37 -9.01 6.42
C ALA F 46 -23.97 -8.38 6.36
N VAL F 47 -23.91 -7.06 6.15
CA VAL F 47 -22.62 -6.38 6.09
C VAL F 47 -21.99 -6.29 7.48
N ILE F 48 -22.82 -6.11 8.50
CA ILE F 48 -22.31 -6.04 9.87
C ILE F 48 -21.61 -7.35 10.20
N GLN F 49 -22.24 -8.46 9.85
CA GLN F 49 -21.68 -9.78 10.12
C GLN F 49 -20.44 -10.03 9.26
N ALA F 50 -20.17 -9.14 8.31
CA ALA F 50 -19.03 -9.31 7.44
C ALA F 50 -17.80 -8.57 7.95
N LEU F 51 -18.00 -7.70 8.93
CA LEU F 51 -16.89 -6.95 9.50
C LEU F 51 -15.78 -7.89 9.99
N ASP F 52 -14.52 -7.42 9.94
CA ASP F 52 -13.39 -8.22 10.38
C ASP F 52 -13.17 -8.24 11.88
N GLY F 53 -12.59 -9.34 12.34
CA GLY F 53 -12.29 -9.50 13.76
C GLY F 53 -13.30 -9.06 14.80
N GLU F 54 -12.83 -8.24 15.73
CA GLU F 54 -13.65 -7.77 16.83
C GLU F 54 -14.76 -6.78 16.48
N MET F 55 -14.70 -6.18 15.29
CA MET F 55 -15.74 -5.21 14.94
C MET F 55 -17.07 -5.90 14.76
N ARG F 56 -17.01 -7.16 14.31
CA ARG F 56 -18.21 -7.97 14.06
C ARG F 56 -19.19 -7.89 15.24
N ASN F 57 -18.78 -8.42 16.39
CA ASN F 57 -19.62 -8.40 17.58
C ASN F 57 -19.85 -6.98 18.13
N ALA F 58 -18.78 -6.20 18.17
CA ALA F 58 -18.87 -4.84 18.67
C ALA F 58 -19.96 -4.04 17.99
N VAL F 59 -19.92 -3.95 16.67
CA VAL F 59 -20.93 -3.20 15.94
C VAL F 59 -22.31 -3.82 16.06
N CYS F 60 -22.39 -5.15 15.99
CA CYS F 60 -23.66 -5.83 16.11
C CYS F 60 -24.27 -5.37 17.44
N ILE F 61 -23.48 -5.51 18.50
CA ILE F 61 -23.91 -5.13 19.84
C ILE F 61 -24.22 -3.64 19.87
N PHE F 62 -23.36 -2.84 19.27
CA PHE F 62 -23.56 -1.40 19.26
C PHE F 62 -24.87 -1.08 18.54
N TYR F 63 -25.21 -1.89 17.55
CA TYR F 63 -26.43 -1.69 16.80
C TYR F 63 -27.64 -2.06 17.66
N LEU F 64 -27.52 -3.12 18.43
CA LEU F 64 -28.61 -3.56 19.29
C LEU F 64 -28.97 -2.61 20.42
N VAL F 65 -27.99 -2.07 21.14
CA VAL F 65 -28.33 -1.15 22.22
C VAL F 65 -28.97 0.10 21.64
N LEU F 66 -28.49 0.51 20.46
CA LEU F 66 -29.02 1.69 19.78
C LEU F 66 -30.43 1.48 19.30
N ARG F 67 -30.76 0.22 19.03
CA ARG F 67 -32.10 -0.10 18.56
C ARG F 67 -33.04 -0.05 19.75
N ALA F 68 -32.48 -0.35 20.92
CA ALA F 68 -33.24 -0.34 22.15
C ALA F 68 -33.55 1.11 22.54
N LEU F 69 -32.49 1.86 22.84
CA LEU F 69 -32.60 3.26 23.23
C LEU F 69 -33.47 4.06 22.27
N ASP F 70 -33.59 3.61 21.04
CA ASP F 70 -34.41 4.33 20.08
C ASP F 70 -35.85 3.92 20.25
N THR F 71 -36.06 2.62 20.49
CA THR F 71 -37.40 2.10 20.67
C THR F 71 -38.10 2.90 21.78
N LEU F 72 -37.34 3.25 22.81
CA LEU F 72 -37.88 4.03 23.90
C LEU F 72 -38.43 5.34 23.33
N GLU F 73 -37.56 6.31 23.10
CA GLU F 73 -37.97 7.60 22.54
C GLU F 73 -39.24 7.51 21.70
N ASP F 74 -39.18 6.69 20.64
CA ASP F 74 -40.30 6.49 19.73
C ASP F 74 -41.62 6.13 20.38
N ASP F 75 -41.54 5.36 21.47
CA ASP F 75 -42.72 4.90 22.20
C ASP F 75 -43.57 6.08 22.68
N MET F 76 -44.81 6.16 22.20
CA MET F 76 -45.70 7.24 22.59
C MET F 76 -46.79 6.79 23.54
N THR F 77 -46.53 5.67 24.21
CA THR F 77 -47.45 5.14 25.19
C THR F 77 -46.67 5.21 26.51
N ILE F 78 -45.70 6.12 26.52
CA ILE F 78 -44.85 6.37 27.69
C ILE F 78 -45.08 7.80 28.11
N SER F 79 -44.83 8.10 29.38
CA SER F 79 -45.00 9.46 29.88
C SER F 79 -44.01 10.36 29.15
N VAL F 80 -43.50 11.36 29.86
CA VAL F 80 -42.54 12.28 29.29
C VAL F 80 -41.63 12.63 30.45
N GLU F 81 -42.04 12.19 31.64
CA GLU F 81 -41.26 12.42 32.84
C GLU F 81 -40.68 11.10 33.32
N LYS F 82 -41.13 10.03 32.67
CA LYS F 82 -40.64 8.68 32.99
C LYS F 82 -39.76 8.28 31.81
N LYS F 83 -40.00 8.92 30.67
CA LYS F 83 -39.24 8.66 29.46
C LYS F 83 -37.89 9.37 29.51
N VAL F 84 -37.88 10.60 30.03
CA VAL F 84 -36.64 11.36 30.12
C VAL F 84 -35.56 10.65 30.94
N PRO F 85 -35.86 10.27 32.19
CA PRO F 85 -34.83 9.59 32.97
C PRO F 85 -34.34 8.32 32.28
N LEU F 86 -35.27 7.55 31.70
CA LEU F 86 -34.91 6.33 30.99
C LEU F 86 -33.91 6.69 29.90
N LEU F 87 -34.25 7.71 29.12
CA LEU F 87 -33.36 8.15 28.05
C LEU F 87 -32.06 8.63 28.68
N HIS F 88 -32.15 9.62 29.56
CA HIS F 88 -30.99 10.17 30.22
C HIS F 88 -30.11 9.10 30.84
N ASN F 89 -30.71 7.99 31.27
CA ASN F 89 -29.95 6.93 31.93
C ASN F 89 -29.72 5.65 31.13
N PHE F 90 -30.12 5.62 29.86
CA PHE F 90 -29.95 4.41 29.09
C PHE F 90 -28.57 3.83 29.24
N HIS F 91 -27.55 4.62 28.95
CA HIS F 91 -26.16 4.19 29.04
C HIS F 91 -25.81 3.46 30.35
N SER F 92 -26.45 3.86 31.44
CA SER F 92 -26.18 3.25 32.74
C SER F 92 -26.65 1.81 32.83
N PHE F 93 -27.80 1.54 32.21
CA PHE F 93 -28.39 0.20 32.22
C PHE F 93 -27.46 -0.87 31.66
N LEU F 94 -26.53 -0.47 30.81
CA LEU F 94 -25.59 -1.41 30.21
C LEU F 94 -24.68 -2.06 31.25
N TYR F 95 -24.77 -1.60 32.50
CA TYR F 95 -23.93 -2.16 33.55
C TYR F 95 -24.79 -2.71 34.70
N GLN F 96 -26.08 -2.84 34.45
CA GLN F 96 -27.05 -3.37 35.41
C GLN F 96 -27.63 -4.68 34.84
N PRO F 97 -26.95 -5.81 35.11
CA PRO F 97 -27.34 -7.14 34.64
C PRO F 97 -28.84 -7.43 34.58
N ASP F 98 -29.58 -7.06 35.63
CA ASP F 98 -31.01 -7.34 35.68
C ASP F 98 -31.92 -6.31 35.04
N TRP F 99 -31.38 -5.34 34.32
CA TRP F 99 -32.24 -4.32 33.72
C TRP F 99 -33.09 -4.83 32.55
N ARG F 100 -34.26 -4.23 32.36
CA ARG F 100 -35.16 -4.64 31.28
C ARG F 100 -36.39 -3.72 31.26
N PHE F 101 -37.14 -3.74 30.16
CA PHE F 101 -38.32 -2.90 30.02
C PHE F 101 -39.46 -3.65 29.34
N MET F 102 -40.27 -4.35 30.15
CA MET F 102 -41.40 -5.12 29.63
C MET F 102 -42.62 -4.23 29.45
N GLU F 103 -42.42 -2.94 29.21
CA GLU F 103 -43.55 -2.03 29.07
C GLU F 103 -43.73 -1.35 27.72
N SER F 104 -42.76 -1.52 26.82
CA SER F 104 -42.88 -0.90 25.51
C SER F 104 -43.86 -1.67 24.63
N LYS F 105 -44.55 -0.95 23.76
CA LYS F 105 -45.50 -1.57 22.85
C LYS F 105 -45.04 -1.39 21.41
N GLU F 106 -43.74 -1.23 21.23
CA GLU F 106 -43.15 -1.03 19.90
C GLU F 106 -42.69 -2.35 19.24
N LYS F 107 -42.67 -2.34 17.92
CA LYS F 107 -42.28 -3.49 17.10
C LYS F 107 -41.02 -4.26 17.51
N ASP F 108 -40.00 -3.54 17.96
CA ASP F 108 -38.74 -4.18 18.34
C ASP F 108 -38.55 -4.27 19.85
N ARG F 109 -39.66 -4.36 20.58
CA ARG F 109 -39.63 -4.44 22.05
C ARG F 109 -38.82 -5.60 22.61
N GLN F 110 -38.51 -6.58 21.77
CA GLN F 110 -37.73 -7.73 22.22
C GLN F 110 -36.38 -7.28 22.77
N VAL F 111 -35.79 -6.27 22.14
CA VAL F 111 -34.49 -5.74 22.57
C VAL F 111 -34.59 -5.09 23.95
N LEU F 112 -35.79 -4.63 24.29
CA LEU F 112 -36.01 -4.02 25.59
C LEU F 112 -36.36 -5.10 26.62
N GLU F 113 -37.31 -5.94 26.27
CA GLU F 113 -37.76 -7.00 27.15
C GLU F 113 -36.71 -8.06 27.45
N ASP F 114 -35.72 -8.19 26.57
CA ASP F 114 -34.65 -9.18 26.75
C ASP F 114 -33.31 -8.46 26.84
N PHE F 115 -33.34 -7.19 27.22
CA PHE F 115 -32.12 -6.39 27.30
C PHE F 115 -30.93 -7.05 28.02
N PRO F 116 -31.18 -7.88 29.05
CA PRO F 116 -30.07 -8.52 29.77
C PRO F 116 -29.18 -9.38 28.88
N THR F 117 -29.79 -10.01 27.87
CA THR F 117 -29.03 -10.86 26.95
C THR F 117 -28.05 -9.99 26.18
N ILE F 118 -28.48 -8.78 25.88
CA ILE F 118 -27.64 -7.86 25.13
C ILE F 118 -26.59 -7.20 26.03
N SER F 119 -27.00 -6.73 27.20
CA SER F 119 -26.07 -6.08 28.12
C SER F 119 -24.96 -7.05 28.51
N LEU F 120 -25.30 -8.33 28.65
CA LEU F 120 -24.31 -9.35 29.02
C LEU F 120 -23.20 -9.38 27.98
N GLU F 121 -23.59 -9.46 26.72
CA GLU F 121 -22.62 -9.50 25.63
C GLU F 121 -21.86 -8.18 25.53
N PHE F 122 -22.56 -7.07 25.69
CA PHE F 122 -21.93 -5.76 25.63
C PHE F 122 -20.79 -5.73 26.65
N ARG F 123 -21.04 -6.36 27.79
CA ARG F 123 -20.05 -6.43 28.86
C ARG F 123 -18.93 -7.42 28.53
N ASN F 124 -19.04 -8.08 27.38
CA ASN F 124 -18.03 -9.04 26.92
C ASN F 124 -17.02 -8.35 26.03
N LEU F 125 -17.43 -7.23 25.43
CA LEU F 125 -16.60 -6.44 24.54
C LEU F 125 -15.40 -5.86 25.26
N ALA F 126 -14.29 -5.71 24.56
CA ALA F 126 -13.09 -5.15 25.15
C ALA F 126 -13.49 -3.83 25.81
N GLU F 127 -12.79 -3.43 26.86
CA GLU F 127 -13.14 -2.19 27.56
C GLU F 127 -13.19 -0.99 26.62
N LYS F 128 -12.22 -0.90 25.71
CA LYS F 128 -12.18 0.21 24.77
C LYS F 128 -13.49 0.33 23.99
N TYR F 129 -14.10 -0.79 23.63
CA TYR F 129 -15.37 -0.71 22.90
C TYR F 129 -16.48 -0.20 23.80
N GLN F 130 -16.60 -0.79 24.99
CA GLN F 130 -17.63 -0.38 25.94
C GLN F 130 -17.54 1.11 26.21
N THR F 131 -16.32 1.61 26.34
CA THR F 131 -16.09 3.02 26.59
C THR F 131 -16.89 3.84 25.61
N VAL F 132 -16.58 3.65 24.32
CA VAL F 132 -17.22 4.35 23.22
C VAL F 132 -18.75 4.23 23.21
N ILE F 133 -19.24 3.03 22.98
CA ILE F 133 -20.68 2.79 22.92
C ILE F 133 -21.45 3.46 24.07
N ALA F 134 -21.05 3.19 25.30
CA ALA F 134 -21.74 3.79 26.45
C ALA F 134 -21.81 5.31 26.27
N ASP F 135 -20.65 5.92 26.02
CA ASP F 135 -20.54 7.35 25.83
C ASP F 135 -21.50 7.89 24.77
N ILE F 136 -21.59 7.18 23.66
CA ILE F 136 -22.47 7.59 22.58
C ILE F 136 -23.91 7.55 23.03
N CYS F 137 -24.28 6.49 23.73
CA CYS F 137 -25.64 6.33 24.23
C CYS F 137 -25.98 7.47 25.19
N ARG F 138 -25.02 7.81 26.06
CA ARG F 138 -25.25 8.88 27.02
C ARG F 138 -25.55 10.20 26.33
N ARG F 139 -24.58 10.67 25.55
CA ARG F 139 -24.69 11.92 24.82
C ARG F 139 -25.96 11.93 24.00
N MET F 140 -26.27 10.77 23.42
CA MET F 140 -27.44 10.57 22.58
C MET F 140 -28.73 10.79 23.37
N GLY F 141 -28.90 10.01 24.43
CA GLY F 141 -30.09 10.14 25.25
C GLY F 141 -30.37 11.60 25.57
N ILE F 142 -29.36 12.30 26.08
CA ILE F 142 -29.48 13.71 26.44
C ILE F 142 -30.09 14.52 25.30
N GLY F 143 -29.71 14.20 24.08
CA GLY F 143 -30.24 14.90 22.93
C GLY F 143 -31.64 14.46 22.62
N MET F 144 -31.89 13.16 22.74
CA MET F 144 -33.21 12.61 22.45
C MET F 144 -34.21 13.20 23.44
N ALA F 145 -33.84 13.20 24.71
CA ALA F 145 -34.69 13.73 25.76
C ALA F 145 -34.94 15.22 25.54
N GLU F 146 -33.95 15.90 24.99
CA GLU F 146 -34.08 17.33 24.74
C GLU F 146 -35.05 17.67 23.59
N PHE F 147 -35.47 16.68 22.80
CA PHE F 147 -36.36 16.99 21.68
C PHE F 147 -37.82 16.57 21.70
N LEU F 148 -38.28 15.89 22.75
CA LEU F 148 -39.70 15.50 22.79
C LEU F 148 -40.51 16.70 23.23
N ASP F 149 -39.85 17.61 23.92
CA ASP F 149 -40.47 18.83 24.42
C ASP F 149 -40.65 19.81 23.27
N LYS F 150 -39.64 19.88 22.41
CA LYS F 150 -39.65 20.78 21.26
C LYS F 150 -39.71 20.08 19.91
N HIS F 151 -39.83 20.88 18.86
CA HIS F 151 -39.87 20.39 17.49
C HIS F 151 -38.70 20.97 16.72
N VAL F 152 -38.33 20.32 15.61
CA VAL F 152 -37.24 20.82 14.79
C VAL F 152 -37.72 22.09 14.11
N THR F 153 -37.20 23.22 14.56
CA THR F 153 -37.58 24.50 14.00
C THR F 153 -36.64 24.93 12.89
N SER F 154 -35.44 25.37 13.26
CA SER F 154 -34.47 25.81 12.27
C SER F 154 -33.60 24.67 11.78
N GLU F 155 -32.90 24.92 10.68
CA GLU F 155 -32.02 23.92 10.12
C GLU F 155 -30.88 23.65 11.09
N GLN F 156 -30.16 24.69 11.52
CA GLN F 156 -29.05 24.51 12.46
C GLN F 156 -29.48 23.68 13.66
N GLU F 157 -30.78 23.43 13.75
CA GLU F 157 -31.34 22.61 14.83
C GLU F 157 -31.63 21.23 14.25
N TRP F 158 -32.10 21.21 13.01
CA TRP F 158 -32.40 19.97 12.31
C TRP F 158 -31.11 19.15 12.25
N ASP F 159 -29.98 19.86 12.27
CA ASP F 159 -28.66 19.24 12.24
C ASP F 159 -28.41 18.71 13.65
N LYS F 160 -28.88 19.48 14.62
CA LYS F 160 -28.73 19.13 16.02
C LYS F 160 -29.43 17.79 16.26
N TYR F 161 -30.70 17.71 15.87
CA TYR F 161 -31.46 16.48 16.06
C TYR F 161 -30.77 15.32 15.37
N CYS F 162 -30.61 15.44 14.04
CA CYS F 162 -29.94 14.42 13.24
C CYS F 162 -28.62 14.04 13.90
N HIS F 163 -27.96 15.02 14.50
CA HIS F 163 -26.70 14.77 15.17
C HIS F 163 -26.91 13.78 16.32
N TYR F 164 -27.94 14.05 17.11
CA TYR F 164 -28.27 13.22 18.27
C TYR F 164 -28.77 11.82 17.94
N VAL F 165 -29.45 11.66 16.81
CA VAL F 165 -30.00 10.36 16.44
C VAL F 165 -29.29 9.62 15.32
N ALA F 166 -28.25 10.22 14.73
CA ALA F 166 -27.54 9.55 13.65
C ALA F 166 -26.09 9.99 13.50
N GLY F 167 -25.84 11.28 13.70
CA GLY F 167 -24.47 11.77 13.58
C GLY F 167 -23.59 11.15 14.64
N LEU F 168 -24.14 11.03 15.85
CA LEU F 168 -23.41 10.44 16.96
C LEU F 168 -23.10 8.98 16.68
N VAL F 169 -24.02 8.31 16.00
CA VAL F 169 -23.85 6.90 15.66
C VAL F 169 -22.67 6.79 14.71
N GLY F 170 -22.55 7.77 13.81
CA GLY F 170 -21.44 7.78 12.87
C GLY F 170 -20.14 7.97 13.63
N ILE F 171 -20.14 8.89 14.58
CA ILE F 171 -18.96 9.14 15.39
C ILE F 171 -18.62 7.89 16.18
N GLY F 172 -19.63 7.27 16.80
CA GLY F 172 -19.38 6.06 17.57
C GLY F 172 -18.71 5.00 16.71
N LEU F 173 -19.33 4.66 15.59
CA LEU F 173 -18.81 3.67 14.67
C LEU F 173 -17.37 3.97 14.23
N SER F 174 -17.11 5.23 13.89
CA SER F 174 -15.78 5.65 13.46
C SER F 174 -14.76 5.34 14.57
N ARG F 175 -15.15 5.64 15.80
CA ARG F 175 -14.29 5.39 16.94
C ARG F 175 -14.02 3.90 17.14
N LEU F 176 -15.06 3.08 17.02
CA LEU F 176 -14.89 1.64 17.16
C LEU F 176 -13.96 1.16 16.05
N PHE F 177 -14.08 1.78 14.87
CA PHE F 177 -13.25 1.42 13.73
C PHE F 177 -11.77 1.64 14.05
N SER F 178 -11.44 2.82 14.55
CA SER F 178 -10.06 3.13 14.91
C SER F 178 -9.66 2.29 16.11
N ALA F 179 -10.54 2.23 17.10
CA ALA F 179 -10.28 1.44 18.28
C ALA F 179 -9.91 0.02 17.91
N SER F 180 -10.61 -0.55 16.93
CA SER F 180 -10.36 -1.92 16.49
C SER F 180 -8.98 -2.04 15.86
N GLU F 181 -8.49 -0.93 15.33
CA GLU F 181 -7.20 -0.87 14.66
C GLU F 181 -7.27 -1.46 13.25
N PHE F 182 -8.45 -1.51 12.68
CA PHE F 182 -8.59 -2.02 11.32
C PHE F 182 -8.53 -0.80 10.41
N GLU F 183 -8.67 0.36 11.04
CA GLU F 183 -8.64 1.65 10.35
C GLU F 183 -7.70 2.59 11.11
N ASP F 184 -7.02 3.46 10.36
CA ASP F 184 -6.09 4.44 10.93
C ASP F 184 -6.81 5.28 11.99
N PRO F 185 -6.09 5.73 13.02
CA PRO F 185 -6.67 6.55 14.09
C PRO F 185 -7.32 7.83 13.57
N LEU F 186 -6.94 8.23 12.37
CA LEU F 186 -7.48 9.45 11.76
C LEU F 186 -8.96 9.29 11.48
N VAL F 187 -9.36 8.07 11.14
CA VAL F 187 -10.76 7.77 10.84
C VAL F 187 -11.65 8.17 11.99
N GLY F 188 -11.31 7.67 13.18
CA GLY F 188 -12.09 7.97 14.36
C GLY F 188 -11.91 9.38 14.88
N GLU F 189 -10.77 9.99 14.58
CA GLU F 189 -10.52 11.33 15.05
C GLU F 189 -11.30 12.41 14.30
N ASP F 190 -11.69 12.11 13.05
CA ASP F 190 -12.42 13.08 12.26
C ASP F 190 -13.90 12.96 12.53
N THR F 191 -14.34 13.58 13.61
CA THR F 191 -15.73 13.54 14.02
C THR F 191 -16.69 14.31 13.11
N GLU F 192 -16.21 15.39 12.52
CA GLU F 192 -17.04 16.22 11.66
C GLU F 192 -17.60 15.48 10.43
N ARG F 193 -16.72 14.87 9.66
CA ARG F 193 -17.20 14.14 8.48
C ARG F 193 -17.92 12.89 8.95
N ALA F 194 -17.52 12.38 10.11
CA ALA F 194 -18.15 11.20 10.65
C ALA F 194 -19.60 11.59 10.92
N ASN F 195 -19.79 12.81 11.40
CA ASN F 195 -21.13 13.30 11.69
C ASN F 195 -21.96 13.43 10.41
N SER F 196 -21.35 14.02 9.38
CA SER F 196 -22.04 14.19 8.11
C SER F 196 -22.57 12.86 7.61
N MET F 197 -21.77 11.80 7.76
CA MET F 197 -22.17 10.47 7.34
C MET F 197 -23.55 10.18 7.91
N GLY F 198 -23.69 10.41 9.21
CA GLY F 198 -24.95 10.17 9.89
C GLY F 198 -26.04 11.11 9.42
N LEU F 199 -25.74 12.41 9.41
CA LEU F 199 -26.72 13.40 8.98
C LEU F 199 -27.24 13.20 7.57
N PHE F 200 -26.35 12.83 6.65
CA PHE F 200 -26.79 12.62 5.28
C PHE F 200 -27.90 11.57 5.22
N LEU F 201 -27.75 10.51 6.02
CA LEU F 201 -28.74 9.44 6.05
C LEU F 201 -30.06 9.87 6.68
N GLN F 202 -29.98 10.37 7.91
CA GLN F 202 -31.16 10.84 8.65
C GLN F 202 -32.04 11.77 7.82
N LYS F 203 -31.40 12.75 7.20
CA LYS F 203 -32.11 13.70 6.37
C LYS F 203 -32.75 12.97 5.19
N THR F 204 -32.18 11.84 4.82
CA THR F 204 -32.71 11.07 3.71
C THR F 204 -33.97 10.34 4.14
N ASN F 205 -33.89 9.53 5.18
CA ASN F 205 -35.04 8.80 5.65
C ASN F 205 -36.12 9.75 6.19
N ILE F 206 -35.70 10.91 6.68
CA ILE F 206 -36.64 11.89 7.21
C ILE F 206 -37.50 12.43 6.08
N ILE F 207 -36.87 12.64 4.94
CA ILE F 207 -37.55 13.15 3.76
C ILE F 207 -38.39 12.04 3.11
N ARG F 208 -37.80 10.87 2.90
CA ARG F 208 -38.51 9.76 2.28
C ARG F 208 -39.77 9.33 3.03
N ASP F 209 -39.70 9.37 4.35
CA ASP F 209 -40.83 8.96 5.19
C ASP F 209 -41.71 10.11 5.66
N TYR F 210 -42.18 10.94 4.73
CA TYR F 210 -43.04 12.05 5.13
C TYR F 210 -44.38 11.55 5.63
N LEU F 211 -45.06 10.74 4.82
CA LEU F 211 -46.36 10.21 5.20
C LEU F 211 -46.27 9.33 6.44
N GLU F 212 -45.45 8.29 6.35
CA GLU F 212 -45.27 7.35 7.46
C GLU F 212 -45.08 8.08 8.79
N ASP F 213 -44.26 9.13 8.78
CA ASP F 213 -43.99 9.91 9.99
C ASP F 213 -45.17 10.81 10.37
N GLN F 214 -45.97 11.19 9.37
CA GLN F 214 -47.14 12.03 9.61
C GLN F 214 -48.29 11.15 10.07
N GLN F 215 -48.45 10.00 9.41
CA GLN F 215 -49.49 9.06 9.77
C GLN F 215 -49.06 8.35 11.05
N GLY F 216 -48.21 9.04 11.81
CA GLY F 216 -47.73 8.52 13.07
C GLY F 216 -47.73 9.66 14.07
N GLY F 217 -48.21 10.82 13.61
CA GLY F 217 -48.28 11.99 14.47
C GLY F 217 -46.92 12.54 14.81
N ARG F 218 -45.91 12.17 14.02
CA ARG F 218 -44.54 12.63 14.26
C ARG F 218 -44.06 13.60 13.18
N GLU F 219 -43.49 14.72 13.61
CA GLU F 219 -42.98 15.74 12.71
C GLU F 219 -41.48 15.88 12.85
N PHE F 220 -40.76 15.70 11.77
CA PHE F 220 -39.30 15.81 11.80
C PHE F 220 -38.76 16.89 10.86
N TRP F 221 -39.51 17.18 9.79
CA TRP F 221 -39.10 18.21 8.83
C TRP F 221 -38.88 19.51 9.59
N PRO F 222 -37.91 20.33 9.15
CA PRO F 222 -37.67 21.60 9.84
C PRO F 222 -38.65 22.73 9.48
N GLN F 223 -39.19 23.35 10.52
CA GLN F 223 -40.16 24.44 10.39
C GLN F 223 -39.86 25.46 9.30
N GLU F 224 -38.92 26.36 9.59
CA GLU F 224 -38.51 27.42 8.68
C GLU F 224 -38.62 27.08 7.21
N VAL F 225 -38.54 25.80 6.87
CA VAL F 225 -38.63 25.36 5.48
C VAL F 225 -40.07 25.25 5.02
N TRP F 226 -40.79 24.25 5.54
CA TRP F 226 -42.19 24.04 5.15
C TRP F 226 -43.07 25.18 5.62
N SER F 227 -42.71 25.79 6.74
CA SER F 227 -43.50 26.90 7.28
C SER F 227 -43.73 27.96 6.21
N ARG F 228 -42.67 28.32 5.48
CA ARG F 228 -42.77 29.34 4.43
C ARG F 228 -43.52 28.79 3.22
N TYR F 229 -44.13 27.61 3.40
CA TYR F 229 -44.88 26.98 2.32
C TYR F 229 -46.35 26.80 2.68
N VAL F 230 -46.59 26.21 3.84
CA VAL F 230 -47.95 25.96 4.28
C VAL F 230 -48.06 26.19 5.78
N LYS F 231 -49.27 26.06 6.33
CA LYS F 231 -49.49 26.25 7.74
C LYS F 231 -49.39 24.91 8.45
N LYS F 232 -50.26 23.98 8.05
CA LYS F 232 -50.26 22.64 8.63
C LYS F 232 -49.15 21.86 7.95
N LEU F 233 -48.10 21.48 8.69
CA LEU F 233 -47.03 20.70 8.06
C LEU F 233 -47.66 19.50 7.37
N GLY F 234 -48.84 19.10 7.84
CA GLY F 234 -49.54 17.98 7.26
C GLY F 234 -50.24 18.32 5.96
N ASP F 235 -50.26 19.60 5.60
CA ASP F 235 -50.91 20.03 4.36
C ASP F 235 -50.34 19.36 3.13
N PHE F 236 -49.05 19.05 3.15
CA PHE F 236 -48.42 18.40 2.01
C PHE F 236 -49.09 17.06 1.69
N ALA F 237 -49.90 16.56 2.63
CA ALA F 237 -50.61 15.31 2.43
C ALA F 237 -51.95 15.62 1.73
N LEU F 238 -52.19 16.90 1.48
CA LEU F 238 -53.41 17.38 0.83
C LEU F 238 -53.15 17.65 -0.66
N PRO F 239 -53.90 16.97 -1.54
CA PRO F 239 -53.81 17.09 -3.01
C PRO F 239 -54.02 18.49 -3.56
N GLU F 240 -54.17 19.47 -2.67
CA GLU F 240 -54.41 20.83 -3.08
C GLU F 240 -53.17 21.71 -3.08
N ASN F 241 -52.05 21.16 -2.61
CA ASN F 241 -50.79 21.88 -2.55
C ASN F 241 -49.62 20.95 -2.88
N ILE F 242 -49.88 19.95 -3.72
CA ILE F 242 -48.88 18.97 -4.12
C ILE F 242 -47.58 19.64 -4.55
N ASP F 243 -47.71 20.80 -5.20
CA ASP F 243 -46.54 21.55 -5.64
C ASP F 243 -45.75 21.93 -4.41
N LEU F 244 -46.31 22.87 -3.65
CA LEU F 244 -45.72 23.39 -2.43
C LEU F 244 -45.05 22.28 -1.61
N ALA F 245 -45.55 21.05 -1.76
CA ALA F 245 -45.01 19.92 -1.04
C ALA F 245 -43.72 19.48 -1.70
N VAL F 246 -43.72 19.44 -3.03
CA VAL F 246 -42.56 19.05 -3.80
C VAL F 246 -41.43 20.07 -3.69
N GLN F 247 -41.75 21.34 -3.85
CA GLN F 247 -40.75 22.41 -3.76
C GLN F 247 -40.04 22.40 -2.41
N CYS F 248 -40.78 22.10 -1.35
CA CYS F 248 -40.20 22.03 -0.01
C CYS F 248 -39.29 20.80 -0.02
N LEU F 249 -39.84 19.69 -0.51
CA LEU F 249 -39.13 18.42 -0.65
C LEU F 249 -37.78 18.68 -1.32
N ASN F 250 -37.84 19.39 -2.45
CA ASN F 250 -36.65 19.75 -3.22
C ASN F 250 -35.72 20.60 -2.38
N GLU F 251 -36.30 21.59 -1.72
CA GLU F 251 -35.54 22.49 -0.87
C GLU F 251 -34.72 21.72 0.16
N LEU F 252 -35.33 20.71 0.75
CA LEU F 252 -34.68 19.88 1.77
C LEU F 252 -33.60 18.98 1.20
N ILE F 253 -33.93 18.32 0.09
CA ILE F 253 -32.98 17.46 -0.59
C ILE F 253 -31.72 18.32 -0.83
N THR F 254 -31.91 19.49 -1.43
CA THR F 254 -30.81 20.42 -1.69
C THR F 254 -29.97 20.67 -0.43
N ASN F 255 -30.63 20.71 0.73
CA ASN F 255 -29.93 20.92 1.99
C ASN F 255 -29.08 19.67 2.28
N ALA F 256 -29.64 18.52 1.95
CA ALA F 256 -28.98 17.24 2.18
C ALA F 256 -27.79 17.02 1.26
N LEU F 257 -27.93 17.32 -0.02
CA LEU F 257 -26.83 17.11 -0.97
C LEU F 257 -25.59 17.81 -0.46
N HIS F 258 -25.76 18.83 0.35
CA HIS F 258 -24.62 19.56 0.88
C HIS F 258 -23.70 18.74 1.79
N HIS F 259 -24.03 17.48 2.03
CA HIS F 259 -23.19 16.63 2.89
C HIS F 259 -22.32 15.64 2.11
N ILE F 260 -22.65 15.43 0.84
CA ILE F 260 -21.90 14.49 0.03
C ILE F 260 -20.39 14.68 0.07
N PRO F 261 -19.90 15.92 -0.09
CA PRO F 261 -18.43 16.11 -0.05
C PRO F 261 -17.81 15.43 1.16
N ASP F 262 -18.40 15.62 2.34
CA ASP F 262 -17.88 14.98 3.54
C ASP F 262 -17.98 13.46 3.41
N VAL F 263 -19.07 12.98 2.82
CA VAL F 263 -19.24 11.54 2.64
C VAL F 263 -18.17 11.00 1.73
N ILE F 264 -17.96 11.64 0.58
CA ILE F 264 -16.92 11.16 -0.33
C ILE F 264 -15.57 11.19 0.38
N THR F 265 -15.29 12.27 1.11
CA THR F 265 -14.00 12.38 1.80
C THR F 265 -13.88 11.28 2.85
N TYR F 266 -14.88 11.16 3.72
CA TYR F 266 -14.85 10.13 4.73
C TYR F 266 -14.52 8.75 4.14
N LEU F 267 -15.30 8.31 3.16
CA LEU F 267 -15.06 7.01 2.55
C LEU F 267 -13.65 6.90 1.95
N SER F 268 -13.13 8.02 1.47
CA SER F 268 -11.79 8.07 0.87
C SER F 268 -10.71 7.75 1.87
N ARG F 269 -11.04 7.85 3.15
CA ARG F 269 -10.05 7.60 4.17
C ARG F 269 -9.98 6.15 4.63
N LEU F 270 -11.01 5.37 4.34
CA LEU F 270 -11.04 3.97 4.77
C LEU F 270 -10.07 3.04 4.05
N ARG F 271 -9.43 2.15 4.81
CA ARG F 271 -8.46 1.19 4.26
C ARG F 271 -8.89 -0.27 4.38
N ASN F 272 -9.89 -0.54 5.22
CA ASN F 272 -10.38 -1.92 5.41
C ASN F 272 -11.61 -2.23 4.56
N GLN F 273 -11.50 -3.29 3.76
CA GLN F 273 -12.58 -3.69 2.88
C GLN F 273 -13.92 -3.87 3.55
N SER F 274 -13.98 -4.70 4.59
CA SER F 274 -15.24 -4.93 5.27
C SER F 274 -15.81 -3.63 5.84
N VAL F 275 -14.96 -2.75 6.34
CA VAL F 275 -15.39 -1.46 6.88
C VAL F 275 -15.92 -0.57 5.77
N PHE F 276 -15.30 -0.65 4.60
CA PHE F 276 -15.71 0.16 3.46
C PHE F 276 -17.09 -0.24 2.95
N ASN F 277 -17.31 -1.54 2.81
CA ASN F 277 -18.59 -2.06 2.33
C ASN F 277 -19.70 -1.61 3.28
N PHE F 278 -19.41 -1.68 4.56
CA PHE F 278 -20.35 -1.29 5.59
C PHE F 278 -20.70 0.18 5.50
N CYS F 279 -19.70 1.03 5.29
CA CYS F 279 -19.96 2.46 5.21
C CYS F 279 -20.53 2.93 3.88
N ALA F 280 -19.89 2.51 2.78
CA ALA F 280 -20.27 2.91 1.44
C ALA F 280 -21.71 2.57 0.96
N ILE F 281 -22.12 1.32 1.14
CA ILE F 281 -23.45 0.89 0.72
C ILE F 281 -24.58 1.75 1.27
N PRO F 282 -24.65 1.91 2.61
CA PRO F 282 -25.74 2.75 3.12
C PRO F 282 -25.77 4.04 2.33
N GLN F 283 -24.67 4.78 2.40
CA GLN F 283 -24.54 6.04 1.68
C GLN F 283 -25.03 5.96 0.23
N VAL F 284 -24.59 4.95 -0.52
CA VAL F 284 -25.00 4.79 -1.90
C VAL F 284 -26.53 4.66 -2.04
N MET F 285 -27.15 3.96 -1.11
CA MET F 285 -28.59 3.78 -1.17
C MET F 285 -29.31 5.08 -0.81
N ALA F 286 -28.71 5.87 0.08
CA ALA F 286 -29.31 7.14 0.46
C ALA F 286 -29.41 8.02 -0.77
N ILE F 287 -28.26 8.23 -1.41
CA ILE F 287 -28.18 9.05 -2.62
C ILE F 287 -29.14 8.48 -3.66
N ALA F 288 -29.34 7.17 -3.62
CA ALA F 288 -30.24 6.50 -4.56
C ALA F 288 -31.63 7.04 -4.27
N THR F 289 -31.99 7.02 -2.98
CA THR F 289 -33.29 7.49 -2.53
C THR F 289 -33.51 8.97 -2.85
N LEU F 290 -32.54 9.82 -2.48
CA LEU F 290 -32.65 11.25 -2.75
C LEU F 290 -33.00 11.55 -4.21
N ALA F 291 -32.29 10.91 -5.12
CA ALA F 291 -32.53 11.10 -6.55
C ALA F 291 -33.88 10.48 -6.88
N ALA F 292 -34.22 9.41 -6.19
CA ALA F 292 -35.48 8.72 -6.42
C ALA F 292 -36.66 9.61 -6.07
N CYS F 293 -36.50 10.38 -4.99
CA CYS F 293 -37.55 11.26 -4.51
C CYS F 293 -37.48 12.70 -5.01
N TYR F 294 -36.37 13.09 -5.63
CA TYR F 294 -36.26 14.47 -6.08
C TYR F 294 -37.35 14.87 -7.05
N ASN F 295 -38.03 15.96 -6.71
CA ASN F 295 -39.10 16.47 -7.55
C ASN F 295 -40.02 15.33 -7.97
N ASN F 296 -40.49 14.61 -6.96
CA ASN F 296 -41.38 13.46 -7.13
C ASN F 296 -42.52 13.63 -6.11
N GLN F 297 -43.75 13.68 -6.61
CA GLN F 297 -44.90 13.87 -5.74
C GLN F 297 -45.37 12.57 -5.11
N GLN F 298 -45.01 11.44 -5.73
CA GLN F 298 -45.43 10.16 -5.19
C GLN F 298 -44.80 9.90 -3.82
N VAL F 299 -44.32 10.96 -3.17
CA VAL F 299 -43.71 10.84 -1.85
C VAL F 299 -44.75 11.10 -0.77
N PHE F 300 -45.74 11.93 -1.11
CA PHE F 300 -46.81 12.30 -0.19
C PHE F 300 -48.08 11.50 -0.50
N LYS F 301 -47.91 10.25 -0.92
CA LYS F 301 -49.05 9.40 -1.26
C LYS F 301 -48.72 7.92 -1.17
N GLY F 302 -47.45 7.62 -0.88
CA GLY F 302 -47.03 6.24 -0.77
C GLY F 302 -45.54 6.12 -0.58
N ALA F 303 -45.04 4.89 -0.60
CA ALA F 303 -43.61 4.64 -0.43
C ALA F 303 -42.92 4.75 -1.78
N VAL F 304 -41.85 5.53 -1.82
CA VAL F 304 -41.09 5.69 -3.05
C VAL F 304 -39.92 4.72 -2.91
N LEU F 305 -39.66 3.95 -3.95
CA LEU F 305 -38.56 3.00 -3.90
C LEU F 305 -37.57 3.23 -5.05
N ILE F 306 -36.32 2.85 -4.83
CA ILE F 306 -35.22 3.01 -5.77
C ILE F 306 -35.43 2.38 -7.17
N ARG F 307 -35.16 3.17 -8.21
CA ARG F 307 -35.29 2.70 -9.60
C ARG F 307 -34.01 1.91 -9.95
N LEU F 308 -33.43 2.18 -11.12
CA LEU F 308 -32.20 1.52 -11.56
C LEU F 308 -31.14 2.57 -11.91
N GLY F 309 -29.92 2.12 -12.16
CA GLY F 309 -28.85 3.05 -12.51
C GLY F 309 -28.44 2.95 -13.97
N GLN F 310 -27.83 4.01 -14.49
CA GLN F 310 -27.38 4.08 -15.88
C GLN F 310 -26.52 2.88 -16.27
N ALA F 311 -26.05 2.88 -17.51
CA ALA F 311 -25.22 1.80 -18.04
C ALA F 311 -24.02 1.48 -17.14
N VAL F 312 -23.14 2.46 -16.98
CA VAL F 312 -21.92 2.32 -16.18
C VAL F 312 -22.08 1.67 -14.79
N THR F 313 -23.14 2.00 -14.07
CA THR F 313 -23.35 1.47 -12.72
C THR F 313 -23.53 -0.04 -12.60
N LEU F 314 -24.33 -0.65 -13.48
CA LEU F 314 -24.54 -2.11 -13.41
C LEU F 314 -23.25 -2.87 -13.66
N MET F 315 -22.16 -2.12 -13.73
CA MET F 315 -20.82 -2.66 -13.93
C MET F 315 -20.00 -2.18 -12.74
N MET F 316 -20.68 -1.66 -11.74
CA MET F 316 -20.02 -1.13 -10.55
C MET F 316 -20.71 -1.43 -9.22
N ASP F 317 -20.15 -2.36 -8.47
CA ASP F 317 -20.67 -2.69 -7.15
C ASP F 317 -20.03 -1.61 -6.27
N ALA F 318 -20.69 -1.20 -5.20
CA ALA F 318 -20.16 -0.16 -4.34
C ALA F 318 -19.04 -0.61 -3.40
N THR F 319 -18.03 -1.30 -3.91
CA THR F 319 -16.93 -1.78 -3.05
C THR F 319 -15.54 -1.15 -3.17
N ASN F 320 -15.35 -0.20 -4.07
CA ASN F 320 -14.06 0.48 -4.18
C ASN F 320 -14.43 1.95 -4.33
N MET F 321 -13.56 2.85 -3.89
CA MET F 321 -13.90 4.27 -3.94
C MET F 321 -14.19 4.87 -5.33
N PRO F 322 -13.35 4.59 -6.33
CA PRO F 322 -13.64 5.16 -7.66
C PRO F 322 -15.02 4.75 -8.14
N ALA F 323 -15.40 3.50 -7.85
CA ALA F 323 -16.70 2.97 -8.25
C ALA F 323 -17.80 3.77 -7.56
N VAL F 324 -17.74 3.84 -6.24
CA VAL F 324 -18.71 4.59 -5.46
C VAL F 324 -18.83 6.01 -6.02
N LYS F 325 -17.70 6.62 -6.36
CA LYS F 325 -17.74 7.98 -6.91
C LYS F 325 -18.54 7.99 -8.22
N ALA F 326 -18.30 7.02 -9.09
CA ALA F 326 -19.04 6.95 -10.34
C ALA F 326 -20.54 6.95 -10.03
N ILE F 327 -20.94 6.05 -9.13
CA ILE F 327 -22.32 5.93 -8.73
C ILE F 327 -22.90 7.25 -8.18
N ILE F 328 -22.22 7.87 -7.22
CA ILE F 328 -22.73 9.12 -6.68
C ILE F 328 -22.86 10.16 -7.78
N TYR F 329 -21.79 10.36 -8.54
CA TYR F 329 -21.82 11.35 -9.61
C TYR F 329 -22.91 11.08 -10.62
N GLN F 330 -23.33 9.82 -10.74
CA GLN F 330 -24.38 9.47 -11.67
C GLN F 330 -25.73 9.93 -11.11
N TYR F 331 -25.98 9.63 -9.83
CA TYR F 331 -27.22 10.05 -9.21
C TYR F 331 -27.31 11.56 -9.13
N MET F 332 -26.17 12.21 -8.89
CA MET F 332 -26.16 13.67 -8.83
C MET F 332 -26.64 14.18 -10.17
N GLU F 333 -26.28 13.44 -11.22
CA GLU F 333 -26.64 13.82 -12.57
C GLU F 333 -28.12 13.60 -12.85
N GLU F 334 -28.68 12.46 -12.41
CA GLU F 334 -30.09 12.20 -12.63
C GLU F 334 -30.92 13.33 -12.05
N ILE F 335 -30.51 13.81 -10.87
CA ILE F 335 -31.22 14.90 -10.22
C ILE F 335 -31.07 16.18 -11.03
N TYR F 336 -29.84 16.48 -11.43
CA TYR F 336 -29.54 17.69 -12.19
C TYR F 336 -30.43 17.81 -13.41
N HIS F 337 -30.53 16.71 -14.15
CA HIS F 337 -31.34 16.66 -15.36
C HIS F 337 -32.81 16.98 -15.12
N ARG F 338 -33.29 16.71 -13.91
CA ARG F 338 -34.70 16.96 -13.59
C ARG F 338 -34.97 18.20 -12.75
N ILE F 339 -34.00 19.10 -12.65
CA ILE F 339 -34.21 20.31 -11.86
C ILE F 339 -35.07 21.27 -12.69
N PRO F 340 -36.26 21.63 -12.19
CA PRO F 340 -37.15 22.54 -12.90
C PRO F 340 -36.70 23.97 -12.70
N ASP F 341 -36.79 24.79 -13.75
CA ASP F 341 -36.42 26.19 -13.61
C ASP F 341 -37.53 26.78 -12.74
N SER F 342 -38.65 26.06 -12.72
CA SER F 342 -39.81 26.46 -11.96
C SER F 342 -39.50 26.51 -10.47
N ASN F 343 -39.12 25.36 -9.93
CA ASN F 343 -38.83 25.23 -8.50
C ASN F 343 -37.94 26.35 -8.00
N PRO F 344 -38.28 26.87 -6.81
CA PRO F 344 -37.53 27.97 -6.19
C PRO F 344 -36.09 27.63 -5.81
N SER F 345 -35.94 26.47 -5.18
CA SER F 345 -34.65 26.01 -4.71
C SER F 345 -33.71 25.57 -5.81
N SER F 346 -34.15 25.62 -7.07
CA SER F 346 -33.24 25.22 -8.15
C SER F 346 -32.09 26.20 -8.04
N SER F 347 -31.14 26.15 -8.95
CA SER F 347 -30.01 27.09 -8.86
C SER F 347 -29.13 26.72 -7.68
N LYS F 348 -29.76 26.45 -6.54
CA LYS F 348 -29.02 26.04 -5.36
C LYS F 348 -28.69 24.59 -5.65
N THR F 349 -29.70 23.85 -6.12
CA THR F 349 -29.54 22.44 -6.45
C THR F 349 -28.43 22.34 -7.51
N ARG F 350 -28.41 23.29 -8.43
CA ARG F 350 -27.40 23.30 -9.47
C ARG F 350 -26.06 23.71 -8.88
N GLN F 351 -26.10 24.77 -8.07
CA GLN F 351 -24.93 25.32 -7.43
C GLN F 351 -24.16 24.24 -6.66
N ILE F 352 -24.87 23.49 -5.83
CA ILE F 352 -24.25 22.44 -5.03
C ILE F 352 -23.80 21.24 -5.87
N ILE F 353 -24.62 20.83 -6.83
CA ILE F 353 -24.28 19.69 -7.67
C ILE F 353 -23.02 19.89 -8.52
N SER F 354 -22.81 21.09 -9.05
CA SER F 354 -21.63 21.37 -9.85
C SER F 354 -20.38 21.35 -8.96
N THR F 355 -20.59 21.64 -7.68
CA THR F 355 -19.52 21.65 -6.70
C THR F 355 -19.06 20.23 -6.42
N ILE F 356 -19.99 19.29 -6.51
CA ILE F 356 -19.69 17.88 -6.28
C ILE F 356 -18.96 17.33 -7.49
N ARG F 357 -19.30 17.85 -8.66
CA ARG F 357 -18.67 17.43 -9.92
C ARG F 357 -17.18 17.67 -9.92
N THR F 358 -16.74 18.62 -9.11
CA THR F 358 -15.33 18.96 -9.04
C THR F 358 -14.80 18.76 -7.61
N GLN F 359 -14.60 17.49 -7.24
CA GLN F 359 -14.10 17.11 -5.92
C GLN F 359 -12.68 16.53 -6.02
NAA RWY G . 29.94 -9.73 -11.29
CAB RWY G . 29.60 -8.78 -11.80
CAC RWY G . 21.06 -2.26 -7.68
CAD RWY G . 20.14 -2.42 -8.70
CAE RWY G . 22.32 -2.86 -7.78
CAF RWY G . 20.48 -3.14 -9.85
CAG RWY G . 22.65 -3.58 -8.91
CAH RWY G . 25.19 -4.53 -13.16
CAI RWY G . 25.76 -4.58 -10.82
CAJ RWY G . 23.85 -4.39 -12.81
CAK RWY G . 24.42 -4.43 -10.49
CAL RWY G . 28.31 -4.97 -11.37
CAM RWY G . 28.48 -6.46 -11.09
OAN RWY G . 27.46 -4.79 -12.51
OAO RWY G . 22.14 -4.03 -11.23
SAP RWY G . 29.11 -7.39 -12.54
CAQ RWY G . 26.15 -4.64 -12.15
CAR RWY G . 21.75 -3.68 -9.98
CAS RWY G . 23.45 -4.35 -11.48
NAA RWY H . 11.94 30.79 3.50
CAB RWY H . 11.48 30.81 4.54
CAC RWY H . 9.34 20.85 9.04
CAD RWY H . 7.99 20.83 9.34
CAE RWY H . 9.88 21.94 8.35
CAF RWY H . 7.18 21.92 8.99
CAG RWY H . 9.06 23.01 8.01
CAH RWY H . 7.74 27.76 8.92
CAI RWY H . 9.73 26.69 8.14
CAJ RWY H . 7.06 26.55 8.83
CAK RWY H . 9.05 25.49 8.06
CAL RWY H . 11.05 28.95 8.12
CAM RWY H . 11.26 29.17 6.62
OAN RWY H . 9.67 29.06 8.46
OAO RWY H . 7.05 24.21 8.54
SAP RWY H . 10.82 30.85 6.04
CAQ RWY H . 9.08 27.84 8.57
CAR RWY H . 7.72 23.04 8.38
CAS RWY H . 7.71 25.40 8.41
NAA RWY I . -14.78 11.99 -27.65
CAB RWY I . -14.40 11.09 -28.23
CAC RWY I . -10.59 2.62 -21.98
CAD RWY I . -9.25 2.66 -22.30
CAE RWY I . -11.49 3.46 -22.63
CAF RWY I . -8.79 3.49 -23.31
CAG RWY I . -11.02 4.30 -23.63
CAH RWY I . -10.57 6.11 -28.32
CAI RWY I . -12.38 5.99 -26.74
CAJ RWY I . -9.69 5.67 -27.34
CAK RWY I . -11.50 5.52 -25.78
CAL RWY I . -14.07 7.05 -28.47
CAM RWY I . -14.24 8.45 -27.90
OAN RWY I . -12.73 6.89 -28.95
OAO RWY I . -9.25 4.82 -25.19
SAP RWY I . -13.85 9.79 -29.08
CAQ RWY I . -11.92 6.31 -28.02
CAR RWY I . -9.68 4.30 -24.01
CAS RWY I . -10.14 5.38 -26.06
NAA RWY J . -14.53 -31.67 -13.60
CAB RWY J . -14.88 -31.77 -12.52
CAC RWY J . -14.91 -22.96 -5.45
CAD RWY J . -14.10 -23.33 -4.39
CAE RWY J . -14.91 -23.74 -6.61
CAF RWY J . -13.33 -24.49 -4.46
CAG RWY J . -14.16 -24.90 -6.66
CAH RWY J . -14.32 -29.88 -6.42
CAI RWY J . -15.15 -28.23 -7.96
CAJ RWY J . -13.57 -28.89 -5.78
CAK RWY J . -14.39 -27.26 -7.31
CAL RWY J . -16.55 -30.01 -9.27
CAM RWY J . -15.77 -30.18 -10.57
OAN RWY J . -15.78 -30.54 -8.17
OAO RWY J . -13.11 -26.64 -5.36
SAP RWY J . -15.37 -31.93 -10.97
CAQ RWY J . -15.11 -29.55 -7.52
CAR RWY J . -13.40 -25.32 -5.57
CAS RWY J . -13.61 -27.57 -6.21
#